data_6G1M
#
_entry.id   6G1M
#
_cell.length_a   140.113
_cell.length_b   83.642
_cell.length_c   125.712
_cell.angle_alpha   90.00
_cell.angle_beta   94.28
_cell.angle_gamma   90.00
#
_symmetry.space_group_name_H-M   'C 1 2 1'
#
loop_
_entity.id
_entity.type
_entity.pdbx_description
1 polymer 'Dihydrodipicolinate reductase'
2 non-polymer NICOTINAMIDE-ADENINE-DINUCLEOTIDE
3 non-polymer 'PHOSPHATE ION'
4 water water
#
_entity_poly.entity_id   1
_entity_poly.type   'polypeptide(L)'
_entity_poly.pdbx_seq_one_letter_code
;SYKVGIWGFGAMGSGIAKNILSKKNLKLVGVHDFREEYIEKDVGELLGLGKIGIKVYPDPITMVKQTDPDLVVIATNSFI
SVVKDQIISILKENKNVITIAEEMAFPFSKDPKAANEIDTVAKDHNVSVLGTGVNPGFVLDTLIITLTGICLNVQRIKAA
RINDLSPFGPTVMETQGVGTTPEEFKQGIKSGKIVGHIGFEQSIHMIAKALGWEIDRIEQKREPIISNVMRETKYVKVQP
GMVAGCNHTAKAFYKNELLIELEHPQQVLPHLENVQTGDYITIQGDPDISMGINPEIPGGKGTIAIATNMIPSVVEARPG
LLTMVDLPIPRALLAEVH
;
_entity_poly.pdbx_strand_id   A,B,C,D
#
loop_
_chem_comp.id
_chem_comp.type
_chem_comp.name
_chem_comp.formula
NAD non-polymer NICOTINAMIDE-ADENINE-DINUCLEOTIDE 'C21 H27 N7 O14 P2'
PO4 non-polymer 'PHOSPHATE ION' 'O4 P -3'
#
# COMPACT_ATOMS: atom_id res chain seq x y z
N SER A 1 -4.36 2.21 -38.05
CA SER A 1 -4.70 3.58 -37.87
C SER A 1 -5.66 3.86 -36.74
N TYR A 2 -5.81 5.13 -36.42
CA TYR A 2 -6.75 5.58 -35.44
C TYR A 2 -7.56 6.70 -36.09
N LYS A 3 -8.84 6.72 -35.77
CA LYS A 3 -9.77 7.67 -36.30
C LYS A 3 -9.93 8.77 -35.33
N VAL A 4 -9.89 9.99 -35.84
CA VAL A 4 -9.95 11.16 -34.99
C VAL A 4 -11.01 12.16 -35.43
N GLY A 5 -11.69 12.75 -34.46
CA GLY A 5 -12.58 13.85 -34.67
C GLY A 5 -12.03 15.12 -34.02
N ILE A 6 -12.45 16.28 -34.52
CA ILE A 6 -12.09 17.56 -33.91
C ILE A 6 -13.35 18.33 -33.49
N TRP A 7 -13.32 18.92 -32.30
CA TRP A 7 -14.44 19.74 -31.79
C TRP A 7 -14.31 21.29 -31.97
N GLY A 8 -13.15 21.91 -31.79
CA GLY A 8 -12.99 23.33 -32.08
C GLY A 8 -12.01 23.49 -33.23
N PHE A 9 -12.43 24.21 -34.28
CA PHE A 9 -11.64 24.35 -35.52
C PHE A 9 -11.10 25.79 -35.63
N GLY A 10 -10.42 26.23 -34.58
CA GLY A 10 -9.81 27.55 -34.52
C GLY A 10 -8.37 27.45 -34.99
N ALA A 11 -7.50 28.32 -34.44
CA ALA A 11 -6.09 28.28 -34.86
C ALA A 11 -5.49 26.90 -34.58
N MET A 12 -5.83 26.32 -33.42
CA MET A 12 -5.21 25.08 -33.00
C MET A 12 -5.94 23.90 -33.63
N GLY A 13 -7.27 23.88 -33.54
CA GLY A 13 -8.04 22.79 -34.10
C GLY A 13 -7.80 22.58 -35.58
N SER A 14 -7.73 23.65 -36.33
CA SER A 14 -7.46 23.57 -37.75
C SER A 14 -6.03 23.11 -38.05
N GLY A 15 -5.05 23.62 -37.31
CA GLY A 15 -3.65 23.15 -37.47
C GLY A 15 -3.55 21.65 -37.16
N ILE A 16 -4.23 21.25 -36.10
CA ILE A 16 -4.29 19.83 -35.70
C ILE A 16 -4.95 18.97 -36.83
N ALA A 17 -6.05 19.44 -37.40
CA ALA A 17 -6.69 18.73 -38.51
C ALA A 17 -5.71 18.49 -39.66
N LYS A 18 -5.06 19.57 -40.07
CA LYS A 18 -4.07 19.54 -41.13
C LYS A 18 -2.93 18.63 -40.77
N ASN A 19 -2.45 18.70 -39.53
CA ASN A 19 -1.40 17.77 -39.10
C ASN A 19 -1.91 16.30 -39.13
N ILE A 20 -3.15 16.05 -38.68
CA ILE A 20 -3.67 14.67 -38.71
C ILE A 20 -3.62 14.17 -40.15
N LEU A 21 -4.15 14.96 -41.08
CA LEU A 21 -4.15 14.60 -42.52
C LEU A 21 -2.78 14.23 -43.09
N SER A 22 -1.70 14.73 -42.50
CA SER A 22 -0.33 14.38 -42.92
C SER A 22 0.16 13.01 -42.40
N LYS A 23 -0.50 12.42 -41.42
CA LYS A 23 0.04 11.23 -40.72
C LYS A 23 -0.34 9.90 -41.35
N LYS A 24 0.61 9.00 -41.39
CA LYS A 24 0.36 7.72 -41.98
C LYS A 24 -0.61 6.87 -41.19
N ASN A 25 -0.57 6.89 -39.88
CA ASN A 25 -1.44 6.04 -39.11
C ASN A 25 -2.54 6.69 -38.33
N LEU A 26 -2.99 7.80 -38.84
CA LEU A 26 -4.13 8.47 -38.28
C LEU A 26 -5.06 8.83 -39.40
N LYS A 27 -6.31 9.01 -39.11
CA LYS A 27 -7.24 9.43 -40.12
C LYS A 27 -8.18 10.47 -39.58
N LEU A 28 -8.29 11.59 -40.26
CA LEU A 28 -9.22 12.62 -39.85
C LEU A 28 -10.59 12.19 -40.36
N VAL A 29 -11.57 12.11 -39.46
CA VAL A 29 -12.87 11.51 -39.84
C VAL A 29 -14.03 12.52 -39.73
N GLY A 30 -13.97 13.44 -38.77
CA GLY A 30 -14.90 14.57 -38.73
C GLY A 30 -14.48 15.78 -37.88
N VAL A 31 -15.17 16.88 -38.09
CA VAL A 31 -14.90 18.14 -37.44
C VAL A 31 -16.24 18.81 -37.11
N HIS A 32 -16.32 19.39 -35.92
CA HIS A 32 -17.47 20.18 -35.51
C HIS A 32 -16.96 21.52 -34.99
N ASP A 33 -17.64 22.60 -35.38
CA ASP A 33 -17.43 23.94 -34.80
C ASP A 33 -18.79 24.62 -34.73
N PHE A 34 -19.00 25.54 -33.80
CA PHE A 34 -20.28 26.22 -33.66
C PHE A 34 -20.36 27.58 -34.39
N ARG A 35 -19.36 27.91 -35.20
CA ARG A 35 -19.34 29.17 -35.96
C ARG A 35 -20.12 28.94 -37.24
N GLU A 36 -21.11 29.81 -37.48
CA GLU A 36 -21.95 29.76 -38.68
C GLU A 36 -21.13 29.73 -39.96
N GLU A 37 -20.05 30.52 -39.99
CA GLU A 37 -19.17 30.61 -41.17
C GLU A 37 -18.50 29.30 -41.59
N TYR A 38 -18.40 28.32 -40.67
CA TYR A 38 -17.79 27.01 -40.96
C TYR A 38 -18.76 25.86 -41.22
N ILE A 39 -19.89 25.87 -40.53
CA ILE A 39 -20.84 24.73 -40.54
C ILE A 39 -21.21 24.34 -41.98
N GLU A 40 -21.19 23.05 -42.26
CA GLU A 40 -21.45 22.44 -43.60
C GLU A 40 -20.40 22.66 -44.68
N LYS A 41 -19.34 23.41 -44.41
CA LYS A 41 -18.26 23.57 -45.39
C LYS A 41 -17.32 22.38 -45.37
N ASP A 42 -16.61 22.19 -46.46
CA ASP A 42 -15.58 21.15 -46.54
C ASP A 42 -14.31 21.57 -45.76
N VAL A 43 -13.80 20.67 -44.90
CA VAL A 43 -12.61 20.96 -44.07
C VAL A 43 -11.39 21.22 -44.94
N GLY A 44 -11.26 20.47 -46.03
CA GLY A 44 -10.17 20.66 -46.98
C GLY A 44 -10.19 22.00 -47.71
N GLU A 45 -11.38 22.51 -47.99
CA GLU A 45 -11.49 23.83 -48.62
C GLU A 45 -11.15 24.92 -47.60
N LEU A 46 -11.64 24.75 -46.36
CA LEU A 46 -11.34 25.67 -45.27
C LEU A 46 -9.83 25.74 -44.93
N LEU A 47 -9.08 24.67 -45.15
CA LEU A 47 -7.62 24.64 -44.94
C LEU A 47 -6.80 25.01 -46.19
N GLY A 48 -7.46 25.33 -47.30
CA GLY A 48 -6.80 25.58 -48.60
C GLY A 48 -6.25 24.38 -49.33
N LEU A 49 -6.82 23.19 -49.13
CA LEU A 49 -6.34 21.94 -49.77
C LEU A 49 -7.32 21.44 -50.84
N GLY A 50 -8.34 22.25 -51.18
CA GLY A 50 -9.47 21.74 -51.98
C GLY A 50 -10.26 20.67 -51.25
N LYS A 51 -11.36 20.26 -51.86
CA LYS A 51 -12.33 19.38 -51.19
C LYS A 51 -11.76 17.97 -50.91
N ILE A 52 -12.00 17.52 -49.68
CA ILE A 52 -11.51 16.27 -49.12
C ILE A 52 -12.70 15.35 -48.75
N GLY A 53 -13.92 15.86 -48.89
CA GLY A 53 -15.13 15.12 -48.53
C GLY A 53 -15.33 14.93 -47.04
N ILE A 54 -14.97 15.94 -46.25
CA ILE A 54 -15.21 15.95 -44.80
C ILE A 54 -15.92 17.27 -44.50
N LYS A 55 -17.20 17.20 -44.12
CA LYS A 55 -17.99 18.40 -43.79
C LYS A 55 -17.85 18.75 -42.31
N VAL A 56 -17.97 20.04 -42.00
CA VAL A 56 -18.05 20.47 -40.61
C VAL A 56 -19.49 20.20 -40.10
N TYR A 57 -19.60 19.41 -39.04
CA TYR A 57 -20.90 19.05 -38.51
C TYR A 57 -21.39 20.16 -37.59
N PRO A 58 -22.71 20.42 -37.61
CA PRO A 58 -23.29 21.34 -36.64
C PRO A 58 -23.38 20.85 -35.21
N ASP A 59 -23.34 19.53 -35.00
CA ASP A 59 -23.50 18.96 -33.66
C ASP A 59 -22.34 18.00 -33.40
N PRO A 60 -21.69 18.11 -32.22
CA PRO A 60 -20.58 17.20 -31.91
C PRO A 60 -20.99 15.72 -31.82
N ILE A 61 -22.11 15.47 -31.14
CA ILE A 61 -22.64 14.12 -30.95
C ILE A 61 -23.00 13.47 -32.31
N THR A 62 -23.64 14.24 -33.19
CA THR A 62 -23.93 13.73 -34.54
C THR A 62 -22.65 13.40 -35.29
N MET A 63 -21.63 14.26 -35.18
CA MET A 63 -20.31 14.00 -35.81
C MET A 63 -19.71 12.65 -35.38
N VAL A 64 -19.71 12.38 -34.07
CA VAL A 64 -19.11 11.15 -33.53
C VAL A 64 -19.88 9.90 -33.92
N LYS A 65 -21.20 10.01 -33.88
CA LYS A 65 -22.09 8.92 -34.28
C LYS A 65 -21.92 8.58 -35.74
N GLN A 66 -21.87 9.60 -36.61
CA GLN A 66 -21.85 9.36 -38.05
C GLN A 66 -20.52 8.89 -38.62
N THR A 67 -19.42 9.20 -37.93
CA THR A 67 -18.06 8.95 -38.48
C THR A 67 -17.18 8.01 -37.64
N ASP A 68 -17.56 7.78 -36.37
CA ASP A 68 -16.98 6.71 -35.53
C ASP A 68 -15.48 6.85 -35.21
N PRO A 69 -15.07 8.03 -34.71
CA PRO A 69 -13.69 8.18 -34.28
C PRO A 69 -13.36 7.40 -33.00
N ASP A 70 -12.10 7.08 -32.84
CA ASP A 70 -11.64 6.47 -31.63
C ASP A 70 -11.39 7.58 -30.61
N LEU A 71 -11.16 8.79 -31.05
CA LEU A 71 -10.80 9.90 -30.18
C LEU A 71 -11.16 11.23 -30.80
N VAL A 72 -11.65 12.14 -29.96
CA VAL A 72 -11.96 13.49 -30.34
C VAL A 72 -10.98 14.48 -29.63
N VAL A 73 -10.37 15.38 -30.42
CA VAL A 73 -9.55 16.46 -29.92
C VAL A 73 -10.46 17.70 -29.78
N ILE A 74 -10.48 18.24 -28.56
CA ILE A 74 -11.23 19.43 -28.23
C ILE A 74 -10.29 20.62 -28.01
N ALA A 75 -10.45 21.63 -28.85
CA ALA A 75 -9.63 22.83 -28.80
C ALA A 75 -10.58 24.05 -28.80
N THR A 76 -11.36 24.14 -27.71
CA THR A 76 -12.41 25.14 -27.54
C THR A 76 -12.03 26.21 -26.55
N ASN A 77 -11.86 25.84 -25.28
CA ASN A 77 -11.78 26.80 -24.19
C ASN A 77 -10.71 26.37 -23.18
N SER A 78 -10.30 27.29 -22.31
CA SER A 78 -9.25 27.04 -21.33
C SER A 78 -9.73 26.43 -20.02
N PHE A 79 -11.00 26.64 -19.68
CA PHE A 79 -11.47 26.47 -18.31
C PHE A 79 -12.22 25.17 -18.10
N ILE A 80 -11.96 24.48 -17.00
CA ILE A 80 -12.65 23.22 -16.65
C ILE A 80 -14.17 23.38 -16.63
N SER A 81 -14.62 24.44 -15.96
CA SER A 81 -16.03 24.82 -15.85
C SER A 81 -16.79 24.85 -17.19
N VAL A 82 -16.07 25.09 -18.30
CA VAL A 82 -16.65 25.07 -19.62
C VAL A 82 -16.42 23.73 -20.34
N VAL A 83 -15.19 23.20 -20.28
CA VAL A 83 -14.90 22.00 -21.05
C VAL A 83 -15.38 20.68 -20.40
N LYS A 84 -15.56 20.65 -19.06
CA LYS A 84 -16.04 19.41 -18.38
C LYS A 84 -17.17 18.74 -19.15
N ASP A 85 -18.18 19.52 -19.52
CA ASP A 85 -19.39 18.94 -20.17
C ASP A 85 -19.14 18.53 -21.62
N GLN A 86 -18.28 19.30 -22.31
CA GLN A 86 -17.81 18.89 -23.65
C GLN A 86 -17.09 17.51 -23.61
N ILE A 87 -16.21 17.33 -22.63
CA ILE A 87 -15.42 16.09 -22.52
C ILE A 87 -16.35 14.94 -22.18
N ILE A 88 -17.20 15.18 -21.18
CA ILE A 88 -18.11 14.15 -20.67
C ILE A 88 -19.09 13.78 -21.78
N SER A 89 -19.54 14.76 -22.54
CA SER A 89 -20.36 14.49 -23.75
C SER A 89 -19.78 13.41 -24.70
N ILE A 90 -18.46 13.48 -24.94
CA ILE A 90 -17.78 12.55 -25.83
C ILE A 90 -17.52 11.20 -25.16
N LEU A 91 -17.23 11.21 -23.86
CA LEU A 91 -16.97 9.96 -23.13
C LEU A 91 -18.22 9.10 -23.04
N LYS A 92 -19.39 9.74 -22.88
CA LYS A 92 -20.68 9.03 -22.90
C LYS A 92 -20.96 8.31 -24.24
N GLU A 93 -20.32 8.75 -25.33
CA GLU A 93 -20.30 8.03 -26.60
C GLU A 93 -19.18 7.00 -26.74
N ASN A 94 -18.51 6.65 -25.64
CA ASN A 94 -17.48 5.59 -25.65
C ASN A 94 -16.25 5.92 -26.51
N LYS A 95 -15.94 7.22 -26.64
CA LYS A 95 -14.76 7.67 -27.38
C LYS A 95 -13.73 8.28 -26.43
N ASN A 96 -12.47 8.24 -26.83
CA ASN A 96 -11.39 8.88 -26.07
C ASN A 96 -11.32 10.39 -26.31
N VAL A 97 -10.65 11.11 -25.42
CA VAL A 97 -10.55 12.58 -25.51
C VAL A 97 -9.11 13.06 -25.23
N ILE A 98 -8.62 13.94 -26.12
CA ILE A 98 -7.50 14.81 -25.85
C ILE A 98 -8.05 16.22 -25.89
N THR A 99 -7.70 17.01 -24.87
CA THR A 99 -7.96 18.44 -24.95
C THR A 99 -6.70 19.28 -24.70
N ILE A 100 -6.68 20.49 -25.24
CA ILE A 100 -5.59 21.40 -24.93
C ILE A 100 -6.04 22.48 -23.93
N ALA A 101 -7.21 22.32 -23.33
CA ALA A 101 -7.60 23.23 -22.28
C ALA A 101 -6.48 23.33 -21.23
N GLU A 102 -5.96 24.52 -20.97
CA GLU A 102 -4.79 24.64 -20.09
C GLU A 102 -5.08 24.08 -18.69
N GLU A 103 -6.30 24.25 -18.19
CA GLU A 103 -6.70 23.72 -16.88
C GLU A 103 -6.84 22.18 -16.82
N MET A 104 -7.00 21.54 -17.96
CA MET A 104 -7.15 20.10 -17.99
C MET A 104 -5.79 19.37 -17.95
N ALA A 105 -4.67 20.09 -18.11
CA ALA A 105 -3.33 19.50 -17.95
C ALA A 105 -3.09 18.81 -16.62
N PHE A 106 -3.53 19.44 -15.53
CA PHE A 106 -3.53 18.80 -14.22
C PHE A 106 -4.59 19.41 -13.27
N PRO A 107 -5.86 18.97 -13.39
CA PRO A 107 -7.01 19.59 -12.73
C PRO A 107 -7.32 19.09 -11.31
N PHE A 108 -6.57 18.09 -10.84
CA PHE A 108 -6.83 17.43 -9.57
C PHE A 108 -6.73 18.33 -8.35
N SER A 109 -5.95 19.41 -8.43
CA SER A 109 -5.75 20.31 -7.29
C SER A 109 -6.66 21.55 -7.38
N LYS A 110 -6.79 22.15 -8.56
CA LYS A 110 -7.67 23.32 -8.75
C LYS A 110 -9.14 22.96 -8.57
N ASP A 111 -9.58 21.84 -9.18
CA ASP A 111 -11.01 21.48 -9.27
C ASP A 111 -11.24 19.97 -9.06
N PRO A 112 -10.96 19.44 -7.86
CA PRO A 112 -11.01 17.99 -7.61
C PRO A 112 -12.33 17.30 -7.93
N LYS A 113 -13.45 17.95 -7.67
CA LYS A 113 -14.77 17.31 -7.88
C LYS A 113 -15.04 17.16 -9.38
N ALA A 114 -14.64 18.15 -10.19
CA ALA A 114 -14.77 18.06 -11.67
C ALA A 114 -13.85 16.97 -12.27
N ALA A 115 -12.63 16.88 -11.76
CA ALA A 115 -11.67 15.87 -12.18
C ALA A 115 -12.15 14.47 -11.81
N ASN A 116 -12.64 14.32 -10.56
CA ASN A 116 -13.25 13.06 -10.12
C ASN A 116 -14.45 12.64 -11.01
N GLU A 117 -15.28 13.61 -11.39
CA GLU A 117 -16.41 13.33 -12.26
C GLU A 117 -16.00 12.86 -13.66
N ILE A 118 -15.01 13.53 -14.25
CA ILE A 118 -14.51 13.16 -15.58
C ILE A 118 -13.89 11.76 -15.53
N ASP A 119 -13.05 11.54 -14.51
CA ASP A 119 -12.38 10.27 -14.32
C ASP A 119 -13.38 9.09 -14.18
N THR A 120 -14.44 9.32 -13.41
CA THR A 120 -15.50 8.32 -13.16
C THR A 120 -16.28 7.96 -14.44
N VAL A 121 -16.71 8.97 -15.19
CA VAL A 121 -17.38 8.73 -16.45
C VAL A 121 -16.45 8.04 -17.45
N ALA A 122 -15.18 8.45 -17.46
CA ALA A 122 -14.20 7.85 -18.36
C ALA A 122 -14.07 6.36 -18.09
N LYS A 123 -13.91 6.00 -16.82
CA LYS A 123 -13.87 4.60 -16.37
C LYS A 123 -15.13 3.80 -16.69
N ASP A 124 -16.31 4.39 -16.45
CA ASP A 124 -17.60 3.72 -16.75
C ASP A 124 -17.73 3.33 -18.23
N HIS A 125 -17.20 4.16 -19.12
CA HIS A 125 -17.28 3.92 -20.55
C HIS A 125 -16.01 3.34 -21.18
N ASN A 126 -15.05 2.94 -20.35
CA ASN A 126 -13.82 2.26 -20.82
C ASN A 126 -12.97 3.09 -21.81
N VAL A 127 -12.77 4.37 -21.50
CA VAL A 127 -12.01 5.29 -22.36
C VAL A 127 -11.20 6.27 -21.50
N SER A 128 -10.37 7.07 -22.17
CA SER A 128 -9.39 7.90 -21.48
C SER A 128 -9.48 9.36 -21.91
N VAL A 129 -9.03 10.25 -21.05
CA VAL A 129 -8.97 11.71 -21.33
C VAL A 129 -7.61 12.24 -20.96
N LEU A 130 -7.02 13.02 -21.83
CA LEU A 130 -5.76 13.71 -21.52
C LEU A 130 -5.81 15.20 -21.92
N GLY A 131 -5.29 16.04 -21.03
CA GLY A 131 -5.03 17.44 -21.29
C GLY A 131 -3.57 17.65 -21.59
N THR A 132 -3.27 18.32 -22.69
CA THR A 132 -1.86 18.49 -23.09
C THR A 132 -1.68 19.83 -23.84
N GLY A 133 -0.54 20.00 -24.51
CA GLY A 133 -0.17 21.29 -25.10
C GLY A 133 1.32 21.56 -24.88
N VAL A 134 1.80 22.67 -25.43
CA VAL A 134 3.20 23.04 -25.28
C VAL A 134 3.46 23.53 -23.90
N ASN A 135 2.51 24.22 -23.24
CA ASN A 135 2.70 25.04 -22.01
C ASN A 135 1.36 25.59 -21.50
N PRO A 136 0.72 24.71 -20.52
CA PRO A 136 1.14 23.46 -19.91
C PRO A 136 0.96 22.26 -20.81
N GLY A 137 1.79 21.22 -20.54
CA GLY A 137 1.78 19.97 -21.27
C GLY A 137 3.13 19.44 -21.72
N PHE A 138 4.16 20.29 -21.80
CA PHE A 138 5.47 19.83 -22.27
C PHE A 138 6.62 20.60 -21.62
N VAL A 139 6.78 21.87 -21.95
CA VAL A 139 8.07 22.57 -21.66
C VAL A 139 8.33 22.81 -20.20
N LEU A 140 7.31 23.25 -19.46
CA LEU A 140 7.42 23.57 -18.04
C LEU A 140 6.83 22.50 -17.14
N ASP A 141 6.59 21.32 -17.69
CA ASP A 141 6.16 20.20 -16.86
C ASP A 141 6.78 18.90 -17.38
N THR A 142 6.25 18.33 -18.45
CA THR A 142 6.75 17.06 -18.99
C THR A 142 8.26 17.01 -19.21
N LEU A 143 8.80 18.05 -19.85
CA LEU A 143 10.24 18.10 -20.14
C LEU A 143 11.13 18.18 -18.90
N ILE A 144 10.73 19.01 -17.96
CA ILE A 144 11.41 19.12 -16.64
C ILE A 144 11.40 17.79 -15.92
N ILE A 145 10.20 17.20 -15.86
CA ILE A 145 10.00 15.98 -15.12
C ILE A 145 10.89 14.86 -15.70
N THR A 146 10.93 14.77 -17.04
CA THR A 146 11.73 13.75 -17.73
C THR A 146 13.20 13.93 -17.43
N LEU A 147 13.63 15.18 -17.51
CA LEU A 147 15.01 15.53 -17.10
C LEU A 147 15.40 15.04 -15.71
N THR A 148 14.46 15.08 -14.73
CA THR A 148 14.80 14.66 -13.36
C THR A 148 15.05 13.14 -13.31
N GLY A 149 14.59 12.42 -14.35
CA GLY A 149 14.89 11.03 -14.54
C GLY A 149 16.34 10.60 -14.43
N ILE A 150 17.27 11.50 -14.70
CA ILE A 150 18.67 11.20 -14.48
C ILE A 150 19.25 11.88 -13.27
N CYS A 151 18.42 12.31 -12.33
CA CYS A 151 18.88 12.83 -11.03
C CYS A 151 18.68 11.82 -9.89
N LEU A 152 19.65 11.80 -9.00
CA LEU A 152 19.66 10.98 -7.82
C LEU A 152 18.74 11.66 -6.80
N ASN A 153 18.88 12.96 -6.65
CA ASN A 153 17.87 13.74 -5.94
C ASN A 153 17.79 15.22 -6.38
N VAL A 154 16.60 15.79 -6.25
CA VAL A 154 16.25 17.11 -6.78
C VAL A 154 15.91 17.98 -5.57
N GLN A 155 16.57 19.15 -5.46
CA GLN A 155 16.23 20.08 -4.38
C GLN A 155 15.30 21.20 -4.88
N ARG A 156 15.54 21.72 -6.08
CA ARG A 156 14.86 22.93 -6.59
C ARG A 156 14.85 22.95 -8.12
N ILE A 157 13.81 23.55 -8.68
CA ILE A 157 13.61 23.66 -10.12
C ILE A 157 13.33 25.12 -10.46
N LYS A 158 14.01 25.62 -11.48
CA LYS A 158 13.84 26.97 -11.98
C LYS A 158 13.79 26.85 -13.50
N ALA A 159 12.78 27.45 -14.11
CA ALA A 159 12.65 27.38 -15.55
C ALA A 159 11.98 28.61 -16.14
N ALA A 160 12.35 28.91 -17.38
CA ALA A 160 11.85 30.08 -18.06
C ALA A 160 11.59 29.78 -19.52
N ARG A 161 10.59 30.47 -20.04
CA ARG A 161 10.20 30.43 -21.45
C ARG A 161 10.11 31.86 -21.93
N ILE A 162 10.96 32.22 -22.88
CA ILE A 162 11.01 33.57 -23.38
C ILE A 162 10.58 33.44 -24.81
N ASN A 163 9.61 34.25 -25.18
CA ASN A 163 9.13 34.23 -26.58
C ASN A 163 9.14 35.65 -27.15
N ASP A 164 8.85 35.73 -28.45
CA ASP A 164 8.70 36.96 -29.22
C ASP A 164 7.25 37.09 -29.67
N LEU A 165 6.60 38.18 -29.22
CA LEU A 165 5.19 38.50 -29.61
C LEU A 165 5.04 39.14 -31.01
N SER A 166 6.14 39.52 -31.66
CA SER A 166 6.11 40.20 -33.00
C SER A 166 5.17 39.62 -34.06
N PRO A 167 5.04 38.29 -34.16
CA PRO A 167 4.23 37.72 -35.27
C PRO A 167 2.71 37.94 -35.15
N PHE A 168 2.23 38.10 -33.92
CA PHE A 168 0.81 38.12 -33.67
C PHE A 168 0.14 39.50 -33.85
N GLY A 169 -1.16 39.44 -34.13
CA GLY A 169 -2.02 40.62 -34.22
C GLY A 169 -2.63 41.20 -32.94
N PRO A 170 -3.48 42.27 -33.10
CA PRO A 170 -4.01 43.09 -32.00
C PRO A 170 -4.66 42.30 -30.87
N THR A 171 -5.30 41.20 -31.21
CA THR A 171 -5.93 40.32 -30.24
C THR A 171 -4.93 39.89 -29.15
N VAL A 172 -3.77 39.41 -29.59
CA VAL A 172 -2.66 39.03 -28.70
C VAL A 172 -1.99 40.26 -28.08
N MET A 173 -1.83 41.34 -28.83
CA MET A 173 -1.20 42.53 -28.27
C MET A 173 -1.99 42.97 -27.02
N GLU A 174 -3.32 43.01 -27.12
CA GLU A 174 -4.18 43.41 -25.98
C GLU A 174 -4.12 42.42 -24.80
N THR A 175 -4.09 41.11 -25.08
CA THR A 175 -3.99 40.08 -24.02
C THR A 175 -2.65 40.16 -23.23
N GLN A 176 -1.56 40.62 -23.86
CA GLN A 176 -0.27 40.74 -23.19
C GLN A 176 0.11 42.17 -22.74
N GLY A 177 -0.84 43.11 -22.88
CA GLY A 177 -0.62 44.49 -22.45
C GLY A 177 0.40 45.25 -23.29
N VAL A 178 0.65 44.83 -24.52
CA VAL A 178 1.70 45.42 -25.34
C VAL A 178 1.19 46.74 -25.89
N GLY A 179 2.00 47.79 -25.78
CA GLY A 179 1.63 49.10 -26.33
C GLY A 179 0.91 49.96 -25.32
N THR A 180 0.75 49.45 -24.08
CA THR A 180 0.06 50.20 -23.04
C THR A 180 1.10 51.04 -22.27
N THR A 181 0.63 52.05 -21.56
CA THR A 181 1.43 52.76 -20.56
C THR A 181 1.34 51.91 -19.29
N PRO A 182 2.22 52.16 -18.30
CA PRO A 182 2.09 51.40 -17.04
C PRO A 182 0.74 51.49 -16.32
N GLU A 183 0.11 52.66 -16.31
CA GLU A 183 -1.22 52.82 -15.68
C GLU A 183 -2.29 51.97 -16.40
N GLU A 184 -2.27 52.02 -17.72
CA GLU A 184 -3.16 51.22 -18.57
C GLU A 184 -2.92 49.71 -18.38
N PHE A 185 -1.66 49.33 -18.20
CA PHE A 185 -1.31 47.96 -17.87
C PHE A 185 -1.97 47.55 -16.57
N LYS A 186 -1.76 48.32 -15.53
CA LYS A 186 -2.33 47.99 -14.19
C LYS A 186 -3.87 47.92 -14.19
N GLN A 187 -4.52 48.79 -14.95
CA GLN A 187 -5.97 48.73 -15.14
C GLN A 187 -6.39 47.50 -15.96
N GLY A 188 -5.59 47.14 -16.97
CA GLY A 188 -5.86 45.93 -17.77
C GLY A 188 -5.83 44.59 -17.01
N ILE A 189 -4.87 44.49 -16.08
CA ILE A 189 -4.80 43.29 -15.21
C ILE A 189 -5.98 43.23 -14.24
N LYS A 190 -6.38 44.37 -13.68
CA LYS A 190 -7.55 44.42 -12.78
C LYS A 190 -8.84 44.06 -13.52
N SER A 191 -9.02 44.63 -14.70
CA SER A 191 -10.20 44.36 -15.52
C SER A 191 -10.26 42.98 -16.20
N GLY A 192 -9.11 42.31 -16.33
CA GLY A 192 -9.06 41.00 -17.00
C GLY A 192 -8.81 40.99 -18.51
N LYS A 193 -8.54 42.16 -19.11
CA LYS A 193 -8.16 42.24 -20.54
C LYS A 193 -6.70 41.79 -20.74
N ILE A 194 -5.85 42.05 -19.76
CA ILE A 194 -4.48 41.52 -19.74
C ILE A 194 -4.42 40.46 -18.66
N GLY A 196 -1.59 37.72 -19.58
CA GLY A 196 -0.60 36.75 -19.08
C GLY A 196 -0.65 35.33 -19.65
N HIS A 197 -0.53 34.37 -18.75
CA HIS A 197 -0.46 32.91 -19.05
C HIS A 197 -1.33 32.07 -18.11
N ILE A 198 -2.06 31.10 -18.66
CA ILE A 198 -2.89 30.19 -17.95
C ILE A 198 -2.15 28.87 -17.91
N GLY A 199 -2.00 28.31 -16.73
CA GLY A 199 -1.41 26.98 -16.65
C GLY A 199 -0.36 26.78 -15.58
N PHE A 200 0.16 27.85 -15.00
CA PHE A 200 1.26 27.74 -14.01
C PHE A 200 0.90 26.78 -12.88
N GLU A 201 -0.32 26.90 -12.33
CA GLU A 201 -0.78 26.08 -11.20
C GLU A 201 -0.77 24.60 -11.60
N GLN A 202 -1.18 24.32 -12.85
CA GLN A 202 -1.24 22.97 -13.36
C GLN A 202 0.17 22.37 -13.51
N SER A 203 1.09 23.15 -14.09
CA SER A 203 2.47 22.68 -14.28
C SER A 203 3.12 22.36 -12.95
N ILE A 204 2.95 23.28 -11.98
CA ILE A 204 3.50 23.15 -10.67
C ILE A 204 3.06 21.84 -9.99
N HIS A 205 1.78 21.55 -10.11
CA HIS A 205 1.22 20.41 -9.44
C HIS A 205 1.54 19.11 -10.15
N MET A 206 1.68 19.16 -11.46
CA MET A 206 2.19 17.98 -12.15
C MET A 206 3.64 17.67 -11.73
N ILE A 207 4.50 18.68 -11.70
CA ILE A 207 5.91 18.46 -11.31
C ILE A 207 5.87 17.84 -9.93
N ALA A 208 5.15 18.49 -9.02
CA ALA A 208 5.10 18.06 -7.60
C ALA A 208 4.59 16.64 -7.40
N LYS A 209 3.49 16.32 -8.08
CA LYS A 209 2.96 14.97 -8.03
C LYS A 209 4.01 13.97 -8.52
N ALA A 210 4.65 14.27 -9.66
CA ALA A 210 5.62 13.37 -10.24
C ALA A 210 6.82 13.12 -9.33
N LEU A 211 7.27 14.15 -8.62
CA LEU A 211 8.44 14.05 -7.73
C LEU A 211 8.08 13.63 -6.30
N GLY A 212 6.78 13.53 -6.00
CA GLY A 212 6.30 13.24 -4.66
C GLY A 212 6.43 14.40 -3.68
N TRP A 213 6.39 15.64 -4.16
CA TRP A 213 6.50 16.83 -3.29
C TRP A 213 5.13 17.34 -2.92
N GLU A 214 5.01 17.91 -1.72
CA GLU A 214 3.80 18.65 -1.34
C GLU A 214 4.04 20.14 -1.56
N ILE A 215 3.03 20.82 -2.09
CA ILE A 215 3.06 22.24 -2.32
C ILE A 215 1.95 22.86 -1.47
N ASP A 216 2.28 23.83 -0.63
CA ASP A 216 1.24 24.50 0.17
C ASP A 216 1.05 25.97 -0.13
N ARG A 217 1.84 26.54 -1.04
CA ARG A 217 1.70 27.94 -1.40
C ARG A 217 2.25 28.18 -2.81
N ILE A 218 1.47 28.89 -3.63
CA ILE A 218 1.89 29.31 -4.96
C ILE A 218 1.64 30.81 -5.05
N GLU A 219 2.70 31.58 -5.27
CA GLU A 219 2.62 33.01 -5.43
C GLU A 219 2.81 33.34 -6.89
N GLN A 220 1.96 34.25 -7.40
CA GLN A 220 1.99 34.66 -8.80
C GLN A 220 2.03 36.15 -8.93
N LYS A 221 2.65 36.58 -10.01
CA LYS A 221 2.90 38.00 -10.27
C LYS A 221 2.84 38.18 -11.77
N ARG A 222 2.14 39.23 -12.17
CA ARG A 222 2.12 39.71 -13.55
C ARG A 222 2.57 41.16 -13.59
N GLU A 223 3.74 41.37 -14.19
CA GLU A 223 4.49 42.63 -14.18
C GLU A 223 4.63 43.07 -15.65
N PRO A 224 4.56 44.41 -15.89
CA PRO A 224 4.82 44.93 -17.21
C PRO A 224 6.32 44.87 -17.53
N ILE A 225 6.66 44.48 -18.77
CA ILE A 225 8.05 44.54 -19.26
C ILE A 225 8.13 45.89 -19.98
N ILE A 226 8.89 46.81 -19.36
CA ILE A 226 8.87 48.21 -19.71
C ILE A 226 10.04 48.43 -20.65
N SER A 227 9.74 48.90 -21.87
CA SER A 227 10.77 49.07 -22.87
C SER A 227 11.59 50.32 -22.56
N ASN A 228 12.91 50.22 -22.78
CA ASN A 228 13.81 51.36 -22.78
C ASN A 228 14.06 51.83 -24.23
N VAL A 229 13.61 51.07 -25.23
CA VAL A 229 13.86 51.39 -26.64
C VAL A 229 12.55 51.41 -27.43
N MET A 230 12.65 51.83 -28.68
CA MET A 230 11.52 51.93 -29.58
C MET A 230 11.33 50.59 -30.25
N ARG A 231 10.11 50.04 -30.17
CA ARG A 231 9.78 48.75 -30.79
C ARG A 231 8.55 48.84 -31.68
N GLU A 232 8.73 48.58 -32.97
CA GLU A 232 7.68 48.73 -33.95
C GLU A 232 7.47 47.44 -34.72
N THR A 233 6.26 46.91 -34.61
CA THR A 233 5.79 45.81 -35.46
C THR A 233 4.76 46.33 -36.45
N LYS A 234 4.25 45.45 -37.30
CA LYS A 234 3.08 45.73 -38.16
C LYS A 234 1.85 46.22 -37.43
N TYR A 235 1.66 45.82 -36.17
CA TYR A 235 0.41 46.05 -35.42
C TYR A 235 0.57 46.90 -34.15
N VAL A 236 1.80 47.34 -33.85
CA VAL A 236 2.03 48.07 -32.60
C VAL A 236 3.33 48.84 -32.65
N LYS A 237 3.34 49.97 -31.94
CA LYS A 237 4.51 50.83 -31.77
C LYS A 237 4.68 51.10 -30.28
N VAL A 238 5.72 50.53 -29.68
CA VAL A 238 6.03 50.75 -28.27
C VAL A 238 7.11 51.83 -28.19
N GLN A 239 6.76 53.00 -27.65
CA GLN A 239 7.71 54.07 -27.35
C GLN A 239 8.46 53.72 -26.07
N PRO A 240 9.67 54.31 -25.86
CA PRO A 240 10.39 54.08 -24.59
C PRO A 240 9.53 54.46 -23.38
N GLY A 241 9.62 53.67 -22.31
CA GLY A 241 8.77 53.85 -21.15
C GLY A 241 7.37 53.25 -21.26
N MET A 242 6.97 52.79 -22.44
CA MET A 242 5.72 52.02 -22.59
C MET A 242 6.00 50.50 -22.49
N VAL A 243 4.93 49.74 -22.42
CA VAL A 243 4.99 48.34 -22.07
C VAL A 243 5.12 47.51 -23.32
N ALA A 244 6.14 46.66 -23.39
CA ALA A 244 6.37 45.75 -24.55
C ALA A 244 5.80 44.36 -24.34
N GLY A 245 5.35 44.07 -23.12
CA GLY A 245 4.70 42.81 -22.84
C GLY A 245 4.53 42.53 -21.37
N CYS A 246 4.05 41.34 -21.07
CA CYS A 246 3.74 40.94 -19.69
C CYS A 246 4.69 39.83 -19.23
N ASN A 247 5.22 39.98 -18.03
CA ASN A 247 6.11 38.97 -17.41
C ASN A 247 5.33 38.23 -16.34
N HIS A 248 4.82 37.03 -16.63
CA HIS A 248 4.07 36.20 -15.65
C HIS A 248 5.04 35.22 -14.99
N THR A 249 5.22 35.34 -13.68
CA THR A 249 6.09 34.49 -12.94
C THR A 249 5.27 33.76 -11.87
N ALA A 250 5.76 32.59 -11.45
CA ALA A 250 5.17 31.84 -10.38
C ALA A 250 6.24 31.13 -9.51
N LYS A 251 5.99 31.10 -8.21
CA LYS A 251 6.86 30.48 -7.22
C LYS A 251 6.05 29.55 -6.33
N ALA A 252 6.50 28.31 -6.16
CA ALA A 252 5.79 27.34 -5.36
C ALA A 252 6.63 26.96 -4.16
N PHE A 253 6.01 26.91 -3.00
CA PHE A 253 6.70 26.73 -1.72
C PHE A 253 6.14 25.53 -0.99
N TYR A 254 6.90 25.04 -0.01
CA TYR A 254 6.33 24.08 0.93
C TYR A 254 6.24 24.57 2.37
N LYS A 255 7.32 24.83 3.07
CA LYS A 255 7.18 25.43 4.41
C LYS A 255 8.21 26.51 4.43
N ASN A 256 7.93 27.55 3.65
CA ASN A 256 8.89 28.61 3.36
C ASN A 256 10.13 28.19 2.52
N GLU A 257 10.20 26.92 2.07
CA GLU A 257 11.22 26.50 1.08
C GLU A 257 10.69 26.69 -0.36
N LEU A 258 11.31 27.56 -1.13
CA LEU A 258 11.05 27.66 -2.57
C LEU A 258 11.47 26.37 -3.30
N LEU A 259 10.49 25.64 -3.89
CA LEU A 259 10.74 24.40 -4.63
C LEU A 259 10.74 24.55 -6.15
N ILE A 260 9.79 25.31 -6.69
CA ILE A 260 9.65 25.43 -8.15
C ILE A 260 9.46 26.91 -8.49
N GLU A 261 10.13 27.34 -9.58
CA GLU A 261 10.12 28.76 -9.97
C GLU A 261 10.02 28.85 -11.48
N LEU A 262 8.86 29.31 -11.96
CA LEU A 262 8.53 29.39 -13.41
C LEU A 262 8.42 30.84 -13.85
N GLU A 263 8.90 31.15 -15.03
CA GLU A 263 8.89 32.52 -15.55
C GLU A 263 8.55 32.45 -17.04
N HIS A 264 7.76 33.38 -17.55
CA HIS A 264 7.39 33.31 -18.97
C HIS A 264 7.15 34.72 -19.47
N PRO A 265 8.20 35.54 -19.67
CA PRO A 265 8.03 36.86 -20.18
C PRO A 265 7.61 36.72 -21.64
N GLN A 266 6.59 37.46 -22.05
CA GLN A 266 6.14 37.52 -23.46
C GLN A 266 6.25 38.97 -23.91
N GLN A 267 7.10 39.29 -24.88
CA GLN A 267 7.25 40.67 -25.35
C GLN A 267 7.41 40.73 -26.84
N VAL A 268 7.06 41.88 -27.39
CA VAL A 268 7.44 42.21 -28.76
C VAL A 268 8.94 42.50 -28.86
N LEU A 269 9.59 41.84 -29.81
CA LEU A 269 10.95 42.15 -30.25
C LEU A 269 11.92 42.18 -29.08
N PRO A 270 12.04 41.06 -28.34
CA PRO A 270 13.02 40.95 -27.24
C PRO A 270 14.46 41.26 -27.72
N HIS A 271 14.80 40.95 -28.95
CA HIS A 271 16.16 41.07 -29.36
C HIS A 271 16.61 42.53 -29.45
N LEU A 272 15.69 43.48 -29.51
CA LEU A 272 16.06 44.91 -29.45
C LEU A 272 16.72 45.34 -28.16
N GLU A 273 16.64 44.51 -27.11
CA GLU A 273 17.34 44.71 -25.84
C GLU A 273 18.19 43.50 -25.40
N ASN A 274 18.59 42.71 -26.42
CA ASN A 274 19.41 41.52 -26.26
C ASN A 274 18.78 40.51 -25.31
N VAL A 275 17.48 40.38 -25.34
CA VAL A 275 16.83 39.28 -24.64
C VAL A 275 16.67 38.12 -25.67
N GLN A 276 17.20 36.98 -25.32
CA GLN A 276 17.27 35.88 -26.27
C GLN A 276 16.02 35.03 -26.03
N THR A 277 15.32 34.71 -27.08
CA THR A 277 14.23 33.79 -26.95
C THR A 277 14.80 32.40 -26.69
N GLY A 278 14.02 31.65 -25.90
CA GLY A 278 14.33 30.30 -25.61
C GLY A 278 13.56 29.70 -24.46
N ASP A 279 13.81 28.40 -24.26
CA ASP A 279 13.38 27.62 -23.10
C ASP A 279 14.60 27.24 -22.30
N TYR A 280 14.53 27.45 -20.97
CA TYR A 280 15.68 27.23 -20.07
C TYR A 280 15.23 26.52 -18.79
N ILE A 281 15.97 25.46 -18.44
CA ILE A 281 15.60 24.65 -17.30
C ILE A 281 16.86 24.50 -16.50
N THR A 282 16.75 24.74 -15.19
CA THR A 282 17.81 24.49 -14.22
C THR A 282 17.27 23.63 -13.08
N ILE A 283 17.85 22.42 -12.97
CA ILE A 283 17.56 21.51 -11.87
C ILE A 283 18.72 21.65 -10.91
N GLN A 284 18.44 22.08 -9.68
CA GLN A 284 19.44 22.05 -8.65
C GLN A 284 19.22 20.79 -7.87
N GLY A 285 20.27 20.00 -7.78
CA GLY A 285 20.17 18.72 -7.09
C GLY A 285 21.48 18.01 -7.21
N ASP A 286 21.39 16.67 -7.23
CA ASP A 286 22.54 15.82 -7.41
C ASP A 286 22.18 14.92 -8.58
N PRO A 287 22.72 15.19 -9.77
CA PRO A 287 23.56 16.35 -10.09
C PRO A 287 22.72 17.60 -10.40
N ASP A 288 23.40 18.75 -10.60
CA ASP A 288 22.83 19.94 -11.21
C ASP A 288 22.68 19.74 -12.73
N ILE A 289 21.55 20.19 -13.28
CA ILE A 289 21.34 20.16 -14.73
C ILE A 289 20.90 21.57 -15.24
N SER A 290 21.49 21.95 -16.37
CA SER A 290 21.23 23.24 -16.95
C SER A 290 21.05 23.09 -18.45
N MET A 291 19.82 23.27 -18.92
CA MET A 291 19.41 23.00 -20.31
C MET A 291 18.93 24.31 -20.91
N GLY A 292 19.24 24.53 -22.19
CA GLY A 292 18.75 25.67 -22.95
C GLY A 292 18.30 25.19 -24.30
N ILE A 293 17.09 25.57 -24.73
CA ILE A 293 16.70 25.39 -26.09
C ILE A 293 16.58 26.77 -26.73
N ASN A 294 17.20 26.98 -27.89
CA ASN A 294 17.32 28.30 -28.55
C ASN A 294 17.20 28.24 -30.06
N PRO A 295 16.23 28.91 -30.70
CA PRO A 295 15.15 29.64 -30.02
C PRO A 295 14.18 28.66 -29.36
N GLU A 296 13.20 29.26 -28.70
CA GLU A 296 12.06 28.61 -28.06
C GLU A 296 11.30 27.65 -28.97
N ILE A 297 10.81 26.56 -28.39
CA ILE A 297 9.86 25.70 -29.08
C ILE A 297 8.64 26.60 -29.45
N PRO A 298 8.32 26.72 -30.76
CA PRO A 298 7.18 27.56 -31.14
C PRO A 298 5.86 27.08 -30.51
N GLY A 299 5.02 28.00 -30.01
CA GLY A 299 3.90 27.64 -29.16
C GLY A 299 2.75 27.02 -29.94
N GLY A 300 2.48 27.57 -31.11
CA GLY A 300 1.40 27.08 -31.97
C GLY A 300 1.83 25.72 -32.51
N LYS A 301 2.96 25.67 -33.23
CA LYS A 301 3.41 24.41 -33.82
C LYS A 301 3.54 23.25 -32.79
N GLY A 302 4.18 23.52 -31.65
CA GLY A 302 4.34 22.52 -30.61
C GLY A 302 3.06 21.94 -30.02
N THR A 303 2.06 22.82 -29.84
CA THR A 303 0.75 22.43 -29.33
C THR A 303 -0.01 21.53 -30.31
N ILE A 304 -0.02 21.96 -31.57
CA ILE A 304 -0.59 21.17 -32.68
C ILE A 304 0.11 19.80 -32.72
N ALA A 305 1.44 19.85 -32.55
CA ALA A 305 2.29 18.67 -32.64
C ALA A 305 2.01 17.71 -31.53
N ILE A 306 2.03 18.20 -30.30
CA ILE A 306 1.89 17.32 -29.12
C ILE A 306 0.45 16.76 -29.02
N ALA A 307 -0.56 17.55 -29.32
CA ALA A 307 -1.95 17.09 -29.27
C ALA A 307 -2.18 15.96 -30.27
N THR A 308 -1.54 16.05 -31.43
CA THR A 308 -1.58 15.04 -32.50
C THR A 308 -0.79 13.78 -32.10
N ASN A 309 0.46 14.00 -31.69
CA ASN A 309 1.42 12.96 -31.38
C ASN A 309 0.99 12.08 -30.21
N MET A 310 0.24 12.62 -29.25
CA MET A 310 -0.26 11.81 -28.12
C MET A 310 -1.47 10.92 -28.43
N ILE A 311 -2.03 11.03 -29.64
CA ILE A 311 -3.30 10.31 -29.96
C ILE A 311 -3.24 8.79 -29.72
N PRO A 312 -2.29 8.07 -30.37
CA PRO A 312 -2.24 6.62 -30.20
C PRO A 312 -2.15 6.17 -28.72
N SER A 313 -1.28 6.81 -27.94
CA SER A 313 -1.07 6.43 -26.52
C SER A 313 -2.31 6.69 -25.63
N VAL A 314 -3.11 7.72 -25.96
CA VAL A 314 -4.35 7.97 -25.26
C VAL A 314 -5.38 6.88 -25.62
N VAL A 315 -5.56 6.60 -26.91
CA VAL A 315 -6.42 5.48 -27.33
C VAL A 315 -5.99 4.19 -26.61
N GLU A 316 -4.67 3.95 -26.55
CA GLU A 316 -4.19 2.68 -26.04
C GLU A 316 -4.16 2.60 -24.50
N ALA A 317 -4.33 3.71 -23.80
CA ALA A 317 -4.08 3.72 -22.34
C ALA A 317 -5.20 3.09 -21.53
N ARG A 318 -4.89 2.86 -20.26
CA ARG A 318 -5.87 2.52 -19.24
C ARG A 318 -6.99 3.57 -19.14
N PRO A 319 -8.22 3.10 -18.84
CA PRO A 319 -9.35 4.05 -18.70
C PRO A 319 -9.12 5.10 -17.59
N GLY A 320 -9.64 6.32 -17.77
CA GLY A 320 -9.61 7.35 -16.71
C GLY A 320 -9.13 8.72 -17.19
N LEU A 321 -8.96 9.62 -16.23
CA LEU A 321 -8.35 10.91 -16.47
C LEU A 321 -6.86 10.70 -16.29
N LEU A 322 -6.14 10.79 -17.41
CA LEU A 322 -4.69 10.69 -17.40
C LEU A 322 -4.03 12.05 -17.40
N THR A 323 -2.71 12.04 -17.14
CA THR A 323 -1.86 13.20 -17.35
C THR A 323 -0.63 12.77 -18.14
N MET A 324 0.16 13.75 -18.57
CA MET A 324 1.34 13.41 -19.37
C MET A 324 2.29 12.47 -18.60
N VAL A 325 2.34 12.58 -17.27
CA VAL A 325 3.19 11.75 -16.43
C VAL A 325 2.79 10.28 -16.38
N ASP A 326 1.56 9.95 -16.74
CA ASP A 326 1.09 8.56 -16.77
C ASP A 326 1.35 7.86 -18.11
N LEU A 327 1.63 8.62 -19.15
CA LEU A 327 1.69 8.07 -20.48
C LEU A 327 3.13 7.86 -20.89
N PRO A 328 3.37 7.08 -21.96
CA PRO A 328 4.73 6.91 -22.46
C PRO A 328 5.31 8.18 -23.01
N ILE A 329 6.59 8.16 -23.34
CA ILE A 329 7.29 9.37 -23.73
C ILE A 329 6.66 9.95 -25.03
N PRO A 330 6.51 11.26 -25.12
CA PRO A 330 6.06 11.85 -26.40
C PRO A 330 6.99 11.48 -27.59
N ARG A 331 6.45 11.33 -28.81
CA ARG A 331 7.28 11.17 -30.02
C ARG A 331 6.60 11.72 -31.27
N ALA A 332 7.37 12.10 -32.28
CA ALA A 332 6.77 12.57 -33.54
C ALA A 332 6.20 11.35 -34.31
N LEU A 333 4.90 11.42 -34.63
CA LEU A 333 4.28 10.41 -35.49
C LEU A 333 4.71 10.56 -36.95
N LEU A 334 4.82 9.41 -37.61
CA LEU A 334 5.38 9.31 -38.95
C LEU A 334 4.44 9.97 -39.96
N ALA A 335 5.00 10.75 -40.86
CA ALA A 335 4.19 11.47 -41.90
C ALA A 335 3.97 10.56 -43.09
N SER B 1 6.83 -0.48 -0.54
CA SER B 1 8.23 -0.43 -0.92
C SER B 1 8.60 -1.59 -1.84
N TYR B 2 9.40 -1.31 -2.86
CA TYR B 2 9.82 -2.33 -3.82
C TYR B 2 11.16 -2.93 -3.41
N LYS B 3 11.20 -4.25 -3.33
CA LYS B 3 12.42 -4.96 -2.94
C LYS B 3 13.27 -5.24 -4.16
N VAL B 4 14.55 -4.93 -4.03
CA VAL B 4 15.49 -4.99 -5.15
C VAL B 4 16.73 -5.80 -4.80
N GLY B 5 17.18 -6.56 -5.80
CA GLY B 5 18.46 -7.25 -5.74
C GLY B 5 19.43 -6.65 -6.74
N ILE B 6 20.74 -6.81 -6.49
CA ILE B 6 21.73 -6.40 -7.45
C ILE B 6 22.61 -7.59 -7.85
N TRP B 7 22.92 -7.70 -9.15
CA TRP B 7 23.80 -8.71 -9.73
C TRP B 7 24.83 -7.84 -10.50
N GLY B 8 25.96 -7.57 -9.88
CA GLY B 8 27.05 -6.80 -10.52
C GLY B 8 27.29 -5.62 -9.62
N PHE B 9 28.27 -5.71 -8.74
CA PHE B 9 28.53 -4.69 -7.69
C PHE B 9 29.81 -3.93 -8.01
N GLY B 10 29.88 -3.40 -9.23
CA GLY B 10 31.04 -2.62 -9.70
C GLY B 10 30.79 -1.17 -9.47
N ALA B 11 31.35 -0.32 -10.31
CA ALA B 11 31.13 1.15 -10.15
C ALA B 11 29.62 1.44 -10.19
N MET B 12 28.89 0.79 -11.08
CA MET B 12 27.49 1.15 -11.28
C MET B 12 26.62 0.40 -10.30
N GLY B 13 26.84 -0.91 -10.18
CA GLY B 13 26.06 -1.71 -9.25
C GLY B 13 26.11 -1.21 -7.81
N SER B 14 27.30 -0.84 -7.37
CA SER B 14 27.47 -0.30 -6.04
C SER B 14 26.83 1.08 -5.87
N GLY B 15 26.99 1.96 -6.86
CA GLY B 15 26.33 3.26 -6.81
C GLY B 15 24.81 3.11 -6.77
N ILE B 16 24.31 2.18 -7.58
CA ILE B 16 22.87 1.84 -7.61
C ILE B 16 22.40 1.35 -6.22
N ALA B 17 23.17 0.45 -5.61
CA ALA B 17 22.84 -0.05 -4.27
C ALA B 17 22.68 1.10 -3.28
N LYS B 18 23.68 1.96 -3.24
CA LYS B 18 23.71 3.12 -2.39
C LYS B 18 22.56 4.04 -2.69
N ASN B 19 22.27 4.27 -3.98
CA ASN B 19 21.11 5.08 -4.34
C ASN B 19 19.78 4.41 -3.88
N ILE B 20 19.67 3.08 -4.04
CA ILE B 20 18.42 2.40 -3.61
C ILE B 20 18.24 2.66 -2.13
N LEU B 21 19.29 2.43 -1.34
CA LEU B 21 19.26 2.66 0.13
C LEU B 21 18.78 4.05 0.56
N SER B 22 18.95 5.05 -0.31
CA SER B 22 18.49 6.41 -0.03
C SER B 22 16.98 6.63 -0.27
N LYS B 23 16.31 5.73 -0.99
CA LYS B 23 14.93 5.98 -1.46
C LYS B 23 13.83 5.57 -0.48
N LYS B 24 12.81 6.38 -0.45
CA LYS B 24 11.69 6.15 0.40
C LYS B 24 10.96 4.92 -0.04
N ASN B 25 10.71 4.79 -1.32
CA ASN B 25 9.94 3.67 -1.75
C ASN B 25 10.67 2.45 -2.29
N LEU B 26 11.93 2.31 -1.97
CA LEU B 26 12.61 1.10 -2.35
C LEU B 26 13.32 0.49 -1.14
N LYS B 27 13.70 -0.75 -1.26
CA LYS B 27 14.42 -1.47 -0.25
C LYS B 27 15.47 -2.40 -0.87
N LEU B 28 16.75 -2.23 -0.52
CA LEU B 28 17.80 -3.11 -1.04
C LEU B 28 17.76 -4.38 -0.19
N VAL B 29 17.63 -5.53 -0.86
CA VAL B 29 17.54 -6.78 -0.08
C VAL B 29 18.66 -7.78 -0.27
N GLY B 30 19.31 -7.77 -1.44
CA GLY B 30 20.47 -8.66 -1.69
C GLY B 30 21.37 -8.23 -2.86
N VAL B 31 22.62 -8.68 -2.82
CA VAL B 31 23.62 -8.38 -3.81
C VAL B 31 24.44 -9.63 -4.10
N HIS B 32 24.74 -9.87 -5.37
CA HIS B 32 25.64 -10.94 -5.77
C HIS B 32 26.69 -10.35 -6.70
N ASP B 33 27.95 -10.75 -6.50
CA ASP B 33 29.05 -10.46 -7.45
C ASP B 33 29.94 -11.68 -7.46
N PHE B 34 30.66 -11.93 -8.56
CA PHE B 34 31.53 -13.11 -8.66
C PHE B 34 33.00 -12.86 -8.25
N ARG B 35 33.30 -11.68 -7.70
CA ARG B 35 34.64 -11.34 -7.24
C ARG B 35 34.81 -11.89 -5.84
N GLU B 36 35.87 -12.70 -5.66
CA GLU B 36 36.20 -13.31 -4.36
C GLU B 36 36.33 -12.26 -3.27
N GLU B 37 36.91 -11.11 -3.61
CA GLU B 37 37.10 -9.99 -2.67
C GLU B 37 35.81 -9.44 -2.04
N TYR B 38 34.66 -9.66 -2.68
CA TYR B 38 33.36 -9.18 -2.17
C TYR B 38 32.50 -10.24 -1.48
N ILE B 39 32.55 -11.47 -1.98
CA ILE B 39 31.68 -12.55 -1.52
C ILE B 39 31.70 -12.69 0.02
N GLU B 40 30.50 -12.80 0.61
CA GLU B 40 30.26 -12.87 2.07
C GLU B 40 30.51 -11.61 2.88
N LYS B 41 30.97 -10.51 2.27
CA LYS B 41 31.11 -9.26 2.99
C LYS B 41 29.78 -8.53 3.11
N ASP B 42 29.69 -7.65 4.09
CA ASP B 42 28.52 -6.81 4.26
C ASP B 42 28.52 -5.65 3.21
N VAL B 43 27.38 -5.47 2.51
CA VAL B 43 27.27 -4.43 1.46
C VAL B 43 27.44 -3.04 2.05
N GLY B 44 26.91 -2.83 3.26
CA GLY B 44 27.08 -1.56 3.97
C GLY B 44 28.51 -1.23 4.35
N GLU B 45 29.31 -2.25 4.68
CA GLU B 45 30.72 -2.02 4.99
C GLU B 45 31.47 -1.71 3.68
N LEU B 46 31.15 -2.45 2.60
CA LEU B 46 31.75 -2.21 1.30
C LEU B 46 31.46 -0.81 0.74
N LEU B 47 30.32 -0.21 1.08
CA LEU B 47 29.96 1.16 0.66
C LEU B 47 30.37 2.25 1.66
N GLY B 48 31.04 1.87 2.76
CA GLY B 48 31.38 2.80 3.84
C GLY B 48 30.24 3.30 4.73
N LEU B 49 29.17 2.51 4.88
CA LEU B 49 27.99 2.87 5.68
C LEU B 49 27.91 2.08 7.00
N GLY B 53 23.33 -5.03 7.20
CA GLY B 53 23.02 -6.47 7.43
C GLY B 53 22.60 -7.23 6.17
N ILE B 54 23.35 -6.97 5.10
CA ILE B 54 23.09 -7.51 3.75
C ILE B 54 24.42 -8.08 3.27
N LYS B 55 24.51 -9.39 3.10
CA LYS B 55 25.74 -10.06 2.64
C LYS B 55 25.76 -10.14 1.12
N VAL B 56 26.96 -10.14 0.53
CA VAL B 56 27.11 -10.42 -0.89
C VAL B 56 27.05 -11.95 -1.08
N TYR B 57 26.10 -12.41 -1.89
CA TYR B 57 25.91 -13.83 -2.09
C TYR B 57 26.87 -14.31 -3.16
N PRO B 58 27.39 -15.54 -3.00
CA PRO B 58 28.15 -16.16 -4.07
C PRO B 58 27.37 -16.61 -5.28
N ASP B 59 26.06 -16.82 -5.15
CA ASP B 59 25.24 -17.34 -6.26
C ASP B 59 24.04 -16.42 -6.46
N PRO B 60 23.74 -16.03 -7.70
CA PRO B 60 22.59 -15.13 -7.93
C PRO B 60 21.23 -15.76 -7.59
N ILE B 61 21.04 -17.01 -7.98
CA ILE B 61 19.78 -17.74 -7.73
C ILE B 61 19.56 -17.91 -6.22
N THR B 62 20.61 -18.24 -5.48
CA THR B 62 20.50 -18.33 -4.03
C THR B 62 20.13 -16.98 -3.42
N MET B 63 20.73 -15.90 -3.92
CA MET B 63 20.38 -14.54 -3.48
C MET B 63 18.88 -14.22 -3.62
N VAL B 64 18.33 -14.53 -4.79
CA VAL B 64 16.90 -14.22 -5.09
C VAL B 64 15.94 -15.06 -4.26
N LYS B 65 16.29 -16.34 -4.10
CA LYS B 65 15.50 -17.26 -3.29
C LYS B 65 15.50 -16.82 -1.82
N GLN B 66 16.66 -16.47 -1.29
CA GLN B 66 16.78 -16.19 0.14
C GLN B 66 16.27 -14.83 0.58
N THR B 67 16.19 -13.86 -0.34
CA THR B 67 15.81 -12.49 0.01
C THR B 67 14.53 -11.95 -0.67
N ASP B 68 14.08 -12.59 -1.74
CA ASP B 68 12.75 -12.34 -2.35
C ASP B 68 12.52 -10.91 -2.91
N PRO B 69 13.42 -10.47 -3.78
CA PRO B 69 13.19 -9.17 -4.44
C PRO B 69 12.09 -9.24 -5.50
N ASP B 70 11.53 -8.10 -5.80
CA ASP B 70 10.57 -8.01 -6.86
C ASP B 70 11.31 -7.78 -8.17
N LEU B 71 12.54 -7.29 -8.06
CA LEU B 71 13.30 -6.92 -9.23
C LEU B 71 14.79 -6.99 -8.93
N VAL B 72 15.56 -7.52 -9.90
CA VAL B 72 17.00 -7.52 -9.85
C VAL B 72 17.60 -6.57 -10.92
N VAL B 73 18.52 -5.71 -10.48
CA VAL B 73 19.30 -4.86 -11.37
C VAL B 73 20.61 -5.60 -11.68
N ILE B 74 20.86 -5.80 -12.96
CA ILE B 74 22.06 -6.45 -13.47
C ILE B 74 23.01 -5.41 -14.14
N ALA B 75 24.17 -5.24 -13.55
CA ALA B 75 25.17 -4.31 -14.03
C ALA B 75 26.52 -5.05 -14.20
N THR B 76 26.51 -6.04 -15.09
CA THR B 76 27.62 -6.97 -15.32
C THR B 76 28.41 -6.68 -16.59
N ASN B 77 27.76 -6.83 -17.72
CA ASN B 77 28.42 -6.88 -19.04
C ASN B 77 27.54 -6.15 -20.05
N SER B 78 28.15 -5.81 -21.17
CA SER B 78 27.52 -5.02 -22.23
C SER B 78 26.74 -5.83 -23.25
N PHE B 79 27.11 -7.08 -23.40
CA PHE B 79 26.75 -7.86 -24.60
C PHE B 79 25.60 -8.80 -24.36
N ILE B 80 24.67 -8.86 -25.31
CA ILE B 80 23.45 -9.70 -25.18
C ILE B 80 23.83 -11.17 -25.04
N SER B 81 24.78 -11.62 -25.87
CA SER B 81 25.33 -12.98 -25.84
C SER B 81 25.77 -13.44 -24.45
N VAL B 82 26.15 -12.51 -23.58
CA VAL B 82 26.51 -12.81 -22.20
C VAL B 82 25.36 -12.60 -21.22
N VAL B 83 24.63 -11.48 -21.35
CA VAL B 83 23.60 -11.18 -20.36
C VAL B 83 22.26 -11.92 -20.60
N LYS B 84 21.97 -12.36 -21.83
CA LYS B 84 20.72 -13.14 -22.08
C LYS B 84 20.45 -14.17 -20.99
N ASP B 85 21.44 -14.97 -20.66
CA ASP B 85 21.29 -16.07 -19.67
C ASP B 85 21.17 -15.56 -18.24
N GLN B 86 21.89 -14.49 -17.91
CA GLN B 86 21.71 -13.78 -16.64
C GLN B 86 20.25 -13.30 -16.44
N ILE B 87 19.69 -12.66 -17.47
CA ILE B 87 18.33 -12.11 -17.40
C ILE B 87 17.32 -13.23 -17.30
N ILE B 88 17.49 -14.23 -18.16
CA ILE B 88 16.57 -15.36 -18.22
C ILE B 88 16.64 -16.13 -16.92
N SER B 89 17.83 -16.27 -16.36
CA SER B 89 17.97 -16.87 -15.03
C SER B 89 17.07 -16.22 -13.93
N ILE B 90 16.94 -14.90 -13.94
CA ILE B 90 16.13 -14.18 -12.96
C ILE B 90 14.65 -14.25 -13.28
N LEU B 91 14.30 -14.23 -14.58
CA LEU B 91 12.88 -14.29 -14.99
C LEU B 91 12.28 -15.65 -14.64
N LYS B 92 13.07 -16.73 -14.77
CA LYS B 92 12.63 -18.08 -14.36
C LYS B 92 12.30 -18.17 -12.85
N GLU B 93 12.86 -17.27 -12.03
CA GLU B 93 12.46 -17.11 -10.65
C GLU B 93 11.28 -16.14 -10.42
N ASN B 94 10.57 -15.76 -11.48
CA ASN B 94 9.39 -14.90 -11.37
C ASN B 94 9.66 -13.49 -10.82
N LYS B 95 10.88 -12.98 -11.08
CA LYS B 95 11.27 -11.64 -10.69
C LYS B 95 11.43 -10.74 -11.92
N ASN B 96 11.25 -9.44 -11.73
CA ASN B 96 11.50 -8.44 -12.77
C ASN B 96 12.98 -8.13 -12.95
N VAL B 97 13.34 -7.55 -14.11
CA VAL B 97 14.74 -7.21 -14.40
C VAL B 97 14.88 -5.82 -15.02
N ILE B 98 15.83 -5.04 -14.49
CA ILE B 98 16.43 -3.91 -15.18
C ILE B 98 17.88 -4.27 -15.40
N THR B 99 18.35 -4.06 -16.61
CA THR B 99 19.80 -4.11 -16.86
C THR B 99 20.33 -2.84 -17.53
N ILE B 100 21.60 -2.56 -17.32
CA ILE B 100 22.24 -1.46 -18.02
C ILE B 100 23.11 -1.98 -19.17
N ALA B 101 23.03 -3.27 -19.50
CA ALA B 101 23.75 -3.75 -20.64
C ALA B 101 23.40 -2.89 -21.88
N GLU B 102 24.41 -2.28 -22.51
CA GLU B 102 24.14 -1.35 -23.57
C GLU B 102 23.34 -1.96 -24.73
N GLU B 103 23.58 -3.24 -25.03
CA GLU B 103 22.86 -3.98 -26.08
C GLU B 103 21.38 -4.30 -25.75
N MET B 104 21.05 -4.28 -24.47
CA MET B 104 19.70 -4.58 -24.03
C MET B 104 18.77 -3.39 -24.10
N ALA B 105 19.31 -2.17 -24.32
CA ALA B 105 18.49 -0.97 -24.56
C ALA B 105 17.52 -1.09 -25.70
N PHE B 106 17.96 -1.64 -26.82
CA PHE B 106 17.03 -1.94 -27.95
C PHE B 106 17.54 -3.08 -28.82
N PRO B 107 17.32 -4.36 -28.40
CA PRO B 107 17.79 -5.52 -29.11
C PRO B 107 16.89 -6.05 -30.24
N PHE B 108 15.71 -5.46 -30.44
CA PHE B 108 14.76 -6.02 -31.43
C PHE B 108 15.22 -6.05 -32.88
N SER B 109 16.12 -5.14 -33.25
CA SER B 109 16.59 -5.07 -34.65
C SER B 109 17.96 -5.75 -34.82
N LYS B 110 18.88 -5.55 -33.86
CA LYS B 110 20.20 -6.20 -33.90
C LYS B 110 20.11 -7.72 -33.75
N ASP B 111 19.31 -8.19 -32.79
CA ASP B 111 19.26 -9.60 -32.37
C ASP B 111 17.83 -10.09 -32.07
N PRO B 112 16.95 -10.13 -33.07
CA PRO B 112 15.52 -10.40 -32.85
C PRO B 112 15.20 -11.73 -32.16
N LYS B 113 15.97 -12.78 -32.44
CA LYS B 113 15.65 -14.10 -31.86
C LYS B 113 15.98 -14.09 -30.36
N ALA B 114 17.06 -13.42 -29.96
CA ALA B 114 17.39 -13.28 -28.51
C ALA B 114 16.36 -12.43 -27.73
N ALA B 115 15.91 -11.35 -28.37
CA ALA B 115 14.87 -10.49 -27.83
C ALA B 115 13.56 -11.23 -27.71
N ASN B 116 13.17 -11.95 -28.77
CA ASN B 116 11.96 -12.83 -28.74
C ASN B 116 12.04 -13.87 -27.63
N GLU B 117 13.21 -14.45 -27.41
CA GLU B 117 13.39 -15.44 -26.33
C GLU B 117 13.18 -14.82 -24.95
N ILE B 118 13.79 -13.65 -24.71
CA ILE B 118 13.67 -12.97 -23.41
C ILE B 118 12.20 -12.56 -23.19
N ASP B 119 11.60 -11.97 -24.22
CA ASP B 119 10.21 -11.55 -24.18
C ASP B 119 9.23 -12.68 -23.85
N THR B 120 9.47 -13.84 -24.47
CA THR B 120 8.64 -15.05 -24.27
C THR B 120 8.75 -15.60 -22.85
N VAL B 121 9.97 -15.73 -22.35
CA VAL B 121 10.17 -16.18 -20.98
C VAL B 121 9.58 -15.17 -19.98
N ALA B 122 9.73 -13.88 -20.28
CA ALA B 122 9.21 -12.84 -19.42
C ALA B 122 7.70 -12.97 -19.29
N LYS B 123 7.02 -13.10 -20.43
CA LYS B 123 5.57 -13.35 -20.49
C LYS B 123 5.12 -14.63 -19.77
N ASP B 124 5.84 -15.74 -19.97
CA ASP B 124 5.51 -17.03 -19.31
C ASP B 124 5.52 -16.93 -17.78
N HIS B 125 6.44 -16.11 -17.24
CA HIS B 125 6.56 -15.94 -15.79
C HIS B 125 5.92 -14.67 -15.24
N ASN B 126 5.16 -13.96 -16.07
CA ASN B 126 4.39 -12.77 -15.65
C ASN B 126 5.27 -11.64 -15.05
N VAL B 127 6.37 -11.32 -15.71
CA VAL B 127 7.29 -10.27 -15.26
C VAL B 127 7.88 -9.52 -16.45
N SER B 128 8.64 -8.47 -16.17
CA SER B 128 9.12 -7.56 -17.22
C SER B 128 10.63 -7.36 -17.15
N VAL B 129 11.22 -6.97 -18.28
CA VAL B 129 12.66 -6.66 -18.39
C VAL B 129 12.83 -5.34 -19.10
N LEU B 130 13.70 -4.49 -18.58
CA LEU B 130 14.11 -3.26 -19.27
C LEU B 130 15.63 -3.07 -19.29
N GLY B 131 16.16 -2.65 -20.43
CA GLY B 131 17.52 -2.17 -20.58
C GLY B 131 17.54 -0.66 -20.60
N THR B 132 18.37 -0.05 -19.78
CA THR B 132 18.41 1.42 -19.66
C THR B 132 19.82 1.90 -19.30
N GLY B 133 19.97 3.17 -18.89
CA GLY B 133 21.28 3.79 -18.69
C GLY B 133 21.28 5.22 -19.21
N VAL B 134 22.41 5.91 -19.03
CA VAL B 134 22.47 7.30 -19.50
C VAL B 134 22.61 7.33 -20.98
N ASN B 135 23.26 6.31 -21.54
CA ASN B 135 23.73 6.29 -22.93
C ASN B 135 24.37 4.96 -23.31
N PRO B 136 23.42 4.07 -24.02
CA PRO B 136 22.03 4.24 -24.40
C PRO B 136 21.09 4.14 -23.20
N GLY B 137 19.93 4.75 -23.37
CA GLY B 137 18.88 4.75 -22.38
C GLY B 137 18.24 6.10 -22.07
N PHE B 138 18.93 7.21 -22.37
CA PHE B 138 18.38 8.53 -22.08
C PHE B 138 18.82 9.58 -23.09
N VAL B 139 20.10 9.96 -23.05
CA VAL B 139 20.54 11.20 -23.73
C VAL B 139 20.47 11.15 -25.24
N LEU B 140 20.88 10.04 -25.85
CA LEU B 140 20.87 9.90 -27.31
C LEU B 140 19.72 9.05 -27.82
N ASP B 141 18.73 8.80 -26.99
CA ASP B 141 17.54 8.09 -27.46
C ASP B 141 16.28 8.65 -26.79
N THR B 142 16.03 8.31 -25.53
CA THR B 142 14.84 8.79 -24.83
C THR B 142 14.63 10.32 -24.92
N LEU B 143 15.71 11.08 -24.65
CA LEU B 143 15.60 12.54 -24.64
C LEU B 143 15.32 13.15 -26.00
N ILE B 144 16.02 12.63 -27.04
CA ILE B 144 15.82 13.03 -28.42
C ILE B 144 14.39 12.74 -28.85
N ILE B 145 13.95 11.52 -28.58
CA ILE B 145 12.65 11.08 -28.96
C ILE B 145 11.56 11.96 -28.34
N THR B 146 11.70 12.27 -27.06
CA THR B 146 10.76 13.13 -26.30
C THR B 146 10.67 14.48 -26.94
N LEU B 147 11.83 15.04 -27.25
CA LEU B 147 11.91 16.32 -27.96
C LEU B 147 11.12 16.34 -29.28
N THR B 148 11.10 15.22 -30.03
CA THR B 148 10.35 15.17 -31.30
C THR B 148 8.84 15.24 -31.06
N GLY B 149 8.42 14.97 -29.83
CA GLY B 149 7.08 15.14 -29.37
C GLY B 149 6.42 16.46 -29.64
N ILE B 150 7.21 17.53 -29.79
CA ILE B 150 6.63 18.80 -30.20
C ILE B 150 6.93 19.13 -31.64
N CYS B 151 7.27 18.17 -32.47
CA CYS B 151 7.48 18.39 -33.90
C CYS B 151 6.32 17.82 -34.71
N LEU B 152 5.98 18.56 -35.77
CA LEU B 152 5.01 18.18 -36.76
C LEU B 152 5.63 17.15 -37.66
N ASN B 153 6.86 17.39 -38.08
CA ASN B 153 7.65 16.37 -38.76
C ASN B 153 9.17 16.59 -38.64
N VAL B 154 9.91 15.48 -38.72
CA VAL B 154 11.34 15.42 -38.43
C VAL B 154 12.01 14.96 -39.72
N GLN B 155 13.01 15.70 -40.21
CA GLN B 155 13.78 15.26 -41.37
C GLN B 155 15.11 14.57 -40.95
N ARG B 156 15.80 15.13 -39.97
CA ARG B 156 17.16 14.69 -39.59
C ARG B 156 17.45 15.02 -38.11
N ILE B 157 18.30 14.21 -37.49
CA ILE B 157 18.71 14.33 -36.12
C ILE B 157 20.23 14.29 -36.07
N LYS B 158 20.82 15.20 -35.33
CA LYS B 158 22.25 15.29 -35.13
C LYS B 158 22.43 15.55 -33.64
N ALA B 159 23.28 14.77 -33.01
CA ALA B 159 23.49 14.92 -31.58
C ALA B 159 24.89 14.54 -31.16
N ALA B 160 25.38 15.23 -30.16
CA ALA B 160 26.71 15.05 -29.59
C ALA B 160 26.78 14.98 -28.10
N ARG B 161 27.57 14.05 -27.62
CA ARG B 161 27.77 13.86 -26.17
C ARG B 161 29.26 13.94 -25.86
N ILE B 162 29.70 15.00 -25.21
CA ILE B 162 31.09 15.09 -24.89
C ILE B 162 31.06 14.67 -23.46
N ASN B 163 31.81 13.59 -23.20
CA ASN B 163 31.66 12.78 -21.97
C ASN B 163 32.98 12.52 -21.21
N ASP B 164 32.83 12.43 -19.90
CA ASP B 164 33.87 12.03 -19.00
C ASP B 164 33.69 10.56 -18.57
N LEU B 165 34.72 9.79 -18.84
CA LEU B 165 34.77 8.36 -18.53
C LEU B 165 35.13 8.01 -17.08
N SER B 166 35.57 9.01 -16.29
CA SER B 166 36.00 8.79 -14.88
C SER B 166 35.12 7.90 -13.99
N PRO B 167 33.78 8.02 -14.12
CA PRO B 167 32.91 7.30 -13.14
C PRO B 167 32.85 5.78 -13.33
N PHE B 168 33.11 5.33 -14.55
CA PHE B 168 32.93 3.92 -14.89
C PHE B 168 34.14 3.03 -14.55
N GLY B 169 33.86 1.76 -14.29
CA GLY B 169 34.88 0.77 -13.94
C GLY B 169 35.62 0.05 -15.05
N PRO B 170 36.56 -0.88 -14.69
CA PRO B 170 37.49 -1.55 -15.62
C PRO B 170 36.83 -2.17 -16.84
N THR B 171 35.61 -2.68 -16.67
CA THR B 171 34.88 -3.23 -17.81
C THR B 171 34.75 -2.23 -18.95
N VAL B 172 34.34 -1.00 -18.65
CA VAL B 172 34.24 0.10 -19.61
C VAL B 172 35.64 0.59 -20.03
N MET B 173 36.60 0.66 -19.10
CA MET B 173 37.91 1.14 -19.45
C MET B 173 38.49 0.25 -20.60
N GLU B 174 38.35 -1.07 -20.44
CA GLU B 174 38.82 -2.01 -21.47
C GLU B 174 38.04 -1.93 -22.81
N THR B 175 36.72 -1.72 -22.76
CA THR B 175 35.91 -1.58 -23.98
C THR B 175 36.24 -0.31 -24.80
N GLN B 176 36.70 0.75 -24.12
CA GLN B 176 37.09 2.00 -24.76
C GLN B 176 38.59 2.12 -25.11
N GLY B 177 39.39 1.11 -24.76
CA GLY B 177 40.82 1.14 -25.03
C GLY B 177 41.58 2.15 -24.20
N VAL B 178 41.09 2.42 -22.98
CA VAL B 178 41.79 3.38 -22.12
C VAL B 178 43.10 2.81 -21.60
N GLY B 179 44.20 3.55 -21.71
CA GLY B 179 45.49 3.10 -21.25
C GLY B 179 46.25 2.27 -22.26
N THR B 180 45.75 2.23 -23.49
CA THR B 180 46.46 1.60 -24.61
C THR B 180 47.40 2.61 -25.26
N THR B 181 48.34 2.12 -26.07
CA THR B 181 49.17 2.98 -26.91
C THR B 181 48.31 3.26 -28.17
N PRO B 182 48.61 4.33 -28.92
CA PRO B 182 47.72 4.61 -30.06
C PRO B 182 47.68 3.51 -31.14
N GLU B 183 48.84 2.90 -31.42
CA GLU B 183 48.95 1.84 -32.40
C GLU B 183 48.17 0.61 -31.95
N GLU B 184 48.31 0.25 -30.67
CA GLU B 184 47.55 -0.83 -30.04
C GLU B 184 46.04 -0.61 -30.10
N PHE B 185 45.63 0.66 -29.88
CA PHE B 185 44.22 1.03 -30.00
C PHE B 185 43.76 0.76 -31.44
N LYS B 186 44.49 1.28 -32.44
CA LYS B 186 44.06 1.15 -33.84
C LYS B 186 44.00 -0.30 -34.32
N GLN B 187 44.94 -1.14 -33.84
CA GLN B 187 44.89 -2.57 -34.11
C GLN B 187 43.71 -3.23 -33.38
N GLY B 188 43.43 -2.80 -32.15
CA GLY B 188 42.29 -3.35 -31.37
C GLY B 188 40.93 -3.09 -31.96
N ILE B 189 40.71 -1.91 -32.58
CA ILE B 189 39.45 -1.62 -33.28
C ILE B 189 39.29 -2.53 -34.51
N LYS B 190 40.37 -2.71 -35.27
CA LYS B 190 40.32 -3.59 -36.46
C LYS B 190 40.07 -5.05 -36.06
N SER B 191 40.77 -5.51 -35.05
CA SER B 191 40.64 -6.88 -34.53
C SER B 191 39.35 -7.18 -33.76
N GLY B 192 38.66 -6.15 -33.25
CA GLY B 192 37.48 -6.36 -32.41
C GLY B 192 37.69 -6.53 -30.90
N LYS B 193 38.93 -6.36 -30.42
CA LYS B 193 39.23 -6.41 -28.98
C LYS B 193 38.81 -5.11 -28.27
N ILE B 194 38.91 -3.97 -28.98
CA ILE B 194 38.44 -2.68 -28.49
C ILE B 194 37.22 -2.35 -29.35
N VAL B 195 36.08 -1.96 -28.77
CA VAL B 195 34.93 -1.55 -29.58
C VAL B 195 34.49 -0.08 -29.37
N GLY B 196 35.09 0.66 -28.45
CA GLY B 196 34.56 1.97 -28.10
C GLY B 196 33.21 1.93 -27.37
N HIS B 197 32.42 2.97 -27.65
CA HIS B 197 31.02 3.09 -27.15
C HIS B 197 30.17 1.97 -27.72
N ILE B 198 29.47 1.32 -26.85
CA ILE B 198 28.54 0.29 -27.23
C ILE B 198 27.17 0.92 -27.04
N GLY B 199 26.35 0.84 -28.05
CA GLY B 199 25.00 1.29 -27.95
C GLY B 199 24.53 2.12 -29.12
N PHE B 200 25.38 2.66 -29.97
CA PHE B 200 24.93 3.51 -31.09
C PHE B 200 23.80 2.85 -31.90
N GLU B 201 23.98 1.59 -32.27
CA GLU B 201 23.03 0.83 -33.09
C GLU B 201 21.68 0.76 -32.36
N GLN B 202 21.73 0.56 -31.04
CA GLN B 202 20.54 0.48 -30.21
C GLN B 202 19.80 1.82 -30.15
N SER B 203 20.53 2.90 -29.94
CA SER B 203 19.93 4.24 -29.87
C SER B 203 19.26 4.57 -31.18
N ILE B 204 19.97 4.31 -32.27
CA ILE B 204 19.50 4.56 -33.63
C ILE B 204 18.20 3.86 -33.90
N HIS B 205 18.11 2.62 -33.49
CA HIS B 205 16.93 1.80 -33.77
C HIS B 205 15.80 2.13 -32.86
N MET B 206 16.07 2.58 -31.65
CA MET B 206 14.98 3.09 -30.81
C MET B 206 14.40 4.38 -31.44
N ILE B 207 15.26 5.31 -31.84
CA ILE B 207 14.78 6.55 -32.43
C ILE B 207 13.94 6.16 -33.63
N ALA B 208 14.50 5.31 -34.50
CA ALA B 208 13.86 4.90 -35.76
C ALA B 208 12.52 4.21 -35.57
N LYS B 209 12.46 3.29 -34.63
CA LYS B 209 11.21 2.64 -34.30
C LYS B 209 10.20 3.67 -33.83
N ALA B 210 10.60 4.57 -32.95
CA ALA B 210 9.68 5.57 -32.39
C ALA B 210 9.12 6.47 -33.46
N LEU B 211 9.93 6.86 -34.45
CA LEU B 211 9.49 7.76 -35.52
C LEU B 211 8.90 7.03 -36.73
N GLY B 212 8.96 5.70 -36.73
CA GLY B 212 8.55 4.90 -37.90
C GLY B 212 9.51 4.97 -39.09
N TRP B 213 10.81 5.18 -38.85
CA TRP B 213 11.81 5.21 -39.92
C TRP B 213 12.44 3.84 -40.12
N GLU B 214 12.82 3.56 -41.36
CA GLU B 214 13.63 2.39 -41.68
C GLU B 214 15.07 2.85 -41.83
N ILE B 215 15.99 2.04 -41.29
CA ILE B 215 17.41 2.28 -41.38
C ILE B 215 18.03 1.10 -42.13
N ASP B 216 18.76 1.36 -43.20
CA ASP B 216 19.41 0.27 -43.95
C ASP B 216 20.93 0.32 -43.95
N ARG B 217 21.52 1.33 -43.32
CA ARG B 217 22.98 1.44 -43.26
C ARG B 217 23.43 2.30 -42.08
N ILE B 218 24.40 1.81 -41.31
CA ILE B 218 25.00 2.53 -40.20
C ILE B 218 26.53 2.47 -40.42
N GLU B 219 27.14 3.64 -40.55
CA GLU B 219 28.57 3.75 -40.66
C GLU B 219 29.13 4.26 -39.34
N GLN B 220 30.24 3.65 -38.92
CA GLN B 220 30.90 4.02 -37.67
C GLN B 220 32.39 4.34 -37.91
N LYS B 221 32.91 5.16 -37.01
CA LYS B 221 34.30 5.56 -37.02
C LYS B 221 34.75 5.74 -35.60
N ARG B 222 35.93 5.19 -35.26
CA ARG B 222 36.48 5.18 -33.93
C ARG B 222 37.95 5.61 -34.00
N GLU B 223 38.27 6.76 -33.41
CA GLU B 223 39.63 7.29 -33.29
C GLU B 223 40.08 7.43 -31.84
N PRO B 224 41.36 7.19 -31.56
CA PRO B 224 41.85 7.34 -30.18
C PRO B 224 42.07 8.80 -29.81
N ILE B 225 41.70 9.18 -28.60
CA ILE B 225 42.02 10.50 -28.01
C ILE B 225 43.29 10.27 -27.18
N ILE B 226 44.39 10.87 -27.63
CA ILE B 226 45.70 10.65 -27.04
C ILE B 226 45.99 11.71 -26.01
N SER B 227 46.25 11.31 -24.78
CA SER B 227 46.59 12.25 -23.73
C SER B 227 47.99 12.82 -23.91
N ASN B 228 48.14 14.10 -23.63
CA ASN B 228 49.47 14.73 -23.45
C ASN B 228 49.85 14.80 -21.96
N VAL B 229 48.90 14.52 -21.05
CA VAL B 229 49.14 14.65 -19.61
C VAL B 229 48.78 13.36 -18.89
N MET B 230 49.14 13.31 -17.61
CA MET B 230 48.92 12.13 -16.77
C MET B 230 47.51 12.24 -16.20
N ARG B 231 46.69 11.20 -16.42
CA ARG B 231 45.32 11.15 -15.94
C ARG B 231 45.07 9.90 -15.07
N GLU B 232 44.77 10.12 -13.81
CA GLU B 232 44.59 9.06 -12.86
C GLU B 232 43.22 9.16 -12.19
N THR B 233 42.42 8.13 -12.40
CA THR B 233 41.09 7.95 -11.89
C THR B 233 41.16 6.85 -10.80
N LYS B 234 40.02 6.60 -10.16
CA LYS B 234 39.84 5.47 -9.24
C LYS B 234 40.20 4.10 -9.80
N TYR B 235 40.02 3.90 -11.09
CA TYR B 235 40.16 2.58 -11.75
C TYR B 235 41.23 2.53 -12.83
N VAL B 236 41.95 3.62 -13.11
CA VAL B 236 42.86 3.65 -14.27
C VAL B 236 43.83 4.81 -14.21
N LYS B 237 45.01 4.62 -14.80
CA LYS B 237 46.07 5.59 -14.91
C LYS B 237 46.54 5.67 -16.35
N VAL B 238 46.29 6.80 -17.00
CA VAL B 238 46.74 7.06 -18.36
C VAL B 238 48.02 7.90 -18.32
N GLN B 239 49.14 7.31 -18.77
CA GLN B 239 50.40 8.08 -18.89
C GLN B 239 50.37 8.96 -20.14
N PRO B 240 51.21 10.02 -20.20
CA PRO B 240 51.30 10.85 -21.41
C PRO B 240 51.60 10.03 -22.65
N GLY B 241 50.96 10.35 -23.77
CA GLY B 241 51.13 9.57 -24.98
C GLY B 241 50.25 8.32 -25.06
N MET B 242 49.58 7.95 -23.97
CA MET B 242 48.63 6.83 -23.99
C MET B 242 47.20 7.35 -24.24
N VAL B 243 46.29 6.42 -24.48
CA VAL B 243 44.98 6.71 -24.97
C VAL B 243 44.05 6.96 -23.77
N ALA B 244 43.39 8.12 -23.77
CA ALA B 244 42.46 8.51 -22.69
C ALA B 244 41.02 8.16 -23.00
N GLY B 245 40.75 7.79 -24.24
CA GLY B 245 39.43 7.40 -24.66
C GLY B 245 39.30 7.38 -26.15
N CYS B 246 38.08 7.17 -26.58
CA CYS B 246 37.77 6.98 -28.01
C CYS B 246 36.79 8.04 -28.50
N ASN B 247 37.06 8.60 -29.66
CA ASN B 247 36.13 9.54 -30.30
C ASN B 247 35.29 8.67 -31.24
N HIS B 248 34.07 8.34 -30.84
CA HIS B 248 33.18 7.45 -31.60
C HIS B 248 32.07 8.22 -32.31
N THR B 249 31.94 8.08 -33.61
CA THR B 249 30.86 8.71 -34.35
C THR B 249 30.08 7.67 -35.13
N ALA B 250 28.83 7.97 -35.40
CA ALA B 250 27.93 7.07 -36.12
C ALA B 250 26.92 7.84 -36.98
N LYS B 251 26.68 7.34 -38.17
CA LYS B 251 25.76 7.91 -39.14
C LYS B 251 24.81 6.82 -39.64
N ALA B 252 23.52 7.09 -39.60
CA ALA B 252 22.52 6.14 -40.04
C ALA B 252 21.81 6.68 -41.25
N PHE B 253 21.64 5.82 -42.25
CA PHE B 253 21.10 6.22 -43.55
C PHE B 253 19.88 5.40 -43.89
N TYR B 254 19.09 5.90 -44.85
CA TYR B 254 18.07 5.05 -45.46
C TYR B 254 18.31 4.74 -46.92
N LYS B 255 18.30 5.68 -47.83
CA LYS B 255 18.71 5.32 -49.23
C LYS B 255 19.68 6.37 -49.63
N ASN B 256 20.83 6.32 -48.98
CA ASN B 256 21.86 7.36 -49.04
C ASN B 256 21.46 8.72 -48.41
N GLU B 257 20.26 8.83 -47.82
CA GLU B 257 19.84 10.01 -47.05
C GLU B 257 20.23 9.85 -45.57
N LEU B 258 21.10 10.73 -45.09
CA LEU B 258 21.51 10.76 -43.68
C LEU B 258 20.30 11.14 -42.79
N LEU B 259 19.87 10.20 -41.91
CA LEU B 259 18.76 10.45 -40.96
C LEU B 259 19.20 10.76 -39.52
N ILE B 260 20.20 10.03 -39.02
CA ILE B 260 20.65 10.25 -37.66
C ILE B 260 22.18 10.33 -37.65
N GLU B 261 22.71 11.29 -36.91
CA GLU B 261 24.13 11.47 -36.76
C GLU B 261 24.52 11.67 -35.30
N LEU B 262 25.31 10.76 -34.77
CA LEU B 262 25.70 10.82 -33.35
C LEU B 262 27.22 10.97 -33.20
N GLU B 263 27.66 11.86 -32.33
CA GLU B 263 29.10 12.04 -32.03
C GLU B 263 29.25 11.71 -30.55
N HIS B 264 30.27 10.98 -30.17
CA HIS B 264 30.40 10.58 -28.75
C HIS B 264 31.86 10.52 -28.34
N PRO B 265 32.58 11.65 -28.38
CA PRO B 265 33.94 11.71 -27.91
C PRO B 265 33.92 11.42 -26.41
N GLN B 266 34.67 10.43 -25.96
CA GLN B 266 34.69 10.04 -24.54
C GLN B 266 36.12 9.96 -24.01
N GLN B 267 36.39 10.53 -22.85
CA GLN B 267 37.70 10.43 -22.24
C GLN B 267 37.65 10.42 -20.76
N VAL B 268 38.65 9.85 -20.12
CA VAL B 268 38.87 10.08 -18.69
C VAL B 268 39.39 11.50 -18.44
N LEU B 269 38.73 12.22 -17.56
CA LEU B 269 39.16 13.50 -17.02
C LEU B 269 39.50 14.49 -18.15
N PRO B 270 38.51 14.80 -19.01
CA PRO B 270 38.67 15.79 -20.05
C PRO B 270 39.19 17.15 -19.54
N HIS B 271 38.83 17.54 -18.35
CA HIS B 271 39.10 18.89 -17.92
C HIS B 271 40.60 19.08 -17.65
N LEU B 272 41.37 18.00 -17.47
CA LEU B 272 42.83 18.13 -17.40
C LEU B 272 43.50 18.72 -18.63
N GLU B 273 42.79 18.75 -19.77
CA GLU B 273 43.26 19.37 -20.99
C GLU B 273 42.24 20.34 -21.60
N ASN B 274 41.42 20.90 -20.70
CA ASN B 274 40.43 21.93 -20.99
C ASN B 274 39.46 21.47 -22.09
N VAL B 275 39.02 20.26 -22.04
CA VAL B 275 38.02 19.80 -22.96
C VAL B 275 36.64 19.99 -22.31
N GLN B 276 35.84 20.84 -22.84
CA GLN B 276 34.51 21.12 -22.37
C GLN B 276 33.47 20.04 -22.72
N THR B 277 32.72 19.60 -21.75
CA THR B 277 31.73 18.63 -21.99
C THR B 277 30.35 19.22 -22.21
N GLY B 278 29.44 18.36 -22.61
CA GLY B 278 28.06 18.69 -22.82
C GLY B 278 27.29 17.77 -23.72
N ASP B 279 25.97 17.89 -23.70
CA ASP B 279 25.05 17.12 -24.50
C ASP B 279 24.33 18.06 -25.40
N TYR B 280 24.43 17.83 -26.71
CA TYR B 280 23.78 18.72 -27.70
C TYR B 280 22.86 17.91 -28.63
N ILE B 281 21.69 18.48 -28.96
CA ILE B 281 20.73 17.84 -29.84
C ILE B 281 20.26 18.88 -30.79
N THR B 282 20.27 18.54 -32.08
CA THR B 282 19.68 19.36 -33.15
C THR B 282 18.72 18.51 -33.97
N ILE B 283 17.42 18.88 -33.92
CA ILE B 283 16.40 18.23 -34.73
C ILE B 283 16.16 19.20 -35.89
N GLN B 284 16.38 18.74 -37.10
CA GLN B 284 15.97 19.49 -38.26
C GLN B 284 14.63 18.96 -38.69
N GLY B 285 13.64 19.83 -38.72
CA GLY B 285 12.30 19.42 -39.04
C GLY B 285 11.40 20.64 -39.08
N ASP B 286 10.13 20.42 -38.75
CA ASP B 286 9.17 21.48 -38.64
C ASP B 286 8.54 21.30 -37.26
N PRO B 287 8.93 22.11 -36.27
CA PRO B 287 10.01 23.10 -36.35
C PRO B 287 11.41 22.47 -36.16
N ASP B 288 12.45 23.29 -36.35
CA ASP B 288 13.83 23.02 -35.95
C ASP B 288 13.96 23.17 -34.43
N ILE B 289 14.71 22.26 -33.80
CA ILE B 289 14.97 22.35 -32.35
C ILE B 289 16.49 22.19 -32.06
N SER B 290 16.98 23.00 -31.14
CA SER B 290 18.39 23.02 -30.85
C SER B 290 18.61 23.13 -29.34
N MET B 291 19.07 22.06 -28.70
CA MET B 291 19.16 21.93 -27.25
C MET B 291 20.64 21.74 -26.89
N GLY B 292 21.06 22.32 -25.77
CA GLY B 292 22.38 22.08 -25.18
C GLY B 292 22.21 21.90 -23.70
N ILE B 293 22.84 20.88 -23.16
CA ILE B 293 22.99 20.77 -21.71
C ILE B 293 24.47 20.91 -21.43
N ASN B 294 24.83 21.82 -20.49
CA ASN B 294 26.24 22.19 -20.21
C ASN B 294 26.52 22.48 -18.73
N PRO B 295 27.38 21.75 -18.01
CA PRO B 295 28.07 20.57 -18.52
C PRO B 295 27.13 19.41 -18.80
N GLU B 296 27.73 18.33 -19.23
CA GLU B 296 27.08 17.10 -19.55
C GLU B 296 26.38 16.42 -18.38
N ILE B 297 25.27 15.77 -18.62
CA ILE B 297 24.69 14.89 -17.60
C ILE B 297 25.81 13.90 -17.20
N PRO B 298 26.23 13.88 -15.92
CA PRO B 298 27.38 13.02 -15.54
C PRO B 298 27.02 11.54 -15.77
N GLY B 299 27.96 10.75 -16.27
CA GLY B 299 27.62 9.44 -16.85
C GLY B 299 27.32 8.41 -15.79
N GLY B 300 28.13 8.46 -14.73
CA GLY B 300 27.98 7.66 -13.54
C GLY B 300 26.66 7.99 -12.88
N LYS B 301 26.56 9.20 -12.39
CA LYS B 301 25.33 9.59 -11.64
C LYS B 301 24.02 9.36 -12.42
N GLY B 302 23.98 9.77 -13.70
CA GLY B 302 22.80 9.56 -14.50
C GLY B 302 22.36 8.11 -14.71
N THR B 303 23.33 7.22 -14.89
CA THR B 303 23.08 5.79 -15.05
C THR B 303 22.53 5.15 -13.80
N ILE B 304 23.17 5.46 -12.69
CA ILE B 304 22.73 5.07 -11.35
C ILE B 304 21.32 5.55 -11.11
N ALA B 305 21.10 6.80 -11.52
CA ALA B 305 19.81 7.49 -11.33
C ALA B 305 18.74 6.87 -12.12
N ILE B 306 18.96 6.70 -13.41
CA ILE B 306 17.90 6.22 -14.32
C ILE B 306 17.57 4.73 -14.04
N ALA B 307 18.60 3.90 -13.76
CA ALA B 307 18.38 2.49 -13.47
C ALA B 307 17.53 2.32 -12.20
N THR B 308 17.75 3.19 -11.23
CA THR B 308 17.03 3.23 -9.93
C THR B 308 15.61 3.76 -10.13
N ASN B 309 15.52 4.91 -10.79
CA ASN B 309 14.27 5.63 -11.01
C ASN B 309 13.26 4.86 -11.82
N MET B 310 13.69 4.02 -12.74
CA MET B 310 12.74 3.18 -13.53
C MET B 310 12.21 1.96 -12.80
N ILE B 311 12.68 1.66 -11.59
CA ILE B 311 12.31 0.39 -10.88
C ILE B 311 10.78 0.22 -10.71
N PRO B 312 10.10 1.19 -10.06
CA PRO B 312 8.65 1.01 -9.87
C PRO B 312 7.88 0.76 -11.15
N SER B 313 8.14 1.53 -12.20
CA SER B 313 7.42 1.37 -13.50
C SER B 313 7.69 0.02 -14.21
N VAL B 314 8.87 -0.55 -14.02
CA VAL B 314 9.18 -1.88 -14.55
C VAL B 314 8.41 -2.94 -13.74
N VAL B 315 8.47 -2.87 -12.40
CA VAL B 315 7.65 -3.78 -11.56
C VAL B 315 6.17 -3.65 -12.00
N GLU B 316 5.69 -2.43 -12.20
CA GLU B 316 4.28 -2.20 -12.45
C GLU B 316 3.85 -2.50 -13.89
N ALA B 317 4.77 -2.69 -14.82
CA ALA B 317 4.43 -2.75 -16.24
C ALA B 317 3.82 -4.07 -16.64
N ARG B 318 3.24 -4.08 -17.84
CA ARG B 318 2.82 -5.31 -18.53
C ARG B 318 4.01 -6.27 -18.71
N PRO B 319 3.73 -7.59 -18.66
CA PRO B 319 4.79 -8.57 -18.87
C PRO B 319 5.50 -8.45 -20.22
N GLY B 320 6.79 -8.76 -20.29
CA GLY B 320 7.54 -8.74 -21.56
C GLY B 320 8.87 -8.01 -21.55
N LEU B 321 9.51 -7.94 -22.71
CA LEU B 321 10.69 -7.13 -22.91
C LEU B 321 10.19 -5.76 -23.29
N LEU B 322 10.40 -4.81 -22.39
CA LEU B 322 10.08 -3.41 -22.64
C LEU B 322 11.28 -2.62 -23.10
N THR B 323 11.03 -1.39 -23.58
CA THR B 323 12.08 -0.40 -23.82
C THR B 323 11.66 0.91 -23.20
N MET B 324 12.57 1.88 -23.18
CA MET B 324 12.23 3.18 -22.58
C MET B 324 10.99 3.81 -23.23
N VAL B 325 10.82 3.59 -24.55
CA VAL B 325 9.72 4.17 -25.29
C VAL B 325 8.34 3.58 -24.94
N ASP B 326 8.30 2.42 -24.30
CA ASP B 326 7.04 1.82 -23.85
C ASP B 326 6.59 2.25 -22.47
N LEU B 327 7.48 2.81 -21.67
CA LEU B 327 7.19 3.05 -20.29
C LEU B 327 6.84 4.52 -20.10
N PRO B 328 6.19 4.87 -18.97
CA PRO B 328 5.91 6.30 -18.70
C PRO B 328 7.19 7.10 -18.50
N ILE B 329 7.04 8.41 -18.41
CA ILE B 329 8.19 9.29 -18.44
C ILE B 329 9.14 9.00 -17.23
N PRO B 330 10.45 9.00 -17.45
CA PRO B 330 11.35 8.91 -16.29
C PRO B 330 11.15 10.03 -15.25
N ARG B 331 11.31 9.75 -13.94
CA ARG B 331 11.34 10.84 -12.93
C ARG B 331 12.20 10.48 -11.72
N ALA B 332 12.70 11.49 -10.99
CA ALA B 332 13.45 11.24 -9.77
C ALA B 332 12.57 10.70 -8.64
N LEU B 333 12.93 9.54 -8.11
CA LEU B 333 12.28 8.98 -6.91
C LEU B 333 12.69 9.75 -5.67
N LEU B 334 11.73 9.89 -4.74
CA LEU B 334 11.90 10.67 -3.53
C LEU B 334 12.89 10.01 -2.60
N ALA B 335 13.83 10.78 -2.05
CA ALA B 335 14.80 10.26 -1.06
C ALA B 335 14.18 10.15 0.35
N SER C 1 3.63 0.90 6.08
CA SER C 1 3.64 1.02 7.57
C SER C 1 2.92 2.27 8.17
N TYR C 2 2.49 1.86 9.24
CA TYR C 2 1.98 2.93 10.14
C TYR C 2 3.08 3.51 11.05
N LYS C 3 3.07 4.83 11.17
CA LYS C 3 4.08 5.59 11.91
C LYS C 3 3.56 5.91 13.29
N VAL C 4 4.41 5.70 14.28
CA VAL C 4 4.02 5.77 15.68
C VAL C 4 4.95 6.63 16.50
N GLY C 5 4.34 7.37 17.41
CA GLY C 5 5.05 8.14 18.41
C GLY C 5 4.80 7.54 19.80
N ILE C 6 5.73 7.76 20.74
CA ILE C 6 5.52 7.37 22.12
C ILE C 6 5.61 8.61 23.02
N TRP C 7 4.69 8.68 24.01
CA TRP C 7 4.64 9.70 25.05
C TRP C 7 4.64 8.86 26.34
N GLY C 8 5.80 8.67 26.92
CA GLY C 8 5.95 7.93 28.18
C GLY C 8 6.91 6.81 27.89
N PHE C 9 8.20 6.99 28.23
CA PHE C 9 9.24 6.00 27.89
C PHE C 9 9.74 5.29 29.14
N GLY C 10 8.80 4.75 29.92
CA GLY C 10 9.13 4.01 31.17
C GLY C 10 9.24 2.55 30.85
N ALA C 11 8.89 1.70 31.81
CA ALA C 11 9.02 0.24 31.57
C ALA C 11 8.16 -0.16 30.34
N MET C 12 6.96 0.41 30.24
CA MET C 12 6.03 -0.03 29.20
C MET C 12 6.31 0.73 27.92
N GLY C 13 6.46 2.05 28.01
CA GLY C 13 6.74 2.85 26.81
C GLY C 13 7.97 2.39 26.05
N SER C 14 9.03 2.10 26.79
CA SER C 14 10.25 1.63 26.20
C SER C 14 10.13 0.23 25.61
N GLY C 15 9.46 -0.68 26.31
CA GLY C 15 9.20 -2.02 25.77
C GLY C 15 8.37 -1.95 24.49
N ILE C 16 7.37 -1.07 24.51
CA ILE C 16 6.52 -0.81 23.34
C ILE C 16 7.38 -0.29 22.15
N ALA C 17 8.26 0.66 22.43
CA ALA C 17 9.14 1.20 21.39
C ALA C 17 9.94 0.08 20.72
N LYS C 18 10.60 -0.71 21.56
CA LYS C 18 11.39 -1.83 21.13
C LYS C 18 10.55 -2.83 20.36
N ASN C 19 9.34 -3.12 20.85
CA ASN C 19 8.44 -4.00 20.10
C ASN C 19 8.05 -3.37 18.72
N ILE C 20 7.78 -2.07 18.70
CA ILE C 20 7.38 -1.44 17.41
C ILE C 20 8.53 -1.65 16.44
N LEU C 21 9.75 -1.32 16.86
CA LEU C 21 10.96 -1.49 16.02
C LEU C 21 11.13 -2.89 15.40
N SER C 22 10.56 -3.92 16.05
CA SER C 22 10.61 -5.29 15.54
C SER C 22 9.58 -5.59 14.42
N LYS C 23 8.57 -4.75 14.26
CA LYS C 23 7.41 -5.11 13.39
C LYS C 23 7.58 -4.72 11.92
N LYS C 24 7.11 -5.60 11.04
CA LYS C 24 7.17 -5.37 9.60
C LYS C 24 6.36 -4.11 9.22
N ASN C 25 5.13 -3.99 9.73
CA ASN C 25 4.23 -2.92 9.25
C ASN C 25 4.05 -1.74 10.18
N LEU C 26 4.96 -1.56 11.15
CA LEU C 26 5.01 -0.32 11.92
C LEU C 26 6.36 0.34 11.77
N LYS C 27 6.44 1.64 12.06
CA LYS C 27 7.70 2.39 12.12
C LYS C 27 7.68 3.33 13.35
N LEU C 28 8.70 3.22 14.19
CA LEU C 28 8.82 4.14 15.33
C LEU C 28 9.42 5.44 14.80
N VAL C 29 8.75 6.55 15.04
CA VAL C 29 9.25 7.83 14.51
C VAL C 29 9.65 8.87 15.52
N GLY C 30 9.08 8.83 16.71
CA GLY C 30 9.45 9.79 17.79
C GLY C 30 8.98 9.39 19.19
N VAL C 31 9.68 9.91 20.20
CA VAL C 31 9.45 9.61 21.59
C VAL C 31 9.60 10.90 22.40
N HIS C 32 8.70 11.11 23.34
CA HIS C 32 8.79 12.19 24.30
C HIS C 32 8.65 11.63 25.70
N ASP C 33 9.50 12.11 26.61
CA ASP C 33 9.35 11.82 28.06
C ASP C 33 9.76 13.09 28.79
N PHE C 34 9.22 13.32 29.98
CA PHE C 34 9.55 14.54 30.73
C PHE C 34 10.70 14.39 31.74
N ARG C 35 11.39 13.25 31.72
CA ARG C 35 12.55 13.02 32.58
C ARG C 35 13.77 13.64 31.92
N GLU C 36 14.45 14.52 32.66
CA GLU C 36 15.65 15.22 32.18
C GLU C 36 16.71 14.24 31.70
N GLU C 37 16.85 13.13 32.40
CA GLU C 37 17.83 12.09 32.07
C GLU C 37 17.65 11.45 30.67
N TYR C 38 16.46 11.56 30.08
CA TYR C 38 16.19 11.02 28.73
C TYR C 38 16.19 12.06 27.60
N ILE C 39 15.72 13.26 27.88
CA ILE C 39 15.54 14.31 26.87
C ILE C 39 16.82 14.51 26.03
N GLU C 40 16.63 14.60 24.72
CA GLU C 40 17.71 14.71 23.70
C GLU C 40 18.61 13.49 23.47
N LYS C 41 18.41 12.40 24.21
CA LYS C 41 19.17 11.18 23.96
C LYS C 41 18.60 10.39 22.80
N ASP C 42 19.42 9.54 22.21
CA ASP C 42 18.96 8.62 21.18
C ASP C 42 18.15 7.44 21.81
N VAL C 43 16.96 7.16 21.27
CA VAL C 43 16.09 6.08 21.79
C VAL C 43 16.77 4.73 21.66
N GLY C 44 17.50 4.51 20.56
CA GLY C 44 18.25 3.28 20.34
C GLY C 44 19.38 3.06 21.33
N GLU C 45 20.03 4.13 21.76
CA GLU C 45 21.08 4.02 22.79
C GLU C 45 20.45 3.73 24.14
N LEU C 46 19.35 4.40 24.44
CA LEU C 46 18.60 4.15 25.68
C LEU C 46 18.06 2.72 25.80
N LEU C 47 17.76 2.06 24.68
CA LEU C 47 17.32 0.65 24.67
C LEU C 47 18.46 -0.37 24.51
N GLY C 48 19.71 0.09 24.46
CA GLY C 48 20.88 -0.76 24.20
C GLY C 48 21.05 -1.29 22.78
N LEU C 49 20.56 -0.57 21.78
CA LEU C 49 20.67 -0.97 20.35
C LEU C 49 21.70 -0.10 19.61
N GLY C 50 21.75 -0.18 18.29
CA GLY C 50 22.75 0.54 17.50
C GLY C 50 22.63 2.05 17.57
N LYS C 51 22.90 2.76 16.47
CA LYS C 51 22.79 4.22 16.46
C LYS C 51 21.36 4.63 16.53
N ILE C 52 20.61 4.49 15.43
CA ILE C 52 19.13 4.68 15.29
C ILE C 52 18.59 6.03 14.81
N GLY C 53 19.07 7.18 15.34
CA GLY C 53 18.65 8.47 14.84
C GLY C 53 17.22 8.86 15.18
N ILE C 54 16.79 8.51 16.39
CA ILE C 54 15.48 8.93 16.94
C ILE C 54 15.76 9.57 18.30
N LYS C 55 15.56 10.89 18.40
CA LYS C 55 15.83 11.62 19.66
C LYS C 55 14.60 11.65 20.53
N VAL C 56 14.80 11.71 21.85
CA VAL C 56 13.69 11.97 22.77
C VAL C 56 13.40 13.46 22.78
N TYR C 57 12.18 13.85 22.44
CA TYR C 57 11.81 15.25 22.36
C TYR C 57 11.45 15.74 23.75
N PRO C 58 11.79 16.99 24.06
CA PRO C 58 11.31 17.61 25.28
C PRO C 58 9.84 17.97 25.31
N ASP C 59 9.19 18.11 24.16
CA ASP C 59 7.80 18.54 24.09
C ASP C 59 7.02 17.55 23.22
N PRO C 60 5.84 17.10 23.70
CA PRO C 60 5.08 16.13 22.88
C PRO C 60 4.56 16.70 21.55
N ILE C 61 4.05 17.93 21.60
CA ILE C 61 3.53 18.61 20.40
C ILE C 61 4.64 18.84 19.37
N THR C 62 5.81 19.25 19.81
CA THR C 62 6.95 19.39 18.91
C THR C 62 7.33 18.05 18.28
N MET C 63 7.31 16.98 19.07
CA MET C 63 7.57 15.62 18.55
C MET C 63 6.62 15.23 17.41
N VAL C 64 5.32 15.46 17.59
CA VAL C 64 4.31 15.06 16.60
C VAL C 64 4.40 15.89 15.32
N LYS C 65 4.64 17.18 15.49
CA LYS C 65 4.84 18.10 14.38
C LYS C 65 6.07 17.71 13.56
N GLN C 66 7.18 17.45 14.23
CA GLN C 66 8.45 17.21 13.52
C GLN C 66 8.59 15.84 12.87
N THR C 67 7.85 14.85 13.33
CA THR C 67 8.02 13.46 12.86
C THR C 67 6.79 12.82 12.21
N ASP C 68 5.60 13.41 12.43
CA ASP C 68 4.36 13.06 11.67
C ASP C 68 3.87 11.62 11.83
N PRO C 69 3.68 11.18 13.08
CA PRO C 69 3.09 9.85 13.29
C PRO C 69 1.59 9.82 12.96
N ASP C 70 1.11 8.66 12.55
CA ASP C 70 -0.34 8.40 12.46
C ASP C 70 -0.98 8.22 13.84
N LEU C 71 -0.17 7.80 14.82
CA LEU C 71 -0.68 7.43 16.11
C LEU C 71 0.40 7.58 17.19
N VAL C 72 0.00 8.09 18.35
CA VAL C 72 0.84 8.18 19.52
C VAL C 72 0.34 7.24 20.62
N VAL C 73 1.25 6.42 21.17
CA VAL C 73 1.01 5.58 22.33
C VAL C 73 1.46 6.37 23.56
N ILE C 74 0.54 6.54 24.49
CA ILE C 74 0.75 7.23 25.77
C ILE C 74 0.81 6.20 26.94
N ALA C 75 1.95 6.11 27.58
CA ALA C 75 2.16 5.23 28.69
C ALA C 75 2.75 6.03 29.89
N THR C 76 1.96 6.99 30.35
CA THR C 76 2.37 7.98 31.35
C THR C 76 1.79 7.68 32.75
N ASN C 77 0.48 7.78 32.85
CA ASN C 77 -0.22 7.81 34.12
C ASN C 77 -1.53 7.00 33.99
N SER C 78 -2.09 6.66 35.15
CA SER C 78 -3.25 5.79 35.24
C SER C 78 -4.58 6.53 35.16
N PHE C 79 -4.58 7.80 35.52
CA PHE C 79 -5.79 8.52 35.89
C PHE C 79 -6.31 9.41 34.80
N ILE C 80 -7.63 9.39 34.56
CA ILE C 80 -8.26 10.18 33.48
C ILE C 80 -8.01 11.66 33.68
N SER C 81 -8.19 12.13 34.91
CA SER C 81 -7.93 13.52 35.32
C SER C 81 -6.57 14.05 34.89
N VAL C 82 -5.59 13.18 34.71
CA VAL C 82 -4.25 13.53 34.23
C VAL C 82 -4.11 13.30 32.72
N VAL C 83 -4.56 12.14 32.22
CA VAL C 83 -4.33 11.83 30.82
C VAL C 83 -5.33 12.49 29.85
N LYS C 84 -6.53 12.88 30.29
CA LYS C 84 -7.50 13.56 29.39
C LYS C 84 -6.83 14.61 28.51
N ASP C 85 -6.04 15.48 29.13
CA ASP C 85 -5.39 16.59 28.42
C ASP C 85 -4.25 16.14 27.53
N GLN C 86 -3.49 15.12 27.97
CA GLN C 86 -2.50 14.46 27.12
C GLN C 86 -3.13 13.90 25.80
N ILE C 87 -4.26 13.21 25.94
CA ILE C 87 -4.92 12.58 24.79
C ILE C 87 -5.48 13.64 23.87
N ILE C 88 -6.16 14.62 24.47
CA ILE C 88 -6.79 15.69 23.72
C ILE C 88 -5.74 16.51 23.02
N SER C 89 -4.61 16.74 23.69
CA SER C 89 -3.44 17.38 23.05
C SER C 89 -3.03 16.76 21.70
N ILE C 90 -3.01 15.42 21.62
CA ILE C 90 -2.61 14.71 20.43
C ILE C 90 -3.72 14.69 19.37
N LEU C 91 -4.98 14.59 19.81
CA LEU C 91 -6.11 14.58 18.87
C LEU C 91 -6.24 15.91 18.14
N LYS C 92 -5.99 17.01 18.85
CA LYS C 92 -5.98 18.37 18.23
C LYS C 92 -4.90 18.52 17.12
N GLU C 93 -3.86 17.68 17.14
CA GLU C 93 -2.92 17.55 16.03
C GLU C 93 -3.32 16.53 14.96
N ASN C 94 -4.57 16.07 14.96
CA ASN C 94 -5.09 15.16 13.93
C ASN C 94 -4.40 13.78 13.90
N LYS C 95 -3.92 13.33 15.05
CA LYS C 95 -3.28 12.00 15.18
C LYS C 95 -4.16 11.06 16.02
N ASN C 96 -4.03 9.76 15.78
CA ASN C 96 -4.71 8.75 16.60
C ASN C 96 -3.99 8.50 17.93
N VAL C 97 -4.70 7.91 18.89
CA VAL C 97 -4.15 7.63 20.22
C VAL C 97 -4.51 6.22 20.72
N ILE C 98 -3.50 5.51 21.22
CA ILE C 98 -3.66 4.39 22.12
C ILE C 98 -3.05 4.80 23.43
N THR C 99 -3.77 4.55 24.52
CA THR C 99 -3.18 4.67 25.84
C THR C 99 -3.35 3.40 26.68
N ILE C 100 -2.44 3.19 27.63
CA ILE C 100 -2.61 2.12 28.57
C ILE C 100 -3.10 2.63 29.93
N ALA C 101 -3.48 3.90 30.02
CA ALA C 101 -4.03 4.39 31.25
C ALA C 101 -5.19 3.48 31.68
N GLU C 102 -5.10 2.92 32.88
CA GLU C 102 -6.10 1.93 33.29
C GLU C 102 -7.54 2.47 33.26
N GLU C 103 -7.71 3.75 33.60
CA GLU C 103 -9.01 4.42 33.58
C GLU C 103 -9.60 4.69 32.18
N MET C 104 -8.73 4.69 31.18
CA MET C 104 -9.14 4.94 29.81
C MET C 104 -9.68 3.70 29.11
N ALA C 105 -9.50 2.52 29.70
CA ALA C 105 -10.07 1.26 29.16
C ALA C 105 -11.56 1.29 29.03
N PHE C 106 -12.26 1.82 30.02
CA PHE C 106 -13.73 2.06 29.88
C PHE C 106 -14.24 3.18 30.76
N PRO C 107 -14.10 4.46 30.33
CA PRO C 107 -14.52 5.62 31.11
C PRO C 107 -16.01 6.02 30.96
N PHE C 108 -16.78 5.37 30.09
CA PHE C 108 -18.16 5.83 29.81
C PHE C 108 -19.14 5.82 30.96
N SER C 109 -18.91 4.95 31.94
CA SER C 109 -19.83 4.84 33.10
C SER C 109 -19.29 5.58 34.32
N LYS C 110 -17.97 5.48 34.59
CA LYS C 110 -17.36 6.21 35.72
C LYS C 110 -17.39 7.73 35.53
N ASP C 111 -17.03 8.19 34.33
CA ASP C 111 -16.85 9.64 34.04
C ASP C 111 -17.33 10.03 32.66
N PRO C 112 -18.67 9.97 32.45
CA PRO C 112 -19.25 10.21 31.11
C PRO C 112 -18.91 11.56 30.48
N LYS C 113 -18.76 12.63 31.25
CA LYS C 113 -18.49 13.95 30.68
C LYS C 113 -17.06 14.00 30.10
N ALA C 114 -16.10 13.37 30.78
CA ALA C 114 -14.70 13.29 30.26
C ALA C 114 -14.59 12.42 28.97
N ALA C 115 -15.33 11.31 28.98
CA ALA C 115 -15.43 10.44 27.84
C ALA C 115 -16.10 11.12 26.66
N ASN C 116 -17.21 11.79 26.91
CA ASN C 116 -17.92 12.62 25.87
C ASN C 116 -16.99 13.69 25.30
N GLU C 117 -16.18 14.33 26.14
CA GLU C 117 -15.24 15.34 25.66
C GLU C 117 -14.18 14.77 24.73
N ILE C 118 -13.60 13.64 25.12
CA ILE C 118 -12.55 13.00 24.31
C ILE C 118 -13.16 12.53 22.97
N ASP C 119 -14.30 11.88 23.06
CA ASP C 119 -15.02 11.40 21.89
C ASP C 119 -15.36 12.49 20.88
N THR C 120 -15.80 13.64 21.40
CA THR C 120 -16.17 14.82 20.57
C THR C 120 -14.96 15.43 19.86
N VAL C 121 -13.88 15.63 20.58
CA VAL C 121 -12.66 16.14 19.96
C VAL C 121 -12.13 15.12 18.93
N ALA C 122 -12.20 13.83 19.27
CA ALA C 122 -11.72 12.80 18.38
C ALA C 122 -12.47 12.85 17.04
N LYS C 123 -13.80 12.91 17.12
CA LYS C 123 -14.68 13.10 15.95
C LYS C 123 -14.42 14.35 15.14
N ASP C 124 -14.24 15.49 15.83
CA ASP C 124 -13.94 16.78 15.15
C ASP C 124 -12.68 16.74 14.30
N HIS C 125 -11.67 16.00 14.76
CA HIS C 125 -10.40 15.90 14.05
C HIS C 125 -10.23 14.61 13.24
N ASN C 126 -11.30 13.83 13.09
CA ASN C 126 -11.30 12.62 12.26
C ASN C 126 -10.25 11.55 12.67
N VAL C 127 -10.15 11.28 13.97
CA VAL C 127 -9.22 10.30 14.49
C VAL C 127 -9.82 9.53 15.67
N SER C 128 -9.11 8.54 16.16
CA SER C 128 -9.65 7.61 17.15
C SER C 128 -8.72 7.47 18.37
N VAL C 129 -9.32 7.07 19.49
CA VAL C 129 -8.59 6.82 20.75
C VAL C 129 -9.00 5.48 21.30
N LEU C 130 -8.02 4.69 21.75
CA LEU C 130 -8.31 3.48 22.52
C LEU C 130 -7.46 3.36 23.80
N GLY C 131 -8.08 2.92 24.88
CA GLY C 131 -7.41 2.51 26.10
C GLY C 131 -7.34 1.00 26.15
N THR C 132 -6.15 0.46 26.39
CA THR C 132 -5.96 -1.00 26.40
C THR C 132 -4.84 -1.41 27.38
N GLY C 133 -4.35 -2.63 27.29
CA GLY C 133 -3.41 -3.18 28.28
C GLY C 133 -3.76 -4.62 28.62
N VAL C 134 -2.94 -5.25 29.48
CA VAL C 134 -3.22 -6.65 29.80
C VAL C 134 -4.36 -6.73 30.76
N ASN C 135 -4.50 -5.71 31.62
CA ASN C 135 -5.37 -5.74 32.81
C ASN C 135 -5.42 -4.37 33.52
N PRO C 136 -6.58 -3.56 33.09
CA PRO C 136 -7.66 -3.79 32.16
C PRO C 136 -7.21 -3.70 30.71
N GLY C 137 -7.97 -4.37 29.85
CA GLY C 137 -7.75 -4.38 28.40
C GLY C 137 -7.79 -5.75 27.74
N PHE C 138 -7.60 -6.83 28.51
CA PHE C 138 -7.59 -8.15 27.91
C PHE C 138 -8.12 -9.22 28.87
N VAL C 139 -7.37 -9.52 29.92
CA VAL C 139 -7.60 -10.77 30.70
C VAL C 139 -8.88 -10.78 31.49
N LEU C 140 -9.22 -9.66 32.14
CA LEU C 140 -10.43 -9.54 32.96
C LEU C 140 -11.55 -8.77 32.27
N ASP C 141 -11.44 -8.58 30.98
CA ASP C 141 -12.54 -7.94 30.25
C ASP C 141 -12.65 -8.52 28.85
N THR C 142 -11.78 -8.15 27.91
CA THR C 142 -11.84 -8.67 26.54
C THR C 142 -11.94 -10.21 26.46
N LEU C 143 -11.09 -10.90 27.20
CA LEU C 143 -11.07 -12.38 27.13
C LEU C 143 -12.32 -13.03 27.69
N ILE C 144 -12.79 -12.53 28.84
CA ILE C 144 -14.03 -12.97 29.46
C ILE C 144 -15.20 -12.76 28.52
N ILE C 145 -15.28 -11.55 27.95
CA ILE C 145 -16.36 -11.19 27.09
C ILE C 145 -16.41 -12.09 25.87
N THR C 146 -15.24 -12.35 25.26
CA THR C 146 -15.08 -13.24 24.07
C THR C 146 -15.60 -14.60 24.40
N LEU C 147 -15.20 -15.11 25.55
CA LEU C 147 -15.66 -16.42 26.04
C LEU C 147 -17.20 -16.51 26.12
N THR C 148 -17.88 -15.42 26.50
CA THR C 148 -19.34 -15.43 26.56
C THR C 148 -19.98 -15.57 25.17
N GLY C 149 -19.20 -15.31 24.15
CA GLY C 149 -19.53 -15.54 22.76
C GLY C 149 -20.08 -16.88 22.40
N ILE C 150 -19.73 -17.90 23.15
CA ILE C 150 -20.34 -19.21 22.94
C ILE C 150 -21.36 -19.57 24.00
N CYS C 151 -21.89 -18.59 24.73
CA CYS C 151 -22.95 -18.83 25.69
C CYS C 151 -24.32 -18.35 25.19
N LEU C 152 -25.32 -19.15 25.53
CA LEU C 152 -26.71 -18.86 25.28
C LEU C 152 -27.15 -17.80 26.29
N ASN C 153 -26.78 -17.98 27.54
CA ASN C 153 -26.92 -16.91 28.53
C ASN C 153 -25.97 -17.07 29.73
N VAL C 154 -25.65 -15.94 30.36
CA VAL C 154 -24.62 -15.81 31.40
C VAL C 154 -25.35 -15.35 32.66
N GLN C 155 -25.18 -16.05 33.78
CA GLN C 155 -25.72 -15.61 35.06
C GLN C 155 -24.67 -14.84 35.92
N ARG C 156 -23.44 -15.34 35.96
CA ARG C 156 -22.41 -14.85 36.87
C ARG C 156 -20.99 -15.12 36.30
N ILE C 157 -20.04 -14.26 36.67
CA ILE C 157 -18.67 -14.32 36.23
C ILE C 157 -17.77 -14.21 37.46
N LYS C 158 -16.78 -15.08 37.54
CA LYS C 158 -15.81 -15.09 38.62
C LYS C 158 -14.46 -15.31 37.94
N ALA C 159 -13.50 -14.43 38.25
CA ALA C 159 -12.21 -14.53 37.60
C ALA C 159 -11.09 -14.05 38.50
N ALA C 160 -9.96 -14.67 38.35
CA ALA C 160 -8.80 -14.36 39.14
C ALA C 160 -7.51 -14.33 38.34
N ARG C 161 -6.66 -13.40 38.74
CA ARG C 161 -5.37 -13.11 38.10
C ARG C 161 -4.28 -13.13 39.17
N ILE C 162 -3.44 -14.17 39.21
CA ILE C 162 -2.38 -14.18 40.17
C ILE C 162 -1.25 -13.71 39.31
N ASN C 163 -0.67 -12.58 39.71
CA ASN C 163 0.22 -11.77 38.83
C ASN C 163 1.58 -11.41 39.44
N ASP C 164 2.59 -11.30 38.58
CA ASP C 164 3.95 -10.90 38.98
C ASP C 164 4.12 -9.41 38.61
N LEU C 165 4.39 -8.57 39.62
CA LEU C 165 4.63 -7.14 39.46
C LEU C 165 6.00 -6.72 38.92
N SER C 166 6.95 -7.67 38.87
CA SER C 166 8.34 -7.40 38.42
C SER C 166 8.51 -6.55 37.15
N PRO C 167 7.65 -6.74 36.14
CA PRO C 167 7.90 -6.03 34.85
C PRO C 167 7.63 -4.51 34.86
N PHE C 168 6.78 -4.09 35.76
CA PHE C 168 6.32 -2.69 35.77
C PHE C 168 7.22 -1.75 36.54
N GLY C 169 7.23 -0.49 36.13
CA GLY C 169 8.05 0.56 36.74
C GLY C 169 7.51 1.29 37.96
N PRO C 170 8.29 2.28 38.50
CA PRO C 170 8.01 2.98 39.78
C PRO C 170 6.60 3.52 39.91
N THR C 171 6.00 3.96 38.77
CA THR C 171 4.62 4.42 38.80
C THR C 171 3.67 3.39 39.41
N VAL C 172 3.76 2.16 38.94
CA VAL C 172 2.99 1.02 39.45
C VAL C 172 3.46 0.60 40.84
N MET C 173 4.79 0.60 41.09
CA MET C 173 5.28 0.18 42.39
C MET C 173 4.61 1.07 43.47
N GLU C 174 4.59 2.40 43.25
CA GLU C 174 3.96 3.33 44.20
C GLU C 174 2.43 3.16 44.34
N THR C 175 1.73 2.88 43.24
CA THR C 175 0.27 2.65 43.28
C THR C 175 -0.12 1.36 44.05
N GLN C 176 0.75 0.37 44.06
CA GLN C 176 0.52 -0.90 44.77
C GLN C 176 1.14 -0.96 46.20
N GLY C 177 1.81 0.10 46.64
CA GLY C 177 2.43 0.15 47.94
C GLY C 177 3.59 -0.79 48.11
N VAL C 178 4.33 -1.02 47.03
CA VAL C 178 5.48 -1.95 47.10
C VAL C 178 6.63 -1.32 47.89
N GLY C 179 7.18 -2.05 48.86
CA GLY C 179 8.28 -1.56 49.66
C GLY C 179 7.86 -0.74 50.87
N THR C 180 6.56 -0.72 51.16
CA THR C 180 6.03 -0.05 52.34
C THR C 180 6.05 -1.03 53.53
N THR C 181 5.92 -0.48 54.75
CA THR C 181 5.73 -1.29 55.94
C THR C 181 4.24 -1.67 55.95
N PRO C 182 3.85 -2.74 56.67
CA PRO C 182 2.43 -3.09 56.60
C PRO C 182 1.47 -2.02 57.16
N GLU C 183 1.87 -1.36 58.26
CA GLU C 183 1.08 -0.30 58.88
C GLU C 183 0.95 0.88 57.94
N GLU C 184 2.06 1.28 57.31
CA GLU C 184 2.08 2.32 56.29
C GLU C 184 1.19 2.02 55.09
N PHE C 185 1.18 0.74 54.68
CA PHE C 185 0.29 0.29 53.61
C PHE C 185 -1.15 0.50 54.04
N LYS C 186 -1.53 0.00 55.22
CA LYS C 186 -2.93 0.09 55.66
C LYS C 186 -3.42 1.53 55.85
N GLN C 187 -2.53 2.40 56.31
CA GLN C 187 -2.83 3.84 56.37
C GLN C 187 -2.91 4.46 55.00
N GLY C 188 -2.07 4.03 54.07
CA GLY C 188 -2.10 4.52 52.66
C GLY C 188 -3.37 4.19 51.91
N ILE C 189 -3.95 3.01 52.12
CA ILE C 189 -5.24 2.65 51.50
C ILE C 189 -6.37 3.55 52.06
N LYS C 190 -6.38 3.76 53.38
CA LYS C 190 -7.39 4.64 54.00
C LYS C 190 -7.27 6.09 53.52
N SER C 191 -6.04 6.60 53.50
CA SER C 191 -5.72 7.95 53.05
C SER C 191 -5.83 8.21 51.56
N GLY C 192 -5.80 7.16 50.72
CA GLY C 192 -5.81 7.34 49.26
C GLY C 192 -4.46 7.52 48.56
N LYS C 193 -3.35 7.38 49.29
CA LYS C 193 -1.99 7.43 48.71
C LYS C 193 -1.65 6.13 47.99
N ILE C 194 -2.13 5.00 48.50
CA ILE C 194 -1.96 3.69 47.89
C ILE C 194 -3.35 3.30 47.40
N VAL C 195 -3.51 2.90 46.13
CA VAL C 195 -4.82 2.45 45.65
C VAL C 195 -4.85 0.97 45.17
N GLY C 196 -3.74 0.26 45.18
CA GLY C 196 -3.70 -1.04 44.53
C GLY C 196 -3.86 -1.03 43.01
N HIS C 197 -4.53 -2.09 42.55
CA HIS C 197 -4.89 -2.27 41.13
C HIS C 197 -5.90 -1.20 40.71
N ILE C 198 -5.60 -0.55 39.61
CA ILE C 198 -6.48 0.41 39.05
C ILE C 198 -7.07 -0.28 37.81
N GLY C 199 -8.37 -0.27 37.70
CA GLY C 199 -9.02 -0.78 36.54
C GLY C 199 -10.21 -1.69 36.79
N PHE C 200 -10.37 -2.25 37.97
CA PHE C 200 -11.51 -3.14 38.25
C PHE C 200 -12.87 -2.56 37.79
N GLU C 201 -13.13 -1.30 38.14
CA GLU C 201 -14.39 -0.62 37.81
C GLU C 201 -14.56 -0.59 36.28
N GLN C 202 -13.46 -0.33 35.57
CA GLN C 202 -13.45 -0.27 34.12
C GLN C 202 -13.75 -1.63 33.48
N SER C 203 -13.10 -2.67 33.99
CA SER C 203 -13.33 -4.04 33.50
C SER C 203 -14.77 -4.44 33.68
N ILE C 204 -15.29 -4.18 34.89
CA ILE C 204 -16.65 -4.49 35.28
C ILE C 204 -17.66 -3.84 34.35
N HIS C 205 -17.42 -2.59 34.02
CA HIS C 205 -18.34 -1.84 33.19
C HIS C 205 -18.23 -2.21 31.74
N MET C 206 -17.05 -2.60 31.29
CA MET C 206 -16.95 -3.16 29.94
C MET C 206 -17.75 -4.47 29.84
N ILE C 207 -17.55 -5.38 30.80
CA ILE C 207 -18.24 -6.66 30.75
C ILE C 207 -19.73 -6.32 30.73
N ALA C 208 -20.17 -5.49 31.67
CA ALA C 208 -21.59 -5.14 31.83
C ALA C 208 -22.22 -4.51 30.60
N LYS C 209 -21.53 -3.56 30.01
CA LYS C 209 -21.98 -2.95 28.78
C LYS C 209 -22.10 -4.01 27.69
N ALA C 210 -21.11 -4.87 27.55
CA ALA C 210 -21.10 -5.89 26.50
C ALA C 210 -22.27 -6.84 26.63
N LEU C 211 -22.61 -7.23 27.87
CA LEU C 211 -23.71 -8.18 28.12
C LEU C 211 -25.07 -7.50 28.29
N GLY C 212 -25.11 -6.17 28.30
CA GLY C 212 -26.33 -5.43 28.63
C GLY C 212 -26.79 -5.50 30.09
N TRP C 213 -25.85 -5.65 31.03
CA TRP C 213 -26.17 -5.66 32.47
C TRP C 213 -26.05 -4.27 33.08
N GLU C 214 -26.86 -3.99 34.09
CA GLU C 214 -26.67 -2.81 34.93
C GLU C 214 -25.95 -3.21 36.20
N ILE C 215 -25.04 -2.37 36.63
CA ILE C 215 -24.30 -2.55 37.89
C ILE C 215 -24.62 -1.34 38.79
N ASP C 216 -25.08 -1.57 40.01
CA ASP C 216 -25.34 -0.46 40.92
C ASP C 216 -24.48 -0.42 42.16
N ARG C 217 -23.60 -1.39 42.34
CA ARG C 217 -22.71 -1.40 43.52
C ARG C 217 -21.45 -2.23 43.24
N ILE C 218 -20.30 -1.67 43.57
CA ILE C 218 -19.00 -2.34 43.46
C ILE C 218 -18.31 -2.21 44.82
N GLU C 219 -18.02 -3.36 45.43
CA GLU C 219 -17.33 -3.42 46.70
C GLU C 219 -15.89 -3.84 46.46
N GLN C 220 -14.95 -3.19 47.14
CA GLN C 220 -13.54 -3.48 47.01
C GLN C 220 -12.89 -3.75 48.38
N LYS C 221 -11.82 -4.53 48.33
CA LYS C 221 -11.02 -4.88 49.47
C LYS C 221 -9.58 -5.00 49.04
N ARG C 222 -8.67 -4.41 49.81
CA ARG C 222 -7.26 -4.29 49.50
C ARG C 222 -6.44 -4.61 50.75
N GLU C 223 -5.68 -5.72 50.71
CA GLU C 223 -4.82 -6.18 51.80
C GLU C 223 -3.35 -6.31 51.35
N PRO C 224 -2.38 -6.01 52.22
CA PRO C 224 -0.98 -6.13 51.85
C PRO C 224 -0.50 -7.57 51.82
N ILE C 225 0.30 -7.93 50.84
CA ILE C 225 1.05 -9.19 50.79
C ILE C 225 2.42 -8.91 51.36
N ILE C 226 2.71 -9.47 52.52
CA ILE C 226 3.91 -9.17 53.30
C ILE C 226 4.99 -10.21 52.98
N SER C 227 6.11 -9.76 52.51
CA SER C 227 7.25 -10.64 52.22
C SER C 227 7.92 -11.16 53.47
N ASN C 228 8.31 -12.42 53.46
CA ASN C 228 9.25 -12.97 54.46
C ASN C 228 10.70 -12.98 53.93
N VAL C 229 10.88 -12.71 52.63
CA VAL C 229 12.20 -12.82 51.98
C VAL C 229 12.53 -11.51 51.26
N MET C 230 13.77 -11.42 50.79
CA MET C 230 14.29 -10.26 50.10
C MET C 230 13.92 -10.42 48.62
N ARG C 231 13.26 -9.41 48.05
CA ARG C 231 12.85 -9.42 46.66
C ARG C 231 13.34 -8.16 45.93
N GLU C 232 14.20 -8.37 44.94
CA GLU C 232 14.83 -7.31 44.24
C GLU C 232 14.57 -7.45 42.73
N THR C 233 13.89 -6.44 42.20
CA THR C 233 13.65 -6.32 40.78
C THR C 233 14.50 -5.19 40.22
N LYS C 234 14.40 -4.96 38.90
CA LYS C 234 14.98 -3.80 38.22
C LYS C 234 14.61 -2.45 38.84
N TYR C 235 13.41 -2.34 39.43
CA TYR C 235 12.89 -1.06 39.89
C TYR C 235 12.62 -0.97 41.38
N VAL C 236 12.84 -2.03 42.15
CA VAL C 236 12.45 -2.03 43.57
C VAL C 236 13.14 -3.12 44.37
N LYS C 237 13.33 -2.84 45.67
CA LYS C 237 13.89 -3.77 46.62
C LYS C 237 12.96 -3.89 47.81
N VAL C 238 12.33 -5.06 47.97
CA VAL C 238 11.48 -5.35 49.13
C VAL C 238 12.29 -6.12 50.18
N GLN C 239 12.54 -5.52 51.33
CA GLN C 239 13.19 -6.20 52.46
C GLN C 239 12.18 -7.11 53.18
N PRO C 240 12.67 -8.12 53.93
CA PRO C 240 11.76 -8.97 54.72
C PRO C 240 10.87 -8.18 55.64
N GLY C 241 9.63 -8.58 55.77
CA GLY C 241 8.66 -7.82 56.57
C GLY C 241 8.04 -6.63 55.86
N MET C 242 8.54 -6.26 54.69
CA MET C 242 7.94 -5.17 53.88
C MET C 242 6.95 -5.75 52.87
N VAL C 243 6.21 -4.86 52.24
CA VAL C 243 5.04 -5.22 51.45
C VAL C 243 5.50 -5.47 50.02
N ALA C 244 5.18 -6.66 49.50
CA ALA C 244 5.56 -7.05 48.13
C ALA C 244 4.47 -6.77 47.11
N GLY C 245 3.29 -6.45 47.59
CA GLY C 245 2.16 -6.14 46.72
C GLY C 245 0.86 -6.12 47.46
N CYS C 246 -0.20 -6.02 46.69
CA CYS C 246 -1.54 -5.86 47.25
C CYS C 246 -2.46 -6.98 46.80
N ASN C 247 -3.27 -7.49 47.70
CA ASN C 247 -4.28 -8.51 47.33
C ASN C 247 -5.58 -7.74 47.15
N HIS C 248 -5.93 -7.44 45.91
CA HIS C 248 -7.11 -6.63 45.54
C HIS C 248 -8.27 -7.49 45.02
N THR C 249 -9.43 -7.39 45.64
CA THR C 249 -10.61 -8.08 45.17
C THR C 249 -11.74 -7.09 44.95
N ALA C 250 -12.65 -7.44 44.05
CA ALA C 250 -13.78 -6.60 43.69
C ALA C 250 -15.02 -7.44 43.35
N LYS C 251 -16.18 -6.99 43.82
CA LYS C 251 -17.45 -7.65 43.63
C LYS C 251 -18.48 -6.65 43.11
N ALA C 252 -19.17 -6.99 42.03
CA ALA C 252 -20.14 -6.08 41.43
C ALA C 252 -21.50 -6.69 41.55
N PHE C 253 -22.46 -5.86 41.97
CA PHE C 253 -23.81 -6.31 42.29
C PHE C 253 -24.82 -5.55 41.48
N TYR C 254 -26.03 -6.11 41.38
CA TYR C 254 -27.15 -5.31 40.85
C TYR C 254 -28.24 -5.00 41.86
N LYS C 255 -28.95 -5.95 42.40
CA LYS C 255 -29.85 -5.59 43.54
C LYS C 255 -29.56 -6.61 44.59
N ASN C 256 -28.36 -6.48 45.16
CA ASN C 256 -27.77 -7.46 46.04
C ASN C 256 -27.41 -8.83 45.41
N GLU C 257 -27.60 -8.98 44.09
CA GLU C 257 -27.19 -10.18 43.35
C GLU C 257 -25.77 -10.01 42.80
N LEU C 258 -24.84 -10.84 43.29
CA LEU C 258 -23.47 -10.83 42.80
C LEU C 258 -23.40 -11.25 41.30
N LEU C 259 -22.97 -10.33 40.43
CA LEU C 259 -22.82 -10.61 38.98
C LEU C 259 -21.37 -10.85 38.52
N ILE C 260 -20.42 -10.06 39.02
CA ILE C 260 -19.05 -10.21 38.62
C ILE C 260 -18.16 -10.23 39.89
N GLU C 261 -17.16 -11.10 39.89
CA GLU C 261 -16.26 -11.24 41.06
C GLU C 261 -14.82 -11.38 40.56
N LEU C 262 -14.01 -10.39 40.84
CA LEU C 262 -12.61 -10.38 40.36
C LEU C 262 -11.61 -10.45 41.52
N GLU C 263 -10.62 -11.32 41.44
CA GLU C 263 -9.57 -11.41 42.47
C GLU C 263 -8.24 -11.08 41.77
N HIS C 264 -7.45 -10.19 42.34
CA HIS C 264 -6.21 -9.81 41.64
C HIS C 264 -5.09 -9.66 42.66
N PRO C 265 -4.64 -10.75 43.31
CA PRO C 265 -3.47 -10.68 44.14
C PRO C 265 -2.23 -10.45 43.25
N GLN C 266 -1.51 -9.36 43.50
CA GLN C 266 -0.32 -8.98 42.72
C GLN C 266 0.89 -8.79 43.64
N GLN C 267 2.03 -9.34 43.28
CA GLN C 267 3.27 -9.14 44.03
C GLN C 267 4.45 -9.16 43.13
N VAL C 268 5.53 -8.53 43.58
CA VAL C 268 6.85 -8.69 42.99
C VAL C 268 7.42 -10.07 43.30
N LEU C 269 7.79 -10.80 42.26
CA LEU C 269 8.54 -12.06 42.35
C LEU C 269 7.84 -13.05 43.29
N PRO C 270 6.58 -13.41 42.96
CA PRO C 270 5.87 -14.45 43.69
C PRO C 270 6.64 -15.76 43.85
N HIS C 271 7.45 -16.13 42.90
CA HIS C 271 8.00 -17.45 42.89
C HIS C 271 9.08 -17.57 43.98
N LEU C 272 9.61 -16.47 44.50
CA LEU C 272 10.50 -16.52 45.67
C LEU C 272 9.88 -17.09 46.92
N GLU C 273 8.54 -17.19 46.98
CA GLU C 273 7.82 -17.82 48.07
C GLU C 273 6.80 -18.86 47.60
N ASN C 274 7.08 -19.40 46.43
CA ASN C 274 6.34 -20.44 45.80
C ASN C 274 4.89 -20.10 45.56
N VAL C 275 4.62 -18.91 45.15
CA VAL C 275 3.27 -18.56 44.81
C VAL C 275 2.94 -18.93 43.33
N GLN C 276 1.93 -19.78 43.18
CA GLN C 276 1.48 -20.19 41.87
C GLN C 276 0.75 -19.04 41.18
N THR C 277 1.15 -18.76 39.98
CA THR C 277 0.64 -17.73 39.16
C THR C 277 -0.35 -18.29 38.11
N GLY C 278 -1.26 -17.45 37.67
CA GLY C 278 -2.18 -17.82 36.64
C GLY C 278 -3.41 -16.98 36.43
N ASP C 279 -4.04 -17.14 35.27
CA ASP C 279 -5.33 -16.46 34.97
C ASP C 279 -6.42 -17.50 34.93
N TYR C 280 -7.51 -17.28 35.68
CA TYR C 280 -8.64 -18.25 35.71
C TYR C 280 -9.96 -17.52 35.49
N ILE C 281 -10.86 -18.12 34.69
CA ILE C 281 -12.16 -17.54 34.41
C ILE C 281 -13.16 -18.62 34.57
N THR C 282 -14.23 -18.33 35.31
CA THR C 282 -15.41 -19.22 35.43
C THR C 282 -16.68 -18.45 35.10
N ILE C 283 -17.34 -18.86 34.01
CA ILE C 283 -18.62 -18.28 33.61
C ILE C 283 -19.67 -19.30 34.07
N GLN C 284 -20.57 -18.85 34.93
CA GLN C 284 -21.73 -19.66 35.25
C GLN C 284 -22.85 -19.19 34.36
N GLY C 285 -23.39 -20.11 33.58
CA GLY C 285 -24.42 -19.76 32.63
C GLY C 285 -24.90 -21.02 31.94
N ASP C 286 -25.34 -20.85 30.71
CA ASP C 286 -25.75 -21.94 29.87
C ASP C 286 -24.97 -21.77 28.57
N PRO C 287 -23.90 -22.53 28.36
CA PRO C 287 -23.31 -23.48 29.33
C PRO C 287 -22.40 -22.78 30.36
N ASP C 288 -21.95 -23.56 31.34
CA ASP C 288 -20.87 -23.20 32.27
C ASP C 288 -19.52 -23.33 31.55
N ILE C 289 -18.62 -22.37 31.78
CA ILE C 289 -17.27 -22.40 31.20
C ILE C 289 -16.19 -22.17 32.29
N SER C 290 -15.12 -22.94 32.19
CA SER C 290 -14.05 -22.85 33.17
C SER C 290 -12.69 -22.92 32.48
N MET C 291 -11.96 -21.81 32.47
CA MET C 291 -10.69 -21.66 31.75
C MET C 291 -9.59 -21.40 32.78
N GLY C 292 -8.40 -21.95 32.55
CA GLY C 292 -7.20 -21.58 33.31
C GLY C 292 -6.06 -21.38 32.34
N ILE C 293 -5.32 -20.32 32.53
CA ILE C 293 -4.06 -20.14 31.80
C ILE C 293 -2.97 -20.21 32.86
N ASN C 294 -1.95 -21.06 32.65
CA ASN C 294 -0.91 -21.37 33.65
C ASN C 294 0.47 -21.60 32.99
N PRO C 295 1.53 -20.81 33.31
CA PRO C 295 1.44 -19.65 34.18
C PRO C 295 0.62 -18.52 33.54
N GLU C 296 0.54 -17.44 34.24
CA GLU C 296 -0.13 -16.24 33.87
C GLU C 296 0.40 -15.57 32.59
N ILE C 297 -0.46 -14.97 31.81
CA ILE C 297 0.03 -14.10 30.73
C ILE C 297 0.94 -13.07 31.40
N PRO C 298 2.24 -13.00 31.02
CA PRO C 298 3.14 -12.05 31.73
C PRO C 298 2.67 -10.60 31.53
N GLY C 299 2.74 -9.79 32.57
CA GLY C 299 1.99 -8.51 32.60
C GLY C 299 2.63 -7.45 31.75
N GLY C 300 3.96 -7.42 31.82
CA GLY C 300 4.81 -6.58 31.01
C GLY C 300 4.63 -6.93 29.56
N LYS C 301 5.06 -8.13 29.20
CA LYS C 301 5.02 -8.55 27.78
C LYS C 301 3.63 -8.42 27.14
N GLY C 302 2.57 -8.88 27.84
CA GLY C 302 1.24 -8.76 27.32
C GLY C 302 0.72 -7.33 27.02
N THR C 303 1.08 -6.41 27.91
CA THR C 303 0.71 -4.99 27.77
C THR C 303 1.41 -4.34 26.59
N ILE C 304 2.71 -4.58 26.51
CA ILE C 304 3.55 -4.16 25.38
C ILE C 304 2.99 -4.70 24.08
N ALA C 305 2.59 -5.97 24.17
CA ALA C 305 2.07 -6.71 23.00
C ALA C 305 0.76 -6.16 22.54
N ILE C 306 -0.19 -6.02 23.46
CA ILE C 306 -1.56 -5.62 23.09
C ILE C 306 -1.59 -4.14 22.63
N ALA C 307 -0.82 -3.26 23.30
CA ALA C 307 -0.79 -1.87 22.93
C ALA C 307 -0.22 -1.69 21.50
N THR C 308 0.76 -2.50 21.16
CA THR C 308 1.41 -2.53 19.83
C THR C 308 0.47 -3.14 18.76
N ASN C 309 -0.07 -4.31 19.09
CA ASN C 309 -0.91 -5.09 18.21
C ASN C 309 -2.19 -4.40 17.82
N MET C 310 -2.74 -3.57 18.68
CA MET C 310 -3.98 -2.81 18.32
C MET C 310 -3.75 -1.60 17.43
N ILE C 311 -2.50 -1.24 17.14
CA ILE C 311 -2.20 0.04 16.38
C ILE C 311 -2.95 0.14 15.04
N PRO C 312 -2.74 -0.84 14.12
CA PRO C 312 -3.39 -0.73 12.81
C PRO C 312 -4.90 -0.56 12.88
N SER C 313 -5.58 -1.34 13.72
CA SER C 313 -7.07 -1.25 13.85
C SER C 313 -7.56 0.09 14.43
N VAL C 314 -6.78 0.73 15.30
CA VAL C 314 -7.11 2.04 15.81
C VAL C 314 -6.93 3.09 14.69
N VAL C 315 -5.79 3.06 13.99
CA VAL C 315 -5.60 3.95 12.82
C VAL C 315 -6.78 3.74 11.83
N GLU C 316 -7.16 2.48 11.59
CA GLU C 316 -8.15 2.18 10.57
C GLU C 316 -9.59 2.40 11.01
N ALA C 317 -9.85 2.63 12.29
CA ALA C 317 -11.22 2.63 12.80
C ALA C 317 -11.95 3.91 12.50
N ARG C 318 -13.27 3.86 12.69
CA ARG C 318 -14.14 5.02 12.72
C ARG C 318 -13.66 6.04 13.78
N PRO C 319 -13.85 7.35 13.49
CA PRO C 319 -13.48 8.37 14.48
C PRO C 319 -14.21 8.24 15.82
N GLY C 320 -13.56 8.60 16.93
CA GLY C 320 -14.19 8.57 18.26
C GLY C 320 -13.40 7.89 19.36
N LEU C 321 -14.00 7.83 20.54
CA LEU C 321 -13.44 7.07 21.66
C LEU C 321 -13.94 5.68 21.52
N LEU C 322 -13.05 4.76 21.19
CA LEU C 322 -13.40 3.33 21.08
C LEU C 322 -13.04 2.57 22.34
N THR C 323 -13.50 1.32 22.42
CA THR C 323 -13.06 0.37 23.44
C THR C 323 -12.71 -0.95 22.78
N MET C 324 -12.13 -1.87 23.54
CA MET C 324 -11.74 -3.16 22.96
C MET C 324 -12.92 -3.89 22.32
N VAL C 325 -14.12 -3.73 22.90
CA VAL C 325 -15.30 -4.40 22.42
C VAL C 325 -15.80 -3.90 21.07
N ASP C 326 -15.38 -2.69 20.65
CA ASP C 326 -15.77 -2.15 19.34
C ASP C 326 -14.85 -2.52 18.20
N LEU C 327 -13.65 -3.00 18.52
CA LEU C 327 -12.64 -3.18 17.50
C LEU C 327 -12.59 -4.65 17.12
N PRO C 328 -12.00 -4.96 15.93
CA PRO C 328 -11.85 -6.37 15.55
C PRO C 328 -10.93 -7.12 16.49
N ILE C 329 -10.86 -8.41 16.30
CA ILE C 329 -10.22 -9.31 17.27
C ILE C 329 -8.72 -8.93 17.45
N PRO C 330 -8.20 -8.91 18.66
CA PRO C 330 -6.74 -8.69 18.80
C PRO C 330 -5.92 -9.81 18.09
N ARG C 331 -4.75 -9.49 17.51
CA ARG C 331 -3.83 -10.54 17.01
C ARG C 331 -2.37 -10.09 17.03
N ALA C 332 -1.43 -11.03 17.08
CA ALA C 332 -0.01 -10.71 17.00
C ALA C 332 0.38 -10.18 15.62
N LEU C 333 0.94 -8.98 15.57
CA LEU C 333 1.55 -8.40 14.34
C LEU C 333 2.86 -9.12 14.01
N LEU C 334 3.08 -9.28 12.70
CA LEU C 334 4.22 -10.03 12.20
C LEU C 334 5.51 -9.27 12.47
N ALA C 335 6.54 -9.95 12.99
CA ALA C 335 7.84 -9.33 13.24
C ALA C 335 8.69 -9.25 11.95
N SER D 1 -35.03 -3.81 16.80
CA SER D 1 -34.37 -5.06 16.95
C SER D 1 -33.59 -5.30 15.68
N TYR D 2 -33.47 -6.54 15.30
CA TYR D 2 -32.86 -6.96 14.09
C TYR D 2 -33.72 -8.16 13.75
N LYS D 3 -34.17 -8.21 12.51
CA LYS D 3 -35.11 -9.23 12.06
C LYS D 3 -34.33 -10.32 11.35
N VAL D 4 -34.65 -11.57 11.70
CA VAL D 4 -33.90 -12.71 11.20
C VAL D 4 -34.78 -13.81 10.64
N GLY D 5 -34.27 -14.39 9.56
CA GLY D 5 -34.86 -15.55 8.93
C GLY D 5 -33.94 -16.76 9.13
N ILE D 6 -34.53 -17.96 9.12
CA ILE D 6 -33.73 -19.19 9.15
C ILE D 6 -34.01 -20.02 7.88
N TRP D 7 -32.95 -20.57 7.30
CA TRP D 7 -33.05 -21.45 6.11
C TRP D 7 -33.03 -22.99 6.40
N GLY D 8 -32.23 -23.51 7.29
CA GLY D 8 -32.33 -24.92 7.69
C GLY D 8 -32.77 -25.03 9.13
N PHE D 9 -33.84 -25.79 9.39
CA PHE D 9 -34.45 -25.91 10.73
C PHE D 9 -34.18 -27.29 11.32
N GLY D 10 -32.91 -27.69 11.33
CA GLY D 10 -32.47 -28.97 11.87
C GLY D 10 -32.08 -28.81 13.32
N ALA D 11 -31.13 -29.61 13.80
CA ALA D 11 -30.71 -29.49 15.20
C ALA D 11 -30.19 -28.05 15.46
N MET D 12 -29.44 -27.50 14.52
CA MET D 12 -28.81 -26.20 14.76
C MET D 12 -29.79 -25.07 14.44
N GLY D 13 -30.44 -25.14 13.28
CA GLY D 13 -31.39 -24.12 12.89
C GLY D 13 -32.51 -23.91 13.89
N SER D 14 -33.05 -25.00 14.41
CA SER D 14 -34.10 -24.92 15.39
C SER D 14 -33.60 -24.41 16.72
N GLY D 15 -32.42 -24.84 17.18
CA GLY D 15 -31.81 -24.28 18.41
C GLY D 15 -31.58 -22.79 18.28
N ILE D 16 -31.08 -22.40 17.10
CA ILE D 16 -30.85 -20.97 16.78
C ILE D 16 -32.19 -20.19 16.82
N ALA D 17 -33.25 -20.73 16.23
CA ALA D 17 -34.56 -20.09 16.25
C ALA D 17 -35.03 -19.83 17.68
N LYS D 18 -34.97 -20.88 18.50
CA LYS D 18 -35.32 -20.82 19.90
C LYS D 18 -34.46 -19.83 20.64
N ASN D 19 -33.16 -19.82 20.36
CA ASN D 19 -32.29 -18.81 20.96
C ASN D 19 -32.66 -17.38 20.49
N ILE D 20 -32.96 -17.21 19.19
CA ILE D 20 -33.34 -15.87 18.70
C ILE D 20 -34.55 -15.41 19.51
N LEU D 21 -35.58 -16.25 19.62
CA LEU D 21 -36.81 -15.93 20.37
C LEU D 21 -36.59 -15.48 21.81
N SER D 22 -35.46 -15.88 22.41
CA SER D 22 -35.10 -15.47 23.77
C SER D 22 -34.49 -14.04 23.85
N LYS D 23 -34.03 -13.48 22.73
CA LYS D 23 -33.21 -12.25 22.77
C LYS D 23 -34.00 -10.95 22.72
N LYS D 24 -33.56 -9.98 23.52
CA LYS D 24 -34.22 -8.67 23.60
C LYS D 24 -34.18 -7.97 22.25
N ASN D 25 -33.00 -7.93 21.60
CA ASN D 25 -32.83 -7.12 20.40
C ASN D 25 -32.84 -7.85 19.06
N LEU D 26 -33.33 -9.09 19.06
CA LEU D 26 -33.60 -9.80 17.81
C LEU D 26 -35.07 -10.16 17.71
N LYS D 27 -35.53 -10.41 16.50
CA LYS D 27 -36.90 -10.91 16.26
C LYS D 27 -36.85 -12.00 15.18
N LEU D 28 -37.39 -13.18 15.50
CA LEU D 28 -37.51 -14.24 14.51
C LEU D 28 -38.70 -13.92 13.63
N VAL D 29 -38.48 -13.86 12.32
CA VAL D 29 -39.54 -13.39 11.40
C VAL D 29 -40.02 -14.45 10.40
N GLY D 30 -39.13 -15.38 10.00
CA GLY D 30 -39.50 -16.51 9.15
C GLY D 30 -38.49 -17.66 9.13
N VAL D 31 -38.96 -18.82 8.71
CA VAL D 31 -38.19 -20.04 8.65
C VAL D 31 -38.57 -20.79 7.38
N HIS D 32 -37.56 -21.34 6.70
CA HIS D 32 -37.77 -22.22 5.56
C HIS D 32 -36.97 -23.51 5.78
N ASP D 33 -37.59 -24.64 5.49
CA ASP D 33 -36.90 -25.95 5.42
C ASP D 33 -37.54 -26.74 4.29
N PHE D 34 -36.81 -27.65 3.66
CA PHE D 34 -37.37 -28.44 2.55
C PHE D 34 -37.94 -29.80 2.96
N ARG D 35 -38.05 -30.06 4.25
CA ARG D 35 -38.66 -31.30 4.76
C ARG D 35 -40.17 -31.15 4.77
N GLU D 36 -40.87 -32.08 4.10
CA GLU D 36 -42.33 -32.09 4.04
C GLU D 36 -42.96 -32.04 5.42
N GLU D 37 -42.38 -32.75 6.37
CA GLU D 37 -42.86 -32.81 7.76
C GLU D 37 -42.92 -31.46 8.48
N TYR D 38 -42.15 -30.46 8.03
CA TYR D 38 -42.14 -29.13 8.64
C TYR D 38 -42.95 -28.06 7.91
N ILE D 39 -42.96 -28.12 6.58
CA ILE D 39 -43.57 -27.10 5.73
C ILE D 39 -45.01 -26.78 6.17
N GLU D 40 -45.32 -25.49 6.26
CA GLU D 40 -46.60 -24.92 6.73
C GLU D 40 -46.95 -25.09 8.22
N LYS D 41 -46.11 -25.77 9.00
CA LYS D 41 -46.35 -25.86 10.43
C LYS D 41 -45.87 -24.61 11.15
N ASP D 42 -46.42 -24.39 12.34
CA ASP D 42 -46.00 -23.30 13.17
C ASP D 42 -44.63 -23.60 13.84
N VAL D 43 -43.68 -22.66 13.76
CA VAL D 43 -42.33 -22.83 14.33
C VAL D 43 -42.39 -23.02 15.84
N GLY D 44 -43.30 -22.28 16.50
CA GLY D 44 -43.51 -22.39 17.93
C GLY D 44 -44.05 -23.75 18.38
N GLU D 45 -44.89 -24.37 17.57
CA GLU D 45 -45.40 -25.70 17.89
C GLU D 45 -44.29 -26.74 17.67
N LEU D 46 -43.52 -26.58 16.59
CA LEU D 46 -42.39 -27.45 16.31
C LEU D 46 -41.30 -27.40 17.40
N LEU D 47 -41.15 -26.27 18.09
CA LEU D 47 -40.19 -26.14 19.21
C LEU D 47 -40.79 -26.45 20.60
N GLY D 48 -42.06 -26.84 20.66
CA GLY D 48 -42.79 -27.05 21.92
C GLY D 48 -43.17 -25.80 22.72
N LEU D 49 -43.35 -24.66 22.06
CA LEU D 49 -43.66 -23.37 22.70
C LEU D 49 -45.12 -22.93 22.44
N GLY D 50 -45.92 -23.82 21.84
CA GLY D 50 -47.23 -23.40 21.34
C GLY D 50 -47.11 -22.45 20.17
N LYS D 51 -48.25 -22.16 19.54
CA LYS D 51 -48.26 -21.38 18.30
C LYS D 51 -47.83 -19.92 18.54
N ILE D 52 -46.98 -19.46 17.65
CA ILE D 52 -46.34 -18.16 17.66
C ILE D 52 -46.75 -17.33 16.40
N GLY D 53 -47.47 -17.96 15.49
CA GLY D 53 -47.86 -17.35 14.23
C GLY D 53 -46.73 -17.13 13.25
N ILE D 54 -45.78 -18.08 13.20
CA ILE D 54 -44.68 -18.06 12.23
C ILE D 54 -44.69 -19.44 11.55
N LYS D 55 -45.07 -19.45 10.26
CA LYS D 55 -45.15 -20.70 9.50
C LYS D 55 -43.81 -20.99 8.82
N VAL D 56 -43.53 -22.29 8.62
CA VAL D 56 -42.37 -22.66 7.82
C VAL D 56 -42.71 -22.51 6.32
N TYR D 57 -41.94 -21.73 5.61
CA TYR D 57 -42.19 -21.47 4.20
C TYR D 57 -41.62 -22.60 3.36
N PRO D 58 -42.32 -22.97 2.28
CA PRO D 58 -41.73 -23.94 1.35
C PRO D 58 -40.62 -23.40 0.47
N ASP D 59 -40.52 -22.08 0.31
CA ASP D 59 -39.52 -21.49 -0.59
C ASP D 59 -38.73 -20.43 0.19
N PRO D 60 -37.39 -20.44 0.09
CA PRO D 60 -36.59 -19.44 0.83
C PRO D 60 -36.81 -18.01 0.33
N ILE D 61 -36.85 -17.82 -0.99
CA ILE D 61 -37.06 -16.49 -1.58
C ILE D 61 -38.43 -15.92 -1.19
N THR D 62 -39.47 -16.75 -1.22
CA THR D 62 -40.79 -16.31 -0.77
C THR D 62 -40.77 -15.91 0.71
N MET D 63 -40.07 -16.68 1.54
CA MET D 63 -39.90 -16.34 2.97
C MET D 63 -39.32 -14.94 3.19
N VAL D 64 -38.23 -14.64 2.47
CA VAL D 64 -37.52 -13.34 2.63
C VAL D 64 -38.36 -12.17 2.14
N LYS D 65 -39.03 -12.38 1.00
CA LYS D 65 -39.90 -11.36 0.42
C LYS D 65 -41.07 -11.06 1.33
N GLN D 66 -41.70 -12.10 1.88
CA GLN D 66 -42.92 -11.91 2.67
C GLN D 66 -42.73 -11.38 4.08
N THR D 67 -41.55 -11.58 4.66
CA THR D 67 -41.32 -11.27 6.08
C THR D 67 -40.20 -10.22 6.33
N ASP D 68 -39.33 -9.99 5.34
CA ASP D 68 -38.37 -8.88 5.35
C ASP D 68 -37.33 -8.88 6.48
N PRO D 69 -36.60 -10.01 6.61
CA PRO D 69 -35.50 -10.02 7.57
C PRO D 69 -34.30 -9.18 7.11
N ASP D 70 -33.47 -8.82 8.06
CA ASP D 70 -32.25 -8.14 7.78
C ASP D 70 -31.19 -9.14 7.48
N LEU D 71 -31.39 -10.34 7.99
CA LEU D 71 -30.38 -11.37 7.90
C LEU D 71 -31.02 -12.75 7.98
N VAL D 72 -30.51 -13.66 7.15
CA VAL D 72 -30.89 -15.04 7.15
C VAL D 72 -29.71 -15.92 7.64
N VAL D 73 -30.00 -16.79 8.60
CA VAL D 73 -29.07 -17.80 9.08
C VAL D 73 -29.36 -19.09 8.30
N ILE D 74 -28.33 -19.60 7.66
CA ILE D 74 -28.36 -20.82 6.86
C ILE D 74 -27.60 -21.94 7.58
N ALA D 75 -28.34 -22.97 7.96
CA ALA D 75 -27.80 -24.09 8.71
C ALA D 75 -28.25 -25.40 7.97
N THR D 76 -27.78 -25.52 6.73
CA THR D 76 -28.15 -26.57 5.80
C THR D 76 -27.05 -27.61 5.62
N ASN D 77 -25.93 -27.20 5.05
CA ASN D 77 -24.91 -28.11 4.56
C ASN D 77 -23.51 -27.56 4.89
N SER D 78 -22.52 -28.43 4.81
CA SER D 78 -21.14 -28.09 5.13
C SER D 78 -20.34 -27.48 3.99
N PHE D 79 -20.73 -27.76 2.77
CA PHE D 79 -19.83 -27.62 1.62
C PHE D 79 -20.13 -26.38 0.81
N ILE D 80 -19.08 -25.66 0.39
CA ILE D 80 -19.22 -24.44 -0.43
C ILE D 80 -20.01 -24.70 -1.71
N SER D 81 -19.63 -25.77 -2.40
CA SER D 81 -20.27 -26.22 -3.64
C SER D 81 -21.80 -26.33 -3.55
N VAL D 82 -22.33 -26.54 -2.34
CA VAL D 82 -23.77 -26.59 -2.11
C VAL D 82 -24.31 -25.26 -1.58
N VAL D 83 -23.64 -24.64 -0.62
CA VAL D 83 -24.18 -23.44 0.00
C VAL D 83 -23.94 -22.15 -0.82
N LYS D 84 -22.93 -22.10 -1.70
CA LYS D 84 -22.68 -20.88 -2.51
C LYS D 84 -23.97 -20.29 -3.07
N ASP D 85 -24.78 -21.14 -3.69
CA ASP D 85 -26.02 -20.66 -4.37
C ASP D 85 -27.12 -20.28 -3.39
N GLN D 86 -27.19 -21.01 -2.27
CA GLN D 86 -28.08 -20.62 -1.16
C GLN D 86 -27.75 -19.18 -0.63
N ILE D 87 -26.47 -18.91 -0.43
CA ILE D 87 -26.03 -17.62 0.12
C ILE D 87 -26.30 -16.54 -0.89
N ILE D 88 -25.89 -16.80 -2.14
CA ILE D 88 -26.01 -15.82 -3.21
C ILE D 88 -27.49 -15.53 -3.47
N SER D 89 -28.33 -16.57 -3.39
CA SER D 89 -29.78 -16.38 -3.44
C SER D 89 -30.33 -15.30 -2.49
N ILE D 90 -29.85 -15.29 -1.26
CA ILE D 90 -30.29 -14.34 -0.24
C ILE D 90 -29.66 -12.95 -0.43
N LEU D 91 -28.40 -12.91 -0.87
CA LEU D 91 -27.74 -11.62 -1.09
C LEU D 91 -28.38 -10.84 -2.25
N LYS D 92 -28.81 -11.55 -3.28
CA LYS D 92 -29.56 -10.93 -4.41
C LYS D 92 -30.89 -10.29 -3.95
N GLU D 93 -31.44 -10.72 -2.82
CA GLU D 93 -32.54 -10.05 -2.16
C GLU D 93 -32.15 -8.97 -1.17
N ASN D 94 -30.90 -8.52 -1.20
CA ASN D 94 -30.43 -7.39 -0.36
C ASN D 94 -30.48 -7.68 1.16
N LYS D 95 -30.34 -8.94 1.54
CA LYS D 95 -30.31 -9.35 2.96
C LYS D 95 -28.91 -9.84 3.33
N ASN D 96 -28.56 -9.72 4.63
CA ASN D 96 -27.30 -10.25 5.15
C ASN D 96 -27.38 -11.76 5.40
N VAL D 97 -26.22 -12.41 5.51
CA VAL D 97 -26.16 -13.87 5.71
C VAL D 97 -25.11 -14.25 6.78
N ILE D 98 -25.54 -15.11 7.72
CA ILE D 98 -24.65 -15.90 8.54
C ILE D 98 -24.90 -17.34 8.17
N THR D 99 -23.82 -18.06 7.94
CA THR D 99 -23.92 -19.52 7.82
C THR D 99 -22.99 -20.26 8.77
N ILE D 100 -23.38 -21.48 9.12
CA ILE D 100 -22.49 -22.32 9.90
C ILE D 100 -21.84 -23.39 9.03
N ALA D 101 -21.98 -23.30 7.71
CA ALA D 101 -21.26 -24.20 6.86
C ALA D 101 -19.77 -24.18 7.22
N GLU D 102 -19.19 -25.34 7.56
CA GLU D 102 -17.83 -25.36 8.02
C GLU D 102 -16.84 -24.79 7.01
N GLU D 103 -17.09 -25.00 5.72
CA GLU D 103 -16.24 -24.47 4.64
C GLU D 103 -16.34 -22.95 4.42
N MET D 104 -17.42 -22.35 4.91
CA MET D 104 -17.60 -20.93 4.76
C MET D 104 -16.86 -20.10 5.82
N ALA D 105 -16.34 -20.76 6.87
CA ALA D 105 -15.54 -20.09 7.89
C ALA D 105 -14.30 -19.37 7.31
N PHE D 106 -13.61 -20.01 6.39
CA PHE D 106 -12.54 -19.33 5.64
C PHE D 106 -12.29 -19.96 4.25
N PRO D 107 -13.11 -19.60 3.24
CA PRO D 107 -13.15 -20.28 1.94
C PRO D 107 -12.16 -19.77 0.88
N PHE D 108 -11.41 -18.72 1.22
CA PHE D 108 -10.51 -18.03 0.30
C PHE D 108 -9.40 -18.87 -0.26
N SER D 109 -8.98 -19.92 0.45
CA SER D 109 -7.87 -20.77 0.00
C SER D 109 -8.36 -22.06 -0.65
N LYS D 110 -9.39 -22.71 -0.08
CA LYS D 110 -9.96 -23.92 -0.67
C LYS D 110 -10.64 -23.65 -2.03
N ASP D 111 -11.44 -22.58 -2.08
CA ASP D 111 -12.30 -22.27 -3.24
C ASP D 111 -12.33 -20.77 -3.58
N PRO D 112 -11.21 -20.21 -4.03
CA PRO D 112 -11.10 -18.76 -4.25
C PRO D 112 -12.12 -18.15 -5.21
N LYS D 113 -12.48 -18.87 -6.27
CA LYS D 113 -13.41 -18.31 -7.28
C LYS D 113 -14.81 -18.21 -6.68
N ALA D 114 -15.22 -19.21 -5.87
CA ALA D 114 -16.53 -19.15 -5.16
C ALA D 114 -16.59 -18.04 -4.10
N ALA D 115 -15.51 -17.86 -3.37
CA ALA D 115 -15.38 -16.80 -2.37
C ALA D 115 -15.40 -15.43 -3.03
N ASN D 116 -14.65 -15.27 -4.13
CA ASN D 116 -14.67 -14.02 -4.93
C ASN D 116 -16.09 -13.72 -5.46
N GLU D 117 -16.81 -14.76 -5.90
CA GLU D 117 -18.18 -14.57 -6.37
C GLU D 117 -19.14 -14.11 -5.28
N ILE D 118 -19.06 -14.72 -4.10
CA ILE D 118 -19.91 -14.37 -2.97
C ILE D 118 -19.60 -12.94 -2.54
N ASP D 119 -18.32 -12.64 -2.39
CA ASP D 119 -17.87 -11.32 -1.98
C ASP D 119 -18.37 -10.21 -2.94
N THR D 120 -18.29 -10.48 -4.24
CA THR D 120 -18.71 -9.53 -5.30
C THR D 120 -20.21 -9.27 -5.28
N VAL D 121 -21.01 -10.33 -5.19
CA VAL D 121 -22.46 -10.18 -5.09
C VAL D 121 -22.84 -9.45 -3.79
N ALA D 122 -22.14 -9.78 -2.70
CA ALA D 122 -22.41 -9.16 -1.41
C ALA D 122 -22.22 -7.65 -1.50
N LYS D 123 -21.07 -7.25 -2.06
CA LYS D 123 -20.76 -5.82 -2.32
C LYS D 123 -21.75 -5.12 -3.24
N ASP D 124 -22.14 -5.77 -4.34
CA ASP D 124 -23.14 -5.20 -5.29
C ASP D 124 -24.47 -4.87 -4.63
N HIS D 125 -24.88 -5.70 -3.67
CA HIS D 125 -26.15 -5.51 -2.97
C HIS D 125 -26.04 -4.88 -1.59
N ASN D 126 -24.85 -4.37 -1.24
CA ASN D 126 -24.63 -3.64 0.02
C ASN D 126 -24.97 -4.46 1.30
N VAL D 127 -24.52 -5.71 1.35
CA VAL D 127 -24.77 -6.60 2.49
C VAL D 127 -23.55 -7.49 2.76
N SER D 128 -23.60 -8.23 3.85
CA SER D 128 -22.44 -8.99 4.32
C SER D 128 -22.78 -10.46 4.54
N VAL D 129 -21.74 -11.30 4.48
CA VAL D 129 -21.84 -12.75 4.75
C VAL D 129 -20.78 -13.17 5.72
N LEU D 130 -21.14 -13.94 6.72
CA LEU D 130 -20.18 -14.55 7.64
C LEU D 130 -20.42 -16.06 7.85
N GLY D 131 -19.33 -16.83 7.82
CA GLY D 131 -19.32 -18.22 8.22
C GLY D 131 -18.79 -18.34 9.65
N THR D 132 -19.51 -19.03 10.53
CA THR D 132 -19.08 -19.15 11.91
C THR D 132 -19.53 -20.49 12.51
N GLY D 133 -19.47 -20.64 13.84
CA GLY D 133 -19.68 -21.92 14.51
C GLY D 133 -18.68 -22.10 15.64
N VAL D 134 -18.81 -23.20 16.37
CA VAL D 134 -17.89 -23.47 17.47
C VAL D 134 -16.57 -23.92 16.93
N ASN D 135 -16.56 -24.63 15.79
CA ASN D 135 -15.42 -25.42 15.28
C ASN D 135 -15.68 -26.03 13.90
N PRO D 136 -15.21 -25.15 12.81
CA PRO D 136 -14.54 -23.88 12.81
C PRO D 136 -15.44 -22.72 13.13
N GLY D 137 -14.83 -21.63 13.64
CA GLY D 137 -15.51 -20.38 13.97
C GLY D 137 -15.17 -19.80 15.33
N PHE D 138 -14.62 -20.59 16.27
CA PHE D 138 -14.31 -20.08 17.60
C PHE D 138 -13.08 -20.77 18.21
N VAL D 139 -13.21 -22.05 18.56
CA VAL D 139 -12.22 -22.66 19.49
C VAL D 139 -10.84 -22.85 18.90
N LEU D 140 -10.78 -23.32 17.67
CA LEU D 140 -9.52 -23.59 16.96
C LEU D 140 -9.16 -22.51 15.95
N ASP D 141 -9.80 -21.37 16.02
CA ASP D 141 -9.40 -20.26 15.16
C ASP D 141 -9.57 -18.93 15.94
N THR D 142 -10.78 -18.42 16.08
CA THR D 142 -11.01 -17.15 16.76
C THR D 142 -10.36 -17.03 18.14
N LEU D 143 -10.54 -18.07 18.97
CA LEU D 143 -9.97 -18.06 20.33
C LEU D 143 -8.44 -18.05 20.37
N ILE D 144 -7.84 -18.87 19.54
CA ILE D 144 -6.36 -18.91 19.37
C ILE D 144 -5.83 -17.57 18.91
N ILE D 145 -6.47 -17.03 17.88
CA ILE D 145 -6.06 -15.78 17.28
C ILE D 145 -6.11 -14.64 18.32
N THR D 146 -7.19 -14.58 19.09
CA THR D 146 -7.37 -13.55 20.11
C THR D 146 -6.31 -13.65 21.17
N LEU D 147 -6.05 -14.89 21.61
CA LEU D 147 -4.93 -15.16 22.53
C LEU D 147 -3.58 -14.61 22.05
N THR D 148 -3.31 -14.64 20.73
CA THR D 148 -1.99 -14.17 20.22
C THR D 148 -1.91 -12.64 20.36
N GLY D 149 -3.06 -11.98 20.56
CA GLY D 149 -3.11 -10.58 20.90
C GLY D 149 -2.23 -10.09 22.03
N ILE D 150 -1.86 -10.97 22.96
CA ILE D 150 -0.90 -10.60 23.98
C ILE D 150 0.46 -11.19 23.76
N CYS D 151 0.78 -11.60 22.54
CA CYS D 151 2.14 -12.09 22.20
C CYS D 151 2.90 -11.06 21.37
N LEU D 152 4.19 -10.99 21.65
CA LEU D 152 5.15 -10.17 20.97
C LEU D 152 5.49 -10.87 19.66
N ASN D 153 5.74 -12.18 19.74
CA ASN D 153 5.84 -12.99 18.53
C ASN D 153 5.48 -14.48 18.76
N VAL D 154 4.97 -15.10 17.71
CA VAL D 154 4.40 -16.45 17.75
C VAL D 154 5.28 -17.30 16.83
N GLN D 155 5.80 -18.41 17.36
CA GLN D 155 6.56 -19.36 16.53
C GLN D 155 5.69 -20.54 16.06
N ARG D 156 4.85 -21.07 16.95
CA ARG D 156 4.10 -22.31 16.68
C ARG D 156 2.79 -22.33 17.51
N ILE D 157 1.78 -23.02 16.99
CA ILE D 157 0.50 -23.20 17.62
C ILE D 157 0.15 -24.68 17.64
N LYS D 158 -0.30 -25.16 18.80
CA LYS D 158 -0.74 -26.53 18.99
C LYS D 158 -2.05 -26.44 19.76
N ALA D 159 -3.06 -27.13 19.29
CA ALA D 159 -4.35 -27.09 19.96
C ALA D 159 -5.14 -28.36 19.77
N ALA D 160 -6.00 -28.65 20.75
CA ALA D 160 -6.77 -29.88 20.79
C ALA D 160 -8.14 -29.62 21.35
N ARG D 161 -9.09 -30.37 20.84
CA ARG D 161 -10.48 -30.38 21.34
C ARG D 161 -10.84 -31.84 21.56
N ILE D 162 -11.15 -32.19 22.79
CA ILE D 162 -11.48 -33.55 23.15
C ILE D 162 -12.90 -33.49 23.59
N ASN D 163 -13.73 -34.33 23.00
CA ASN D 163 -15.15 -34.39 23.41
C ASN D 163 -15.56 -35.83 23.76
N ASP D 164 -16.77 -35.98 24.26
CA ASP D 164 -17.40 -37.24 24.62
C ASP D 164 -18.59 -37.46 23.69
N LEU D 165 -18.53 -38.56 22.91
CA LEU D 165 -19.63 -38.96 21.98
C LEU D 165 -20.83 -39.66 22.65
N SER D 166 -20.72 -40.00 23.94
CA SER D 166 -21.79 -40.74 24.68
C SER D 166 -23.22 -40.28 24.51
N PRO D 167 -23.47 -38.97 24.44
CA PRO D 167 -24.88 -38.50 24.40
C PRO D 167 -25.64 -38.80 23.08
N PHE D 168 -24.90 -38.93 22.01
CA PHE D 168 -25.48 -39.00 20.68
C PHE D 168 -25.90 -40.40 20.23
N GLY D 169 -26.87 -40.41 19.32
CA GLY D 169 -27.37 -41.62 18.68
C GLY D 169 -26.63 -42.16 17.45
N PRO D 170 -27.17 -43.27 16.86
CA PRO D 170 -26.50 -44.08 15.81
C PRO D 170 -25.97 -43.29 14.63
N THR D 171 -26.68 -42.22 14.28
CA THR D 171 -26.23 -41.37 13.18
C THR D 171 -24.80 -40.85 13.42
N VAL D 172 -24.55 -40.32 14.61
CA VAL D 172 -23.22 -39.86 15.02
C VAL D 172 -22.27 -41.04 15.27
N MET D 173 -22.75 -42.14 15.85
CA MET D 173 -21.88 -43.29 16.09
C MET D 173 -21.26 -43.72 14.75
N GLU D 174 -22.07 -43.83 13.70
CA GLU D 174 -21.57 -44.23 12.37
C GLU D 174 -20.62 -43.21 11.73
N THR D 175 -20.90 -41.92 11.89
CA THR D 175 -20.02 -40.85 11.34
C THR D 175 -18.62 -40.83 12.01
N GLN D 176 -18.51 -41.25 13.28
CA GLN D 176 -17.21 -41.29 13.94
C GLN D 176 -16.56 -42.67 14.04
N GLY D 177 -17.15 -43.67 13.39
CA GLY D 177 -16.61 -45.03 13.36
C GLY D 177 -16.69 -45.76 14.69
N VAL D 178 -17.58 -45.36 15.57
CA VAL D 178 -17.65 -45.92 16.92
C VAL D 178 -18.33 -47.28 16.83
N GLY D 179 -17.75 -48.28 17.48
CA GLY D 179 -18.33 -49.62 17.51
C GLY D 179 -17.84 -50.49 16.39
N THR D 180 -16.92 -49.97 15.54
CA THR D 180 -16.42 -50.71 14.41
C THR D 180 -15.18 -51.50 14.83
N THR D 181 -14.82 -52.53 14.06
CA THR D 181 -13.49 -53.15 14.17
C THR D 181 -12.53 -52.27 13.36
N PRO D 182 -11.21 -52.44 13.52
CA PRO D 182 -10.30 -51.67 12.69
C PRO D 182 -10.46 -51.81 11.16
N GLU D 183 -10.74 -53.00 10.68
CA GLU D 183 -10.96 -53.20 9.21
C GLU D 183 -12.21 -52.45 8.73
N GLU D 184 -13.28 -52.54 9.50
CA GLU D 184 -14.53 -51.80 9.23
C GLU D 184 -14.32 -50.29 9.30
N PHE D 185 -13.47 -49.83 10.21
CA PHE D 185 -13.08 -48.43 10.27
C PHE D 185 -12.42 -48.02 8.97
N LYS D 186 -11.41 -48.75 8.57
CA LYS D 186 -10.67 -48.43 7.31
C LYS D 186 -11.57 -48.44 6.05
N GLN D 187 -12.50 -49.37 6.00
CA GLN D 187 -13.51 -49.41 4.92
C GLN D 187 -14.50 -48.23 5.02
N GLY D 188 -14.87 -47.83 6.24
CA GLY D 188 -15.75 -46.67 6.45
C GLY D 188 -15.18 -45.31 5.99
N ILE D 189 -13.88 -45.13 6.21
CA ILE D 189 -13.19 -43.91 5.73
C ILE D 189 -13.09 -43.92 4.20
N LYS D 190 -12.82 -45.07 3.59
CA LYS D 190 -12.75 -45.17 2.12
C LYS D 190 -14.12 -44.91 1.48
N SER D 191 -15.16 -45.50 2.05
CA SER D 191 -16.53 -45.33 1.56
C SER D 191 -17.17 -43.96 1.85
N GLY D 192 -16.64 -43.21 2.83
CA GLY D 192 -17.19 -41.90 3.18
C GLY D 192 -18.24 -41.87 4.28
N LYS D 193 -18.55 -43.03 4.89
CA LYS D 193 -19.50 -43.08 6.01
C LYS D 193 -18.84 -42.59 7.32
N ILE D 194 -17.54 -42.81 7.47
CA ILE D 194 -16.76 -42.21 8.55
C ILE D 194 -15.88 -41.13 7.93
N GLY D 196 -15.10 -38.25 10.69
CA GLY D 196 -14.17 -37.24 11.19
C GLY D 196 -14.72 -35.82 11.44
N HIS D 197 -13.92 -34.83 11.03
CA HIS D 197 -14.15 -33.37 11.20
C HIS D 197 -13.92 -32.58 9.91
N ILE D 198 -14.83 -31.66 9.58
CA ILE D 198 -14.70 -30.78 8.46
C ILE D 198 -14.37 -29.41 9.04
N GLY D 199 -13.32 -28.79 8.53
CA GLY D 199 -13.00 -27.44 8.92
C GLY D 199 -11.55 -27.16 9.24
N PHE D 200 -10.73 -28.19 9.42
CA PHE D 200 -9.29 -27.99 9.78
C PHE D 200 -8.59 -27.02 8.82
N GLU D 201 -8.80 -27.20 7.51
CA GLU D 201 -8.14 -26.37 6.49
C GLU D 201 -8.55 -24.91 6.67
N GLN D 202 -9.83 -24.69 7.00
CA GLN D 202 -10.37 -23.37 7.19
C GLN D 202 -9.76 -22.70 8.44
N SER D 203 -9.70 -23.44 9.53
CA SER D 203 -9.13 -22.90 10.78
C SER D 203 -7.68 -22.51 10.59
N ILE D 204 -6.92 -23.41 9.94
CA ILE D 204 -5.52 -23.21 9.67
C ILE D 204 -5.27 -21.92 8.89
N HIS D 205 -6.08 -21.69 7.88
CA HIS D 205 -5.90 -20.57 7.00
C HIS D 205 -6.38 -19.28 7.61
N MET D 206 -7.39 -19.36 8.47
CA MET D 206 -7.75 -18.17 9.24
C MET D 206 -6.62 -17.76 10.19
N ILE D 207 -6.06 -18.73 10.94
CA ILE D 207 -5.00 -18.39 11.88
C ILE D 207 -3.89 -17.76 11.06
N ALA D 208 -3.49 -18.43 9.97
CA ALA D 208 -2.35 -17.99 9.14
C ALA D 208 -2.54 -16.60 8.54
N LYS D 209 -3.72 -16.35 8.00
CA LYS D 209 -4.03 -15.04 7.47
C LYS D 209 -3.92 -13.99 8.57
N ALA D 210 -4.50 -14.27 9.74
CA ALA D 210 -4.50 -13.31 10.85
C ALA D 210 -3.09 -12.98 11.32
N LEU D 211 -2.21 -13.97 11.35
CA LEU D 211 -0.82 -13.77 11.82
C LEU D 211 0.16 -13.37 10.71
N GLY D 212 -0.32 -13.33 9.47
CA GLY D 212 0.52 -13.02 8.32
C GLY D 212 1.46 -14.16 7.90
N TRP D 213 1.11 -15.40 8.16
CA TRP D 213 1.95 -16.57 7.81
C TRP D 213 1.51 -17.14 6.48
N GLU D 214 2.46 -17.67 5.70
CA GLU D 214 2.15 -18.47 4.54
C GLU D 214 2.24 -19.95 4.89
N ILE D 215 1.28 -20.69 4.36
CA ILE D 215 1.15 -22.11 4.55
C ILE D 215 1.24 -22.78 3.18
N ASP D 216 2.17 -23.72 3.01
CA ASP D 216 2.30 -24.40 1.73
C ASP D 216 1.99 -25.89 1.76
N ARG D 217 1.67 -26.44 2.92
CA ARG D 217 1.35 -27.86 3.02
C ARG D 217 0.50 -28.13 4.28
N ILE D 218 -0.59 -28.88 4.11
CA ILE D 218 -1.43 -29.31 5.22
C ILE D 218 -1.60 -30.83 5.10
N GLU D 219 -1.15 -31.55 6.12
CA GLU D 219 -1.28 -32.99 6.17
C GLU D 219 -2.37 -33.35 7.16
N GLN D 220 -3.23 -34.28 6.77
CA GLN D 220 -4.36 -34.72 7.59
C GLN D 220 -4.40 -36.22 7.70
N LYS D 221 -4.93 -36.66 8.83
CA LYS D 221 -4.87 -38.07 9.22
C LYS D 221 -6.13 -38.33 10.03
N ARG D 222 -6.78 -39.44 9.71
CA ARG D 222 -7.90 -39.96 10.51
C ARG D 222 -7.57 -41.36 10.94
N GLU D 223 -7.40 -41.50 12.27
CA GLU D 223 -6.98 -42.73 12.91
C GLU D 223 -8.13 -43.17 13.82
N PRO D 224 -8.32 -44.52 13.90
CA PRO D 224 -9.23 -45.07 14.88
C PRO D 224 -8.63 -44.92 16.31
N ILE D 225 -9.49 -44.55 17.27
CA ILE D 225 -9.12 -44.55 18.69
C ILE D 225 -9.59 -45.92 19.17
N ILE D 226 -8.61 -46.79 19.47
CA ILE D 226 -8.83 -48.20 19.68
C ILE D 226 -8.93 -48.38 21.18
N SER D 227 -10.07 -48.90 21.65
CA SER D 227 -10.29 -49.02 23.07
C SER D 227 -9.51 -50.22 23.60
N ASN D 228 -8.94 -50.05 24.80
CA ASN D 228 -8.37 -51.13 25.58
C ASN D 228 -9.39 -51.60 26.63
N VAL D 229 -10.51 -50.90 26.81
CA VAL D 229 -11.51 -51.25 27.82
C VAL D 229 -12.89 -51.36 27.18
N MET D 230 -13.85 -51.80 27.98
CA MET D 230 -15.22 -52.05 27.53
C MET D 230 -15.97 -50.73 27.73
N ARG D 231 -16.61 -50.23 26.68
CA ARG D 231 -17.42 -49.00 26.72
C ARG D 231 -18.83 -49.19 26.22
N GLU D 232 -19.80 -48.99 27.09
CA GLU D 232 -21.20 -49.25 26.78
C GLU D 232 -22.05 -48.01 27.02
N THR D 233 -22.68 -47.55 25.94
CA THR D 233 -23.68 -46.49 26.00
C THR D 233 -25.06 -47.07 25.73
N LYS D 234 -26.08 -46.23 25.76
CA LYS D 234 -27.44 -46.56 25.29
C LYS D 234 -27.52 -47.09 23.86
N TYR D 235 -26.59 -46.66 22.99
CA TYR D 235 -26.65 -46.95 21.56
C TYR D 235 -25.49 -47.77 21.00
N VAL D 236 -24.53 -48.16 21.84
CA VAL D 236 -23.33 -48.83 21.34
C VAL D 236 -22.59 -49.54 22.45
N LYS D 237 -21.93 -50.63 22.07
CA LYS D 237 -21.05 -51.39 22.97
C LYS D 237 -19.72 -51.59 22.28
N VAL D 238 -18.69 -50.94 22.78
CA VAL D 238 -17.33 -51.10 22.26
C VAL D 238 -16.58 -52.12 23.14
N GLN D 239 -16.28 -53.29 22.58
CA GLN D 239 -15.44 -54.30 23.24
C GLN D 239 -13.97 -53.87 23.12
N PRO D 240 -13.08 -54.37 24.01
CA PRO D 240 -11.65 -54.08 23.86
C PRO D 240 -11.13 -54.47 22.47
N GLY D 241 -10.25 -53.65 21.91
CA GLY D 241 -9.77 -53.85 20.56
C GLY D 241 -10.68 -53.34 19.45
N MET D 242 -11.91 -52.94 19.78
CA MET D 242 -12.79 -52.23 18.82
C MET D 242 -12.62 -50.69 18.97
N VAL D 243 -13.21 -50.00 18.03
CA VAL D 243 -12.96 -48.58 17.83
C VAL D 243 -13.96 -47.79 18.62
N ALA D 244 -13.48 -46.87 19.47
CA ALA D 244 -14.36 -45.99 20.31
C ALA D 244 -14.60 -44.63 19.69
N GLY D 245 -13.88 -44.35 18.60
CA GLY D 245 -14.07 -43.09 17.89
C GLY D 245 -12.95 -42.79 16.93
N CYS D 246 -12.97 -41.58 16.42
CA CYS D 246 -12.04 -41.15 15.37
C CYS D 246 -11.23 -39.97 15.84
N ASN D 247 -9.93 -40.04 15.65
CA ASN D 247 -9.03 -38.93 16.00
C ASN D 247 -8.57 -38.29 14.69
N HIS D 248 -9.11 -37.12 14.37
CA HIS D 248 -8.72 -36.36 13.16
C HIS D 248 -7.69 -35.33 13.59
N THR D 249 -6.50 -35.42 13.03
CA THR D 249 -5.44 -34.50 13.32
C THR D 249 -5.04 -33.80 12.03
N ALA D 250 -4.48 -32.59 12.15
CA ALA D 250 -3.97 -31.85 11.03
C ALA D 250 -2.71 -31.04 11.41
N LYS D 251 -1.76 -30.99 10.47
CA LYS D 251 -0.49 -30.32 10.62
C LYS D 251 -0.26 -29.40 9.43
N ALA D 252 0.09 -28.14 9.69
CA ALA D 252 0.31 -27.18 8.63
C ALA D 252 1.76 -26.74 8.66
N PHE D 253 2.37 -26.71 7.48
CA PHE D 253 3.79 -26.46 7.34
C PHE D 253 4.05 -25.26 6.47
N TYR D 254 5.27 -24.72 6.56
CA TYR D 254 5.73 -23.79 5.54
C TYR D 254 6.89 -24.30 4.69
N LYS D 255 8.07 -24.50 5.21
CA LYS D 255 9.12 -25.11 4.35
C LYS D 255 9.74 -26.15 5.22
N ASN D 256 8.98 -27.19 5.46
CA ASN D 256 9.34 -28.21 6.48
C ASN D 256 9.33 -27.72 7.95
N GLU D 257 8.94 -26.47 8.22
CA GLU D 257 8.65 -25.99 9.60
C GLU D 257 7.17 -26.23 9.93
N LEU D 258 6.90 -27.09 10.90
CA LEU D 258 5.55 -27.21 11.47
C LEU D 258 5.12 -25.90 12.17
N LEU D 259 4.07 -25.25 11.66
CA LEU D 259 3.54 -23.99 12.24
C LEU D 259 2.26 -24.16 13.08
N ILE D 260 1.34 -25.00 12.63
CA ILE D 260 0.08 -25.18 13.33
C ILE D 260 -0.23 -26.68 13.42
N GLU D 261 -0.71 -27.12 14.58
CA GLU D 261 -1.01 -28.52 14.83
C GLU D 261 -2.34 -28.63 15.58
N LEU D 262 -3.36 -29.13 14.91
CA LEU D 262 -4.72 -29.31 15.48
C LEU D 262 -5.02 -30.79 15.67
N GLU D 263 -5.75 -31.13 16.70
CA GLU D 263 -6.14 -32.51 17.01
C GLU D 263 -7.62 -32.47 17.41
N HIS D 264 -8.40 -33.48 17.06
CA HIS D 264 -9.80 -33.46 17.48
C HIS D 264 -10.29 -34.91 17.66
N PRO D 265 -9.87 -35.62 18.71
CA PRO D 265 -10.36 -36.95 18.94
C PRO D 265 -11.78 -36.83 19.48
N GLN D 266 -12.66 -37.66 18.95
CA GLN D 266 -14.09 -37.76 19.30
C GLN D 266 -14.31 -39.21 19.67
N GLN D 267 -14.62 -39.50 20.92
CA GLN D 267 -14.84 -40.89 21.34
C GLN D 267 -15.98 -40.99 22.32
N VAL D 268 -16.56 -42.18 22.36
CA VAL D 268 -17.46 -42.54 23.46
C VAL D 268 -16.67 -42.76 24.77
N LEU D 269 -17.13 -42.08 25.83
CA LEU D 269 -16.70 -42.35 27.20
C LEU D 269 -15.20 -42.29 27.35
N PRO D 270 -14.59 -41.13 27.01
CA PRO D 270 -13.14 -40.94 27.21
C PRO D 270 -12.73 -41.18 28.68
N HIS D 271 -13.59 -40.89 29.64
CA HIS D 271 -13.17 -40.95 31.00
C HIS D 271 -12.92 -42.39 31.47
N LEU D 272 -13.41 -43.39 30.76
CA LEU D 272 -13.07 -44.79 31.06
C LEU D 272 -11.62 -45.15 30.88
N GLU D 273 -10.83 -44.28 30.22
CA GLU D 273 -9.38 -44.41 30.12
C GLU D 273 -8.62 -43.14 30.57
N ASN D 274 -9.30 -42.36 31.44
CA ASN D 274 -8.80 -41.12 31.98
C ASN D 274 -8.38 -40.11 30.93
N VAL D 275 -9.13 -40.07 29.84
CA VAL D 275 -8.96 -38.98 28.86
C VAL D 275 -9.96 -37.88 29.27
N GLN D 276 -9.43 -36.68 29.47
CA GLN D 276 -10.23 -35.60 30.00
C GLN D 276 -10.78 -34.84 28.80
N THR D 277 -12.06 -34.59 28.80
CA THR D 277 -12.61 -33.73 27.80
C THR D 277 -12.15 -32.30 28.09
N GLY D 278 -11.96 -31.56 26.99
CA GLY D 278 -11.63 -30.19 27.05
C GLY D 278 -11.12 -29.59 25.75
N ASP D 279 -10.90 -28.27 25.83
CA ASP D 279 -10.21 -27.49 24.80
C ASP D 279 -8.87 -27.05 25.36
N TYR D 280 -7.80 -27.22 24.56
CA TYR D 280 -6.42 -26.93 24.99
C TYR D 280 -5.66 -26.20 23.89
N ILE D 281 -5.01 -25.09 24.28
CA ILE D 281 -4.32 -24.26 23.30
C ILE D 281 -2.98 -23.99 23.89
N THR D 282 -1.95 -24.18 23.06
CA THR D 282 -0.55 -23.87 23.40
C THR D 282 0.04 -22.99 22.31
N ILE D 283 0.41 -21.76 22.68
CA ILE D 283 1.14 -20.85 21.82
C ILE D 283 2.58 -20.93 22.25
N GLN D 284 3.46 -21.34 21.34
CA GLN D 284 4.87 -21.25 21.59
C GLN D 284 5.34 -19.99 20.95
N GLY D 285 5.95 -19.12 21.75
CA GLY D 285 6.38 -17.84 21.25
C GLY D 285 6.98 -17.05 22.36
N ASP D 286 6.83 -15.74 22.26
CA ASP D 286 7.28 -14.83 23.28
C ASP D 286 6.08 -13.98 23.61
N PRO D 287 5.41 -14.25 24.73
CA PRO D 287 5.67 -15.38 25.65
C PRO D 287 5.01 -16.68 25.16
N ASP D 288 5.29 -17.80 25.86
CA ASP D 288 4.52 -19.04 25.75
C ASP D 288 3.18 -18.89 26.49
N ILE D 289 2.10 -19.38 25.87
CA ILE D 289 0.79 -19.41 26.48
C ILE D 289 0.16 -20.82 26.44
N SER D 290 -0.42 -21.21 27.57
CA SER D 290 -0.97 -22.54 27.72
C SER D 290 -2.33 -22.44 28.42
N MET D 291 -3.39 -22.70 27.67
CA MET D 291 -4.77 -22.52 28.12
C MET D 291 -5.45 -23.88 28.09
N GLY D 292 -6.30 -24.13 29.10
CA GLY D 292 -7.17 -25.30 29.12
C GLY D 292 -8.56 -24.88 29.50
N ILE D 293 -9.57 -25.32 28.75
CA ILE D 293 -10.92 -25.20 29.19
C ILE D 293 -11.45 -26.60 29.47
N ASN D 294 -12.06 -26.81 30.64
CA ASN D 294 -12.47 -28.16 31.13
C ASN D 294 -13.78 -28.16 31.89
N PRO D 295 -14.82 -28.89 31.46
CA PRO D 295 -14.84 -29.62 30.20
C PRO D 295 -14.89 -28.66 28.99
N GLU D 296 -14.84 -29.27 27.83
CA GLU D 296 -15.00 -28.67 26.51
C GLU D 296 -16.23 -27.77 26.38
N ILE D 297 -16.08 -26.68 25.62
CA ILE D 297 -17.22 -25.89 25.20
C ILE D 297 -18.16 -26.85 24.42
N PRO D 298 -19.42 -27.01 24.88
CA PRO D 298 -20.33 -27.94 24.18
C PRO D 298 -20.57 -27.49 22.69
N GLY D 299 -20.57 -28.43 21.77
CA GLY D 299 -20.52 -28.11 20.36
C GLY D 299 -21.82 -27.60 19.81
N GLY D 300 -22.93 -28.20 20.25
CA GLY D 300 -24.26 -27.79 19.81
C GLY D 300 -24.54 -26.42 20.40
N LYS D 301 -24.53 -26.33 21.74
CA LYS D 301 -24.83 -25.06 22.40
C LYS D 301 -23.97 -23.87 21.91
N GLY D 302 -22.65 -24.07 21.82
CA GLY D 302 -21.77 -23.03 21.35
C GLY D 302 -22.00 -22.50 19.94
N THR D 303 -22.34 -23.42 19.03
CA THR D 303 -22.66 -23.10 17.64
C THR D 303 -23.94 -22.27 17.52
N ILE D 304 -24.98 -22.73 18.20
CA ILE D 304 -26.25 -22.00 18.31
C ILE D 304 -25.99 -20.60 18.88
N ALA D 305 -25.12 -20.57 19.90
CA ALA D 305 -24.80 -19.34 20.63
C ALA D 305 -24.07 -18.37 19.74
N ILE D 306 -22.99 -18.82 19.12
CA ILE D 306 -22.14 -17.92 18.33
C ILE D 306 -22.86 -17.43 17.05
N ALA D 307 -23.61 -18.30 16.40
CA ALA D 307 -24.36 -17.93 15.18
C ALA D 307 -25.37 -16.84 15.47
N THR D 308 -26.00 -16.93 16.66
CA THR D 308 -26.99 -15.96 17.14
C THR D 308 -26.31 -14.64 17.55
N ASN D 309 -25.28 -14.77 18.39
CA ASN D 309 -24.57 -13.65 18.99
C ASN D 309 -23.87 -12.78 17.95
N MET D 310 -23.43 -13.32 16.83
CA MET D 310 -22.82 -12.50 15.76
C MET D 310 -23.79 -11.72 14.89
N ILE D 311 -25.10 -11.91 15.07
CA ILE D 311 -26.12 -11.29 14.13
C ILE D 311 -25.99 -9.75 14.00
N PRO D 312 -26.07 -9.01 15.14
CA PRO D 312 -25.99 -7.55 15.04
C PRO D 312 -24.74 -7.05 14.31
N SER D 313 -23.56 -7.60 14.65
CA SER D 313 -22.29 -7.16 14.01
C SER D 313 -22.20 -7.47 12.49
N VAL D 314 -22.84 -8.56 12.05
CA VAL D 314 -22.91 -8.86 10.62
C VAL D 314 -23.84 -7.86 9.91
N VAL D 315 -24.96 -7.53 10.51
CA VAL D 315 -25.86 -6.56 9.91
C VAL D 315 -25.14 -5.21 9.87
N GLU D 316 -24.42 -4.91 10.92
CA GLU D 316 -23.79 -3.60 11.00
C GLU D 316 -22.49 -3.47 10.20
N ALA D 317 -21.93 -4.57 9.70
CA ALA D 317 -20.58 -4.53 9.14
C ALA D 317 -20.54 -3.93 7.73
N ARG D 318 -19.33 -3.64 7.28
CA ARG D 318 -19.02 -3.32 5.89
C ARG D 318 -19.47 -4.44 4.94
N PRO D 319 -19.92 -4.05 3.73
CA PRO D 319 -20.33 -5.06 2.74
C PRO D 319 -19.21 -6.05 2.36
N GLY D 320 -19.56 -7.30 2.06
CA GLY D 320 -18.58 -8.30 1.55
C GLY D 320 -18.63 -9.65 2.27
N LEU D 321 -17.69 -10.51 1.91
CA LEU D 321 -17.48 -11.77 2.61
C LEU D 321 -16.55 -11.47 3.77
N LEU D 322 -17.07 -11.54 4.97
CA LEU D 322 -16.30 -11.36 6.19
C LEU D 322 -15.86 -12.69 6.79
N THR D 323 -14.93 -12.61 7.74
CA THR D 323 -14.59 -13.72 8.61
C THR D 323 -14.62 -13.24 10.06
N MET D 324 -14.49 -14.18 10.99
CA MET D 324 -14.52 -13.79 12.40
C MET D 324 -13.43 -12.78 12.75
N VAL D 325 -12.29 -12.84 12.06
CA VAL D 325 -11.16 -11.93 12.29
C VAL D 325 -11.43 -10.48 11.86
N ASP D 326 -12.44 -10.24 11.04
CA ASP D 326 -12.81 -8.88 10.63
C ASP D 326 -13.82 -8.21 11.56
N LEU D 327 -14.49 -8.99 12.39
CA LEU D 327 -15.59 -8.48 13.14
C LEU D 327 -15.16 -8.21 14.57
N PRO D 328 -15.96 -7.45 15.34
CA PRO D 328 -15.63 -7.23 16.74
C PRO D 328 -15.70 -8.50 17.56
N ILE D 329 -15.27 -8.41 18.81
CA ILE D 329 -15.13 -9.60 19.64
C ILE D 329 -16.55 -10.24 19.84
N PRO D 330 -16.63 -11.57 19.82
CA PRO D 330 -17.90 -12.23 20.17
C PRO D 330 -18.42 -11.83 21.58
N ARG D 331 -19.74 -11.74 21.79
CA ARG D 331 -20.29 -11.57 23.16
C ARG D 331 -21.71 -12.18 23.27
N ALA D 332 -22.14 -12.54 24.48
CA ALA D 332 -23.50 -13.05 24.66
C ALA D 332 -24.51 -11.91 24.58
N LEU D 333 -25.48 -12.00 23.64
CA LEU D 333 -26.59 -11.05 23.56
C LEU D 333 -27.57 -11.25 24.74
N LEU D 334 -28.12 -10.11 25.17
CA LEU D 334 -28.97 -10.06 26.35
C LEU D 334 -30.30 -10.77 26.08
N ALA D 335 -30.73 -11.60 27.03
CA ALA D 335 -32.00 -12.32 26.92
C ALA D 335 -33.19 -11.43 27.32
PA NAD E . -9.51 29.89 -31.10
O1A NAD E . -10.24 30.86 -30.28
O2A NAD E . -8.87 30.33 -32.34
O5B NAD E . -10.34 28.64 -31.47
C5B NAD E . -11.52 28.23 -30.79
C4B NAD E . -12.42 27.67 -31.85
O4B NAD E . -13.38 26.80 -31.24
C3B NAD E . -13.24 28.74 -32.59
O3B NAD E . -13.43 28.39 -33.95
C2B NAD E . -14.48 28.79 -31.70
O2B NAD E . -15.58 29.33 -32.36
C1B NAD E . -14.67 27.30 -31.45
N9A NAD E . -15.50 26.97 -30.30
C8A NAD E . -15.48 27.54 -29.06
N7A NAD E . -16.36 27.03 -28.25
C5A NAD E . -17.00 26.06 -29.00
C6A NAD E . -18.04 25.17 -28.71
N6A NAD E . -18.64 25.10 -27.53
N1A NAD E . -18.44 24.34 -29.68
C2A NAD E . -17.83 24.40 -30.86
N3A NAD E . -16.87 25.20 -31.25
C4A NAD E . -16.48 26.02 -30.26
O3 NAD E . -8.47 29.20 -30.17
PN NAD E . -7.28 28.25 -30.54
O1N NAD E . -6.10 29.08 -30.31
O2N NAD E . -7.50 27.57 -31.82
O5D NAD E . -7.49 27.22 -29.41
C5D NAD E . -7.21 27.88 -28.25
C4D NAD E . -7.81 27.16 -27.11
O4D NAD E . -6.83 26.21 -26.66
C3D NAD E . -7.94 28.14 -25.96
O3D NAD E . -8.79 27.62 -24.95
C2D NAD E . -6.47 28.27 -25.63
O2D NAD E . -6.38 28.83 -24.34
C1D NAD E . -6.04 26.80 -25.66
N1N NAD E . -4.58 26.57 -25.92
C2N NAD E . -3.85 25.90 -25.00
C3N NAD E . -2.52 25.62 -25.23
C7N NAD E . -1.80 24.68 -24.29
O7N NAD E . -0.62 24.85 -24.08
N7N NAD E . -2.46 23.70 -23.75
C4N NAD E . -1.88 26.24 -26.30
C5N NAD E . -2.64 26.84 -27.25
C6N NAD E . -3.98 27.03 -27.04
P PO4 F . 3.41 29.63 -24.65
O1 PO4 F . 2.95 30.99 -24.62
O2 PO4 F . 4.52 29.49 -23.82
O3 PO4 F . 3.75 29.29 -26.01
O4 PO4 F . 2.37 28.78 -24.18
PA NAD G . 32.79 -2.51 -13.39
O1A NAD G . 33.88 -3.18 -14.08
O2A NAD G . 33.13 -1.47 -12.42
O5B NAD G . 31.85 -3.53 -12.66
C5B NAD G . 31.31 -4.74 -13.19
C4B NAD G . 31.05 -5.64 -12.01
O4B NAD G . 30.36 -6.85 -12.39
C3B NAD G . 32.29 -6.11 -11.26
O3B NAD G . 32.04 -5.92 -9.89
C2B NAD G . 32.46 -7.53 -11.80
O2B NAD G . 33.26 -8.39 -11.01
C1B NAD G . 31.01 -7.97 -11.84
N9A NAD G . 30.71 -9.11 -12.69
C8A NAD G . 31.04 -9.21 -14.01
N7A NAD G . 30.57 -10.27 -14.59
C5A NAD G . 29.86 -10.89 -13.60
C6A NAD G . 29.10 -12.08 -13.59
N6A NAD G . 28.90 -12.83 -14.67
N1A NAD G . 28.49 -12.42 -12.46
C2A NAD G . 28.69 -11.67 -11.38
N3A NAD G . 29.35 -10.54 -11.28
C4A NAD G . 29.94 -10.20 -12.43
O3 NAD G . 31.88 -1.88 -14.51
PN NAD G . 30.74 -0.78 -14.60
O1N NAD G . 31.34 0.50 -14.93
O2N NAD G . 29.98 -0.92 -13.37
O5D NAD G . 29.91 -1.31 -15.82
C5D NAD G . 28.93 -2.32 -15.67
C4D NAD G . 28.35 -2.61 -17.03
O4D NAD G . 27.32 -1.66 -17.37
C3D NAD G . 29.34 -2.58 -18.19
O3D NAD G . 29.06 -3.68 -19.04
C2D NAD G . 29.08 -1.18 -18.74
O2D NAD G . 29.48 -0.97 -20.08
C1D NAD G . 27.60 -1.00 -18.56
N1N NAD G . 27.20 0.43 -18.43
C2N NAD G . 26.13 0.90 -19.13
C3N NAD G . 25.87 2.25 -19.17
C7N NAD G . 24.76 2.77 -20.05
O7N NAD G . 24.61 3.97 -20.18
N7N NAD G . 23.97 1.90 -20.63
C4N NAD G . 26.64 3.11 -18.40
C5N NAD G . 27.63 2.61 -17.60
C6N NAD G . 27.91 1.27 -17.66
PA NAD H . 7.12 3.81 34.74
O1A NAD H . 7.05 4.49 36.02
O2A NAD H . 8.20 2.84 34.47
O5B NAD H . 7.15 4.85 33.58
C5B NAD H . 6.36 6.03 33.41
C4B NAD H . 7.15 6.97 32.53
O4B NAD H . 6.37 8.09 32.07
C3B NAD H . 8.41 7.55 33.14
O3B NAD H . 9.39 7.33 32.15
C2B NAD H . 8.01 9.01 33.43
O2B NAD H . 9.07 9.93 33.52
C1B NAD H . 7.07 9.28 32.28
N9A NAD H . 6.07 10.32 32.51
C8A NAD H . 5.14 10.35 33.50
N7A NAD H . 4.32 11.34 33.41
C5A NAD H . 4.71 12.01 32.27
C6A NAD H . 4.23 13.16 31.62
N6A NAD H . 3.17 13.84 32.03
N1A NAD H . 4.85 13.53 30.49
C2A NAD H . 5.90 12.84 30.07
N3A NAD H . 6.44 11.76 30.60
C4A NAD H . 5.80 11.39 31.71
O3 NAD H . 5.73 3.09 34.54
PN NAD H . 5.09 1.93 33.68
O1N NAD H . 5.28 0.72 34.47
O2N NAD H . 5.65 2.05 32.34
O5D NAD H . 3.58 2.32 33.69
C5D NAD H . 2.99 3.26 32.79
C4D NAD H . 1.53 3.48 33.12
O4D NAD H . 0.69 2.51 32.47
C3D NAD H . 1.17 3.41 34.60
O3D NAD H . 0.20 4.40 34.89
C2D NAD H . 0.68 1.97 34.70
O2D NAD H . -0.16 1.73 35.80
C1D NAD H . -0.05 1.76 33.39
N1N NAD H . -0.07 0.32 32.99
C2N NAD H . -1.20 -0.23 32.51
C3N NAD H . -1.32 -1.59 32.40
C7N NAD H . -2.62 -2.19 31.93
O7N NAD H . -2.71 -3.40 31.80
N7N NAD H . -3.61 -1.38 31.64
C4N NAD H . -0.24 -2.36 32.72
C5N NAD H . 0.97 -1.77 32.91
C6N NAD H . 1.03 -0.42 33.13
PA NAD I . -29.40 -31.25 10.43
O1A NAD I . -29.26 -32.28 9.41
O2A NAD I . -29.95 -31.62 11.72
O5B NAD I . -30.23 -30.02 9.92
C5B NAD I . -30.19 -29.52 8.58
C4B NAD I . -31.58 -29.08 8.20
O4B NAD I . -31.53 -28.34 6.96
C3B NAD I . -32.57 -30.24 7.98
O3B NAD I . -33.73 -30.07 8.77
C2B NAD I . -32.69 -30.31 6.45
O2B NAD I . -33.91 -30.81 5.96
C1B NAD I . -32.46 -28.87 6.05
N9A NAD I . -31.94 -28.68 4.69
C8A NAD I . -30.84 -29.27 4.15
N7A NAD I . -30.60 -28.90 2.92
C5A NAD I . -31.61 -28.00 2.64
C6A NAD I . -31.92 -27.24 1.49
N6A NAD I . -31.23 -27.24 0.37
N1A NAD I . -33.00 -26.44 1.56
C2A NAD I . -33.70 -26.42 2.69
N3A NAD I . -33.51 -27.08 3.82
C4A NAD I . -32.44 -27.87 3.72
O3 NAD I . -27.97 -30.62 10.62
PN NAD I . -27.36 -29.61 11.66
O1N NAD I . -26.82 -30.45 12.72
O2N NAD I . -28.36 -28.57 11.97
O5D NAD I . -26.18 -29.02 10.86
C5D NAD I . -26.31 -27.87 10.08
C4D NAD I . -25.04 -27.75 9.29
O4D NAD I . -24.10 -27.01 10.08
C3D NAD I . -24.38 -29.07 8.93
O3D NAD I . -23.90 -29.07 7.61
C2D NAD I . -23.23 -29.13 9.94
O2D NAD I . -22.12 -29.86 9.47
C1D NAD I . -22.89 -27.67 10.16
N1N NAD I . -22.34 -27.43 11.51
C2N NAD I . -21.27 -26.62 11.64
C3N NAD I . -20.70 -26.42 12.88
C7N NAD I . -19.50 -25.54 13.01
O7N NAD I . -18.84 -25.63 14.03
N7N NAD I . -19.18 -24.72 12.05
C4N NAD I . -21.26 -27.06 13.98
C5N NAD I . -22.42 -27.76 13.84
C6N NAD I . -22.89 -28.00 12.57
P PO4 J . -17.24 -29.93 17.40
O1 PO4 J . -15.95 -29.37 17.35
O2 PO4 J . -18.06 -29.26 16.41
O3 PO4 J . -17.83 -29.77 18.70
O4 PO4 J . -17.15 -31.36 17.09
#